data_8CFI
#
_entry.id   8CFI
#
_cell.length_a   176.420
_cell.length_b   104.110
_cell.length_c   107.880
_cell.angle_alpha   90.00
_cell.angle_beta   100.21
_cell.angle_gamma   90.00
#
_symmetry.space_group_name_H-M   'C 1 2 1'
#
loop_
_entity.id
_entity.type
_entity.pdbx_description
1 polymer Adenosylhomocysteinase
2 non-polymer NICOTINAMIDE-ADENINE-DINUCLEOTIDE
3 non-polymer ADENINE
4 non-polymer 2-fluoranyl-~{N}-(furan-2-ylmethyl)benzenesulfonamide
5 non-polymer 'POTASSIUM ION'
6 non-polymer 'PHOSPHATE ION'
7 non-polymer 'DIMETHYL SULFOXIDE'
8 water water
#
_entity_poly.entity_id   1
_entity_poly.type   'polypeptide(L)'
_entity_poly.pdbx_seq_one_letter_code
;SNAMSAVMTPAGFTDYKVADITLAAWGRRELIIAESEMPALMGLRRKYAGQQPLKGAKILGCIHMTIQTGVLIETLVALG
AEVRWSSCNIFSTQDQAAAAIAAAGIPVFAWKGETEEEYEWCIEQTILKDGQPWDANMVLDDGGDLTEILHKKYPQMLER
IHGITEETTTGVHRLLDMLKNGTLKVPAINVNDSVTKSKNDNKYGCRHSLNDAIKRGTDHLLSGKQALVIGYGDVGKGSS
QSLRQEGMIVKVAEVDPICAMQACMDGFEVVSPYKNGINDGTEASIDAALLGKIDLIVTTTGNVNVCDANMLKALKKRAV
VCNIGHFDNEIDTAFMRKNWAWEEVKPQVHKIHRTGKDGFDAHNDDYLILLAEGRLVNLGNATGHPSRIMDGSFANQVLA
QIHLFEQKYADLPAAEKAKRLSVEVLPKKLDEEVALEMVKGFGGVVTQLTPKQAEYIGVSVEGPFKPDTYRY
;
_entity_poly.pdbx_strand_id   A,B,C,D
#
loop_
_chem_comp.id
_chem_comp.type
_chem_comp.name
_chem_comp.formula
ADE non-polymer ADENINE 'C5 H5 N5'
DMS non-polymer 'DIMETHYL SULFOXIDE' 'C2 H6 O S'
K non-polymer 'POTASSIUM ION' 'K 1'
NAD non-polymer NICOTINAMIDE-ADENINE-DINUCLEOTIDE 'C21 H27 N7 O14 P2'
PO4 non-polymer 'PHOSPHATE ION' 'O4 P -3'
SYJ non-polymer 2-fluoranyl-~{N}-(furan-2-ylmethyl)benzenesulfonamide 'C11 H10 F N O3 S'
#
# COMPACT_ATOMS: atom_id res chain seq x y z
N ALA A 11 -31.98 -42.46 5.59
CA ALA A 11 -32.93 -43.43 5.08
C ALA A 11 -34.20 -42.75 4.58
N GLY A 12 -34.32 -42.61 3.27
CA GLY A 12 -35.54 -42.09 2.67
C GLY A 12 -35.82 -40.63 2.93
N PHE A 13 -34.79 -39.80 3.06
CA PHE A 13 -34.98 -38.37 3.22
C PHE A 13 -35.02 -37.71 1.85
N THR A 14 -36.17 -37.14 1.49
CA THR A 14 -36.37 -36.52 0.20
C THR A 14 -36.78 -35.06 0.28
N ASP A 15 -36.84 -34.48 1.47
CA ASP A 15 -37.37 -33.12 1.66
C ASP A 15 -36.27 -32.09 1.37
N TYR A 16 -35.85 -32.06 0.11
CA TYR A 16 -34.84 -31.11 -0.33
C TYR A 16 -34.88 -31.00 -1.85
N LYS A 17 -34.12 -30.05 -2.37
CA LYS A 17 -33.97 -29.87 -3.81
C LYS A 17 -32.65 -29.17 -4.05
N VAL A 18 -31.66 -29.91 -4.56
CA VAL A 18 -30.34 -29.37 -4.86
C VAL A 18 -29.95 -29.78 -6.27
N ALA A 19 -28.81 -29.26 -6.72
CA ALA A 19 -28.35 -29.52 -8.07
C ALA A 19 -27.91 -30.97 -8.22
N ASP A 20 -27.07 -31.46 -7.30
CA ASP A 20 -26.45 -32.78 -7.44
C ASP A 20 -26.10 -33.28 -6.05
N ILE A 21 -26.83 -34.29 -5.57
CA ILE A 21 -26.62 -34.81 -4.24
C ILE A 21 -25.27 -35.50 -4.09
N THR A 22 -24.68 -35.95 -5.20
CA THR A 22 -23.39 -36.63 -5.14
C THR A 22 -22.23 -35.68 -4.84
N LEU A 23 -22.49 -34.38 -4.78
CA LEU A 23 -21.48 -33.42 -4.35
C LEU A 23 -21.35 -33.33 -2.84
N ALA A 24 -22.07 -34.17 -2.09
CA ALA A 24 -22.11 -34.06 -0.65
C ALA A 24 -20.76 -34.34 -0.01
N ALA A 25 -20.06 -35.39 -0.47
CA ALA A 25 -18.76 -35.72 0.09
C ALA A 25 -17.78 -34.57 -0.10
N TRP A 26 -17.78 -33.97 -1.29
CA TRP A 26 -16.93 -32.81 -1.55
C TRP A 26 -17.31 -31.66 -0.63
N GLY A 27 -18.61 -31.38 -0.49
CA GLY A 27 -19.04 -30.31 0.38
C GLY A 27 -18.69 -30.54 1.83
N ARG A 28 -18.78 -31.80 2.28
CA ARG A 28 -18.42 -32.12 3.65
C ARG A 28 -16.93 -31.88 3.90
N ARG A 29 -16.08 -32.23 2.95
CA ARG A 29 -14.65 -31.99 3.10
C ARG A 29 -14.36 -30.50 3.26
N GLU A 30 -15.04 -29.65 2.48
CA GLU A 30 -14.80 -28.21 2.59
C GLU A 30 -15.44 -27.64 3.84
N LEU A 31 -16.57 -28.20 4.29
CA LEU A 31 -17.17 -27.79 5.56
C LEU A 31 -16.22 -28.06 6.72
N ILE A 32 -15.53 -29.20 6.70
CA ILE A 32 -14.58 -29.51 7.76
C ILE A 32 -13.42 -28.51 7.74
N ILE A 33 -12.98 -28.11 6.55
CA ILE A 33 -11.94 -27.08 6.45
C ILE A 33 -12.47 -25.76 6.99
N ALA A 34 -13.67 -25.36 6.56
CA ALA A 34 -14.23 -24.08 6.97
C ALA A 34 -14.39 -23.99 8.49
N GLU A 35 -14.72 -25.11 9.14
CA GLU A 35 -14.85 -25.10 10.59
C GLU A 35 -13.57 -24.66 11.26
N SER A 36 -12.42 -25.08 10.72
CA SER A 36 -11.14 -24.65 11.28
C SER A 36 -10.84 -23.18 10.99
N GLU A 37 -11.58 -22.55 10.09
CA GLU A 37 -11.40 -21.13 9.79
C GLU A 37 -12.42 -20.24 10.49
N MET A 38 -13.33 -20.81 11.28
CA MET A 38 -14.40 -20.06 11.91
C MET A 38 -14.41 -20.33 13.41
N PRO A 39 -13.42 -19.81 14.14
CA PRO A 39 -13.32 -20.13 15.58
C PRO A 39 -14.43 -19.52 16.42
N ALA A 40 -14.90 -18.32 16.09
CA ALA A 40 -15.99 -17.71 16.87
C ALA A 40 -17.26 -18.54 16.75
N LEU A 41 -17.56 -19.02 15.55
CA LEU A 41 -18.77 -19.81 15.35
C LEU A 41 -18.63 -21.18 16.00
N MET A 42 -17.48 -21.84 15.82
N MET A 42 -17.48 -21.83 15.87
CA MET A 42 -17.22 -23.12 16.47
CA MET A 42 -17.30 -23.13 16.48
C MET A 42 -17.29 -22.98 17.98
C MET A 42 -17.20 -23.04 18.00
N GLY A 43 -16.71 -21.91 18.53
CA GLY A 43 -16.73 -21.72 19.97
C GLY A 43 -18.15 -21.59 20.51
N LEU A 44 -19.02 -20.91 19.75
CA LEU A 44 -20.44 -20.89 20.10
C LEU A 44 -21.02 -22.30 20.09
N ARG A 45 -20.65 -23.10 19.09
CA ARG A 45 -21.16 -24.46 19.02
C ARG A 45 -20.67 -25.32 20.19
N ARG A 46 -19.44 -25.08 20.65
CA ARG A 46 -18.93 -25.81 21.81
C ARG A 46 -19.53 -25.30 23.11
N LYS A 47 -19.77 -23.99 23.22
CA LYS A 47 -20.26 -23.43 24.48
C LYS A 47 -21.71 -23.83 24.72
N TYR A 48 -22.54 -23.83 23.68
CA TYR A 48 -23.98 -23.95 23.85
C TYR A 48 -24.54 -25.32 23.47
N ALA A 49 -23.69 -26.28 23.12
CA ALA A 49 -24.19 -27.58 22.70
C ALA A 49 -24.98 -28.28 23.80
N GLY A 50 -24.42 -28.31 25.01
CA GLY A 50 -25.08 -29.01 26.10
C GLY A 50 -26.34 -28.31 26.59
N GLN A 51 -26.39 -26.98 26.48
CA GLN A 51 -27.55 -26.22 26.93
CA GLN A 51 -27.56 -26.25 26.94
C GLN A 51 -28.71 -26.28 25.94
N GLN A 52 -28.43 -26.53 24.67
CA GLN A 52 -29.44 -26.58 23.62
C GLN A 52 -30.37 -25.36 23.67
N PRO A 53 -29.82 -24.14 23.57
CA PRO A 53 -30.67 -22.95 23.73
C PRO A 53 -31.66 -22.75 22.60
N LEU A 54 -31.47 -23.41 21.46
CA LEU A 54 -32.42 -23.35 20.36
C LEU A 54 -33.30 -24.59 20.28
N LYS A 55 -33.41 -25.34 21.37
CA LYS A 55 -34.32 -26.48 21.40
C LYS A 55 -35.75 -25.99 21.27
N GLY A 56 -36.43 -26.44 20.21
CA GLY A 56 -37.77 -25.99 19.92
C GLY A 56 -37.84 -24.88 18.89
N ALA A 57 -36.71 -24.28 18.55
CA ALA A 57 -36.70 -23.26 17.50
C ALA A 57 -36.88 -23.90 16.14
N LYS A 58 -37.76 -23.31 15.34
CA LYS A 58 -37.97 -23.73 13.96
C LYS A 58 -37.69 -22.51 13.08
N ILE A 59 -36.53 -22.52 12.42
CA ILE A 59 -35.96 -21.34 11.78
C ILE A 59 -36.14 -21.44 10.28
N LEU A 60 -36.84 -20.45 9.71
CA LEU A 60 -36.84 -20.23 8.26
C LEU A 60 -35.61 -19.42 7.90
N GLY A 61 -34.74 -20.01 7.08
CA GLY A 61 -33.48 -19.38 6.70
C GLY A 61 -33.46 -19.10 5.21
N CYS A 62 -33.04 -17.88 4.87
CA CYS A 62 -32.89 -17.46 3.47
C CYS A 62 -31.61 -16.63 3.39
N ILE A 63 -30.52 -17.26 2.94
CA ILE A 63 -29.23 -16.61 2.80
C ILE A 63 -28.38 -17.50 1.89
N HIS A 64 -27.45 -16.87 1.16
CA HIS A 64 -26.58 -17.54 0.20
C HIS A 64 -26.12 -18.90 0.71
N MET A 65 -26.50 -19.97 0.00
CA MET A 65 -26.21 -21.33 0.43
C MET A 65 -24.75 -21.67 0.09
N THR A 66 -23.85 -21.04 0.84
CA THR A 66 -22.42 -21.24 0.69
C THR A 66 -21.90 -22.25 1.71
N ILE A 67 -20.63 -22.62 1.55
CA ILE A 67 -19.96 -23.43 2.57
C ILE A 67 -20.06 -22.75 3.93
N GLN A 68 -19.91 -21.42 3.95
CA GLN A 68 -19.95 -20.68 5.21
C GLN A 68 -21.35 -20.76 5.83
N THR A 69 -22.40 -20.60 5.01
CA THR A 69 -23.75 -20.74 5.52
C THR A 69 -23.98 -22.14 6.07
N GLY A 70 -23.39 -23.15 5.44
CA GLY A 70 -23.50 -24.51 5.93
C GLY A 70 -23.00 -24.66 7.35
N VAL A 71 -21.86 -24.02 7.66
CA VAL A 71 -21.35 -24.06 9.02
C VAL A 71 -22.30 -23.33 9.96
N LEU A 72 -22.93 -22.25 9.49
CA LEU A 72 -23.95 -21.57 10.29
C LEU A 72 -25.15 -22.48 10.51
N ILE A 73 -25.63 -23.12 9.43
CA ILE A 73 -26.80 -23.99 9.54
C ILE A 73 -26.55 -25.10 10.55
N GLU A 74 -25.42 -25.80 10.42
CA GLU A 74 -25.13 -26.91 11.32
C GLU A 74 -24.80 -26.43 12.73
N THR A 75 -24.50 -25.14 12.91
CA THR A 75 -24.36 -24.61 14.26
C THR A 75 -25.73 -24.42 14.91
N LEU A 76 -26.68 -23.86 14.17
CA LEU A 76 -28.04 -23.74 14.65
C LEU A 76 -28.63 -25.10 14.98
N VAL A 77 -28.43 -26.09 14.09
CA VAL A 77 -28.95 -27.43 14.34
C VAL A 77 -28.25 -28.07 15.54
N ALA A 78 -26.94 -27.83 15.67
CA ALA A 78 -26.21 -28.36 16.82
C ALA A 78 -26.70 -27.76 18.13
N LEU A 79 -27.24 -26.54 18.08
CA LEU A 79 -27.79 -25.91 19.27
C LEU A 79 -29.25 -26.28 19.51
N GLY A 80 -29.83 -27.15 18.69
CA GLY A 80 -31.15 -27.70 18.96
C GLY A 80 -32.26 -27.24 18.04
N ALA A 81 -31.96 -26.45 17.01
CA ALA A 81 -32.99 -25.91 16.14
C ALA A 81 -33.27 -26.84 14.97
N GLU A 82 -34.49 -26.74 14.46
CA GLU A 82 -34.85 -27.27 13.14
C GLU A 82 -34.91 -26.10 12.17
N VAL A 83 -34.45 -26.34 10.93
CA VAL A 83 -34.40 -25.29 9.92
C VAL A 83 -34.93 -25.81 8.60
N ARG A 84 -35.38 -24.88 7.76
CA ARG A 84 -35.67 -25.12 6.36
C ARG A 84 -35.08 -23.96 5.59
N TRP A 85 -34.24 -24.26 4.59
CA TRP A 85 -33.32 -23.27 4.07
C TRP A 85 -33.47 -23.05 2.57
N SER A 86 -33.17 -21.82 2.15
CA SER A 86 -33.05 -21.45 0.75
C SER A 86 -31.98 -20.38 0.63
N SER A 87 -31.54 -20.13 -0.59
CA SER A 87 -30.61 -19.05 -0.84
C SER A 87 -31.36 -17.75 -1.09
N CYS A 88 -30.70 -16.63 -0.82
CA CYS A 88 -31.29 -15.32 -1.05
C CYS A 88 -30.81 -14.70 -2.36
N ASN A 89 -30.21 -15.50 -3.24
CA ASN A 89 -29.76 -15.03 -4.54
C ASN A 89 -29.70 -16.23 -5.48
N ILE A 90 -29.99 -15.97 -6.77
CA ILE A 90 -30.08 -17.07 -7.73
C ILE A 90 -28.72 -17.63 -8.12
N PHE A 91 -27.64 -16.90 -7.87
CA PHE A 91 -26.31 -17.30 -8.32
C PHE A 91 -25.32 -17.59 -7.18
N SER A 92 -25.73 -17.45 -5.93
CA SER A 92 -24.77 -17.47 -4.83
C SER A 92 -24.59 -18.85 -4.20
N THR A 93 -25.43 -19.82 -4.53
CA THR A 93 -25.32 -21.15 -3.93
C THR A 93 -24.06 -21.86 -4.41
N GLN A 94 -23.37 -22.51 -3.49
CA GLN A 94 -22.32 -23.48 -3.81
C GLN A 94 -22.98 -24.86 -3.77
N ASP A 95 -23.04 -25.52 -4.94
CA ASP A 95 -23.82 -26.75 -5.04
C ASP A 95 -23.26 -27.85 -4.13
N GLN A 96 -21.94 -27.87 -3.91
CA GLN A 96 -21.39 -28.86 -2.99
C GLN A 96 -21.81 -28.56 -1.56
N ALA A 97 -22.03 -27.30 -1.22
CA ALA A 97 -22.49 -26.97 0.12
C ALA A 97 -23.95 -27.34 0.31
N ALA A 98 -24.79 -27.06 -0.69
CA ALA A 98 -26.20 -27.44 -0.61
C ALA A 98 -26.33 -28.95 -0.53
N ALA A 99 -25.51 -29.69 -1.28
CA ALA A 99 -25.56 -31.15 -1.26
C ALA A 99 -25.18 -31.69 0.11
N ALA A 100 -24.10 -31.17 0.70
CA ALA A 100 -23.67 -31.65 2.01
C ALA A 100 -24.75 -31.41 3.06
N ILE A 101 -25.41 -30.25 2.99
CA ILE A 101 -26.48 -29.96 3.95
C ILE A 101 -27.67 -30.89 3.73
N ALA A 102 -28.03 -31.12 2.47
CA ALA A 102 -29.14 -32.02 2.17
C ALA A 102 -28.84 -33.44 2.65
N ALA A 103 -27.65 -33.94 2.34
CA ALA A 103 -27.29 -35.29 2.75
C ALA A 103 -27.26 -35.44 4.27
N ALA A 104 -27.10 -34.34 5.01
CA ALA A 104 -27.18 -34.37 6.46
C ALA A 104 -28.61 -34.46 6.97
N GLY A 105 -29.60 -34.52 6.08
CA GLY A 105 -30.98 -34.60 6.50
C GLY A 105 -31.61 -33.27 6.84
N ILE A 106 -31.13 -32.19 6.25
CA ILE A 106 -31.61 -30.84 6.55
C ILE A 106 -32.32 -30.32 5.30
N PRO A 107 -33.59 -29.92 5.41
CA PRO A 107 -34.30 -29.40 4.22
C PRO A 107 -33.64 -28.14 3.68
N VAL A 108 -33.15 -28.24 2.45
CA VAL A 108 -32.52 -27.13 1.76
C VAL A 108 -32.99 -27.13 0.31
N PHE A 109 -33.33 -25.95 -0.21
CA PHE A 109 -33.82 -25.77 -1.57
C PHE A 109 -33.01 -24.64 -2.19
N ALA A 110 -31.92 -25.00 -2.88
CA ALA A 110 -30.99 -24.02 -3.43
C ALA A 110 -30.01 -24.64 -4.42
N TRP A 111 -29.80 -23.99 -5.55
CA TRP A 111 -28.75 -24.37 -6.48
C TRP A 111 -28.26 -23.13 -7.22
N LYS A 112 -27.05 -23.23 -7.76
CA LYS A 112 -26.47 -22.11 -8.48
C LYS A 112 -27.10 -21.99 -9.86
N GLY A 113 -27.62 -20.82 -10.18
CA GLY A 113 -28.24 -20.60 -11.46
C GLY A 113 -29.74 -20.83 -11.50
N GLU A 114 -30.44 -20.51 -10.42
CA GLU A 114 -31.89 -20.60 -10.41
C GLU A 114 -32.50 -19.54 -11.32
N THR A 115 -33.68 -19.84 -11.86
CA THR A 115 -34.49 -18.80 -12.45
C THR A 115 -35.22 -18.03 -11.35
N GLU A 116 -35.86 -16.92 -11.72
CA GLU A 116 -36.63 -16.17 -10.75
C GLU A 116 -37.77 -17.02 -10.19
N GLU A 117 -38.46 -17.76 -11.04
CA GLU A 117 -39.54 -18.62 -10.58
C GLU A 117 -39.02 -19.71 -9.65
N GLU A 118 -37.91 -20.35 -10.03
CA GLU A 118 -37.30 -21.34 -9.15
C GLU A 118 -36.86 -20.72 -7.84
N TYR A 119 -36.41 -19.45 -7.88
CA TYR A 119 -36.02 -18.76 -6.65
C TYR A 119 -37.20 -18.61 -5.71
N GLU A 120 -38.33 -18.11 -6.23
CA GLU A 120 -39.53 -17.99 -5.41
C GLU A 120 -39.99 -19.36 -4.91
N TRP A 121 -39.96 -20.37 -5.80
CA TRP A 121 -40.37 -21.71 -5.41
C TRP A 121 -39.56 -22.23 -4.24
N CYS A 122 -38.23 -22.01 -4.27
CA CYS A 122 -37.37 -22.50 -3.19
C CYS A 122 -37.76 -21.88 -1.85
N ILE A 123 -38.05 -20.57 -1.84
CA ILE A 123 -38.44 -19.92 -0.59
C ILE A 123 -39.73 -20.52 -0.06
N GLU A 124 -40.71 -20.74 -0.94
CA GLU A 124 -41.98 -21.30 -0.50
C GLU A 124 -41.83 -22.73 0.02
N GLN A 125 -40.83 -23.47 -0.48
CA GLN A 125 -40.62 -24.83 0.02
C GLN A 125 -40.14 -24.83 1.46
N THR A 126 -39.49 -23.75 1.91
CA THR A 126 -39.14 -23.64 3.32
C THR A 126 -40.36 -23.25 4.15
N ILE A 127 -41.17 -22.33 3.62
CA ILE A 127 -42.38 -21.89 4.31
C ILE A 127 -43.38 -23.03 4.45
N LEU A 128 -43.55 -23.82 3.39
CA LEU A 128 -44.52 -24.90 3.37
C LEU A 128 -43.85 -26.23 3.64
N LYS A 129 -44.51 -27.07 4.44
CA LYS A 129 -44.10 -28.46 4.63
C LYS A 129 -45.30 -29.35 4.35
N ASP A 130 -45.16 -30.19 3.32
CA ASP A 130 -46.24 -31.08 2.89
C ASP A 130 -47.50 -30.29 2.53
N GLY A 131 -47.31 -29.23 1.74
CA GLY A 131 -48.39 -28.42 1.24
C GLY A 131 -49.03 -27.48 2.24
N GLN A 132 -48.60 -27.50 3.49
CA GLN A 132 -49.15 -26.68 4.56
C GLN A 132 -48.06 -25.79 5.15
N PRO A 133 -48.43 -24.66 5.75
CA PRO A 133 -47.42 -23.82 6.40
C PRO A 133 -46.70 -24.57 7.52
N TRP A 134 -45.37 -24.50 7.48
CA TRP A 134 -44.57 -25.06 8.56
C TRP A 134 -44.87 -24.34 9.87
N ASP A 135 -44.64 -25.04 10.98
CA ASP A 135 -44.82 -24.44 12.30
C ASP A 135 -43.61 -23.60 12.68
N ALA A 136 -43.24 -22.66 11.82
CA ALA A 136 -42.05 -21.86 12.05
C ALA A 136 -42.24 -20.90 13.22
N ASN A 137 -41.13 -20.59 13.91
CA ASN A 137 -41.17 -19.60 14.97
C ASN A 137 -39.97 -18.66 14.96
N MET A 138 -39.04 -18.79 14.01
CA MET A 138 -37.92 -17.88 13.87
C MET A 138 -37.62 -17.70 12.40
N VAL A 139 -36.98 -16.57 12.08
CA VAL A 139 -36.64 -16.21 10.71
C VAL A 139 -35.22 -15.68 10.68
N LEU A 140 -34.40 -16.23 9.79
CA LEU A 140 -33.08 -15.69 9.48
C LEU A 140 -33.07 -15.30 8.00
N ASP A 141 -32.79 -14.02 7.73
CA ASP A 141 -32.97 -13.48 6.39
C ASP A 141 -31.75 -12.65 5.99
N ASP A 142 -31.52 -12.57 4.68
CA ASP A 142 -30.42 -11.80 4.10
C ASP A 142 -30.98 -11.07 2.88
N GLY A 143 -31.42 -9.83 3.10
CA GLY A 143 -31.95 -9.00 2.04
C GLY A 143 -33.42 -8.64 2.22
N GLY A 144 -34.17 -9.47 2.92
CA GLY A 144 -35.55 -9.17 3.25
C GLY A 144 -36.59 -9.81 2.35
N ASP A 145 -36.20 -10.66 1.41
CA ASP A 145 -37.17 -11.30 0.54
C ASP A 145 -38.09 -12.24 1.33
N LEU A 146 -37.50 -13.13 2.12
CA LEU A 146 -38.30 -14.03 2.94
C LEU A 146 -39.17 -13.26 3.93
N THR A 147 -38.60 -12.20 4.52
CA THR A 147 -39.38 -11.32 5.40
C THR A 147 -40.58 -10.74 4.66
N GLU A 148 -40.37 -10.29 3.42
CA GLU A 148 -41.44 -9.66 2.66
C GLU A 148 -42.52 -10.66 2.29
N ILE A 149 -42.13 -11.88 1.93
CA ILE A 149 -43.10 -12.90 1.54
C ILE A 149 -43.96 -13.31 2.73
N LEU A 150 -43.38 -13.35 3.93
CA LEU A 150 -44.14 -13.73 5.11
C LEU A 150 -45.18 -12.67 5.46
N HIS A 151 -44.79 -11.39 5.44
CA HIS A 151 -45.74 -10.33 5.79
C HIS A 151 -46.82 -10.19 4.73
N LYS A 152 -46.50 -10.45 3.47
CA LYS A 152 -47.44 -10.22 2.38
C LYS A 152 -48.33 -11.44 2.10
N LYS A 153 -47.75 -12.64 2.13
CA LYS A 153 -48.47 -13.83 1.70
C LYS A 153 -48.85 -14.78 2.84
N TYR A 154 -48.10 -14.80 3.93
CA TYR A 154 -48.35 -15.71 5.05
C TYR A 154 -48.37 -14.95 6.37
N PRO A 155 -49.21 -13.92 6.50
CA PRO A 155 -49.18 -13.13 7.75
C PRO A 155 -49.57 -13.92 8.97
N GLN A 156 -50.40 -14.96 8.82
CA GLN A 156 -50.79 -15.77 9.96
C GLN A 156 -49.60 -16.53 10.55
N MET A 157 -48.59 -16.84 9.72
CA MET A 157 -47.42 -17.54 10.24
C MET A 157 -46.61 -16.65 11.17
N LEU A 158 -46.60 -15.34 10.93
CA LEU A 158 -45.85 -14.43 11.78
C LEU A 158 -46.43 -14.34 13.19
N GLU A 159 -47.69 -14.74 13.37
CA GLU A 159 -48.28 -14.73 14.71
C GLU A 159 -47.56 -15.67 15.67
N ARG A 160 -46.87 -16.69 15.15
CA ARG A 160 -46.14 -17.64 15.97
C ARG A 160 -44.63 -17.46 15.88
N ILE A 161 -44.16 -16.41 15.20
CA ILE A 161 -42.73 -16.20 14.97
C ILE A 161 -42.22 -15.20 16.00
N HIS A 162 -41.12 -15.54 16.66
CA HIS A 162 -40.61 -14.71 17.75
C HIS A 162 -39.73 -13.56 17.28
N GLY A 163 -39.11 -13.66 16.11
CA GLY A 163 -38.24 -12.59 15.67
C GLY A 163 -37.59 -12.91 14.35
N ILE A 164 -36.92 -11.89 13.81
CA ILE A 164 -36.18 -11.96 12.56
C ILE A 164 -34.76 -11.48 12.83
N THR A 165 -33.77 -12.23 12.36
CA THR A 165 -32.37 -11.82 12.42
C THR A 165 -31.92 -11.54 10.99
N GLU A 166 -31.81 -10.25 10.65
CA GLU A 166 -31.54 -9.80 9.30
C GLU A 166 -30.06 -9.50 9.11
N GLU A 167 -29.48 -10.02 8.02
CA GLU A 167 -28.04 -10.04 7.79
C GLU A 167 -27.48 -8.74 7.21
N THR A 168 -28.15 -8.12 6.24
CA THR A 168 -27.48 -7.14 5.39
C THR A 168 -28.16 -5.77 5.45
N THR A 169 -27.45 -4.77 4.93
CA THR A 169 -27.89 -3.37 5.00
C THR A 169 -29.22 -3.16 4.28
N THR A 170 -29.36 -3.74 3.09
CA THR A 170 -30.61 -3.60 2.34
C THR A 170 -31.79 -4.18 3.11
N GLY A 171 -31.61 -5.35 3.73
CA GLY A 171 -32.69 -5.94 4.49
C GLY A 171 -33.06 -5.14 5.72
N VAL A 172 -32.05 -4.52 6.35
CA VAL A 172 -32.30 -3.70 7.53
C VAL A 172 -33.10 -2.46 7.16
N HIS A 173 -32.78 -1.86 6.01
CA HIS A 173 -33.56 -0.70 5.56
C HIS A 173 -35.02 -1.07 5.35
N ARG A 174 -35.27 -2.24 4.74
CA ARG A 174 -36.65 -2.69 4.56
C ARG A 174 -37.35 -2.95 5.88
N LEU A 175 -36.62 -3.41 6.91
CA LEU A 175 -37.22 -3.60 8.22
C LEU A 175 -37.65 -2.29 8.83
N LEU A 176 -36.81 -1.26 8.74
CA LEU A 176 -37.13 0.03 9.34
C LEU A 176 -38.24 0.75 8.57
N ASP A 177 -38.37 0.50 7.27
CA ASP A 177 -39.52 1.00 6.54
C ASP A 177 -40.82 0.42 7.08
N MET A 178 -40.83 -0.88 7.38
CA MET A 178 -42.02 -1.50 7.93
C MET A 178 -42.30 -1.00 9.35
N LEU A 179 -41.24 -0.77 10.13
CA LEU A 179 -41.43 -0.31 11.50
C LEU A 179 -42.06 1.08 11.54
N LYS A 180 -41.59 1.99 10.68
CA LYS A 180 -42.17 3.33 10.66
C LYS A 180 -43.59 3.31 10.11
N ASN A 181 -43.88 2.42 9.16
CA ASN A 181 -45.22 2.31 8.60
C ASN A 181 -46.16 1.47 9.47
N GLY A 182 -45.66 0.86 10.54
CA GLY A 182 -46.51 0.05 11.38
C GLY A 182 -46.91 -1.28 10.79
N THR A 183 -46.18 -1.77 9.80
CA THR A 183 -46.48 -3.06 9.18
C THR A 183 -45.57 -4.18 9.65
N LEU A 184 -44.54 -3.88 10.44
CA LEU A 184 -43.69 -4.93 10.99
C LEU A 184 -44.46 -5.73 12.03
N LYS A 185 -44.48 -7.06 11.86
CA LYS A 185 -45.28 -7.91 12.73
C LYS A 185 -44.49 -8.49 13.89
N VAL A 186 -43.18 -8.69 13.73
CA VAL A 186 -42.36 -9.31 14.76
C VAL A 186 -41.10 -8.48 14.96
N PRO A 187 -40.52 -8.48 16.15
CA PRO A 187 -39.28 -7.72 16.36
C PRO A 187 -38.13 -8.30 15.55
N ALA A 188 -37.10 -7.48 15.35
CA ALA A 188 -35.96 -7.90 14.57
C ALA A 188 -34.68 -7.45 15.27
N ILE A 189 -33.61 -8.22 15.04
CA ILE A 189 -32.27 -7.82 15.42
C ILE A 189 -31.50 -7.48 14.15
N ASN A 190 -30.93 -6.28 14.13
CA ASN A 190 -30.09 -5.81 13.03
C ASN A 190 -28.70 -6.40 13.22
N VAL A 191 -28.48 -7.59 12.63
CA VAL A 191 -27.17 -8.23 12.70
C VAL A 191 -26.12 -7.40 11.95
N ASN A 192 -26.53 -6.66 10.94
CA ASN A 192 -25.57 -5.97 10.07
C ASN A 192 -24.72 -4.99 10.86
N ASP A 193 -25.32 -4.29 11.82
CA ASP A 193 -24.65 -3.17 12.49
C ASP A 193 -23.83 -3.57 13.71
N SER A 194 -23.62 -4.87 13.93
CA SER A 194 -22.49 -5.26 14.76
C SER A 194 -21.21 -4.86 14.05
N VAL A 195 -20.20 -4.43 14.83
CA VAL A 195 -18.94 -4.05 14.20
C VAL A 195 -18.24 -5.27 13.63
N THR A 196 -18.32 -6.41 14.32
CA THR A 196 -17.77 -7.65 13.81
C THR A 196 -18.52 -8.17 12.59
N LYS A 197 -19.58 -7.48 12.17
CA LYS A 197 -20.23 -7.73 10.89
C LYS A 197 -20.00 -6.59 9.92
N SER A 198 -20.53 -5.40 10.22
CA SER A 198 -20.47 -4.28 9.28
C SER A 198 -19.04 -3.95 8.89
N LYS A 199 -18.18 -3.69 9.88
CA LYS A 199 -16.81 -3.27 9.61
C LYS A 199 -15.87 -4.45 9.40
N ASN A 200 -16.41 -5.60 9.00
CA ASN A 200 -15.63 -6.81 8.77
C ASN A 200 -16.14 -7.50 7.51
N ASP A 201 -17.39 -7.97 7.57
CA ASP A 201 -18.06 -8.56 6.42
C ASP A 201 -18.14 -7.56 5.27
N ASN A 202 -18.83 -6.43 5.50
CA ASN A 202 -19.17 -5.53 4.40
C ASN A 202 -17.92 -4.96 3.73
N LYS A 203 -16.89 -4.65 4.53
CA LYS A 203 -15.69 -3.98 3.99
C LYS A 203 -14.63 -5.01 3.59
N TYR A 204 -14.04 -5.68 4.58
CA TYR A 204 -12.93 -6.59 4.28
C TYR A 204 -13.38 -7.77 3.42
N GLY A 205 -14.62 -8.23 3.61
CA GLY A 205 -15.13 -9.31 2.76
C GLY A 205 -15.10 -8.93 1.29
N CYS A 206 -15.57 -7.72 0.97
CA CYS A 206 -15.54 -7.26 -0.41
C CYS A 206 -14.11 -7.02 -0.88
N ARG A 207 -13.23 -6.59 0.02
CA ARG A 207 -11.81 -6.45 -0.34
CA ARG A 207 -11.81 -6.45 -0.34
C ARG A 207 -11.24 -7.77 -0.83
N HIS A 208 -11.59 -8.87 -0.17
CA HIS A 208 -11.09 -10.18 -0.55
C HIS A 208 -11.77 -10.69 -1.82
N SER A 209 -13.10 -10.60 -1.89
CA SER A 209 -13.86 -11.32 -2.90
C SER A 209 -14.18 -10.52 -4.17
N LEU A 210 -14.02 -9.19 -4.17
CA LEU A 210 -14.36 -8.45 -5.38
C LEU A 210 -13.35 -8.73 -6.49
N ASN A 211 -12.05 -8.52 -6.23
CA ASN A 211 -11.06 -8.82 -7.25
CA ASN A 211 -11.05 -8.82 -7.24
C ASN A 211 -11.01 -10.31 -7.56
N ASP A 212 -11.35 -11.15 -6.58
CA ASP A 212 -11.41 -12.59 -6.81
C ASP A 212 -12.43 -12.93 -7.88
N ALA A 213 -13.63 -12.35 -7.79
CA ALA A 213 -14.68 -12.67 -8.74
C ALA A 213 -14.33 -12.16 -10.14
N ILE A 214 -13.76 -10.95 -10.23
CA ILE A 214 -13.41 -10.38 -11.52
C ILE A 214 -12.33 -11.22 -12.20
N LYS A 215 -11.36 -11.71 -11.42
CA LYS A 215 -10.31 -12.56 -11.98
C LYS A 215 -10.88 -13.88 -12.50
N ARG A 216 -11.81 -14.49 -11.76
CA ARG A 216 -12.36 -15.77 -12.20
C ARG A 216 -13.25 -15.60 -13.43
N GLY A 217 -13.99 -14.50 -13.51
CA GLY A 217 -14.86 -14.27 -14.65
C GLY A 217 -14.15 -13.89 -15.92
N THR A 218 -13.12 -13.04 -15.80
CA THR A 218 -12.47 -12.46 -16.96
C THR A 218 -10.99 -12.79 -17.09
N ASP A 219 -10.30 -13.09 -15.98
CA ASP A 219 -8.85 -13.25 -15.99
C ASP A 219 -8.15 -12.01 -16.51
N HIS A 220 -8.79 -10.86 -16.38
CA HIS A 220 -8.22 -9.60 -16.82
C HIS A 220 -7.16 -9.11 -15.84
N LEU A 221 -6.02 -8.67 -16.39
CA LEU A 221 -5.10 -7.87 -15.61
C LEU A 221 -5.81 -6.60 -15.13
N LEU A 222 -5.59 -6.26 -13.87
CA LEU A 222 -6.21 -5.06 -13.31
C LEU A 222 -5.22 -3.92 -13.07
N SER A 223 -3.95 -4.25 -12.85
CA SER A 223 -2.93 -3.23 -12.60
C SER A 223 -2.85 -2.26 -13.77
N GLY A 224 -2.88 -0.97 -13.46
CA GLY A 224 -2.71 0.06 -14.46
C GLY A 224 -3.97 0.45 -15.21
N LYS A 225 -5.08 -0.22 -14.97
CA LYS A 225 -6.34 0.11 -15.63
C LYS A 225 -7.20 0.99 -14.72
N GLN A 226 -8.20 1.61 -15.34
CA GLN A 226 -9.04 2.60 -14.67
C GLN A 226 -10.32 1.93 -14.15
N ALA A 227 -10.64 2.18 -12.89
CA ALA A 227 -11.86 1.69 -12.28
C ALA A 227 -12.69 2.84 -11.76
N LEU A 228 -14.01 2.67 -11.82
CA LEU A 228 -14.95 3.60 -11.21
C LEU A 228 -15.81 2.83 -10.21
N VAL A 229 -15.70 3.18 -8.94
CA VAL A 229 -16.51 2.57 -7.89
C VAL A 229 -17.60 3.55 -7.52
N ILE A 230 -18.86 3.13 -7.68
CA ILE A 230 -20.01 3.94 -7.32
C ILE A 230 -20.36 3.63 -5.87
N GLY A 231 -20.12 4.57 -4.98
CA GLY A 231 -20.43 4.36 -3.58
C GLY A 231 -19.17 4.17 -2.77
N TYR A 232 -19.16 4.74 -1.56
CA TYR A 232 -18.02 4.61 -0.66
C TYR A 232 -18.52 4.36 0.77
N GLY A 233 -19.54 3.53 0.92
CA GLY A 233 -19.91 2.99 2.21
C GLY A 233 -18.93 1.89 2.60
N ASP A 234 -19.39 1.00 3.48
CA ASP A 234 -18.56 -0.12 3.87
C ASP A 234 -18.18 -0.98 2.68
N VAL A 235 -19.16 -1.34 1.86
CA VAL A 235 -18.88 -2.16 0.69
C VAL A 235 -18.03 -1.39 -0.31
N GLY A 236 -18.33 -0.11 -0.53
CA GLY A 236 -17.54 0.69 -1.44
C GLY A 236 -16.12 0.89 -0.95
N LYS A 237 -15.95 1.04 0.36
CA LYS A 237 -14.60 1.15 0.93
C LYS A 237 -13.79 -0.11 0.65
N GLY A 238 -14.36 -1.28 0.95
CA GLY A 238 -13.64 -2.52 0.71
C GLY A 238 -13.46 -2.81 -0.77
N SER A 239 -14.44 -2.45 -1.58
CA SER A 239 -14.34 -2.68 -3.02
C SER A 239 -13.27 -1.81 -3.65
N SER A 240 -13.21 -0.53 -3.29
CA SER A 240 -12.15 0.34 -3.78
C SER A 240 -10.78 -0.22 -3.41
N GLN A 241 -10.64 -0.72 -2.19
CA GLN A 241 -9.35 -1.26 -1.77
C GLN A 241 -9.04 -2.57 -2.48
N SER A 242 -10.06 -3.38 -2.76
CA SER A 242 -9.85 -4.61 -3.53
C SER A 242 -9.19 -4.31 -4.87
N LEU A 243 -9.56 -3.20 -5.49
CA LEU A 243 -9.02 -2.83 -6.80
C LEU A 243 -7.74 -2.01 -6.68
N ARG A 244 -7.68 -1.08 -5.73
CA ARG A 244 -6.49 -0.25 -5.58
C ARG A 244 -5.28 -1.08 -5.15
N GLN A 245 -5.49 -2.13 -4.35
CA GLN A 245 -4.36 -2.97 -3.93
C GLN A 245 -3.83 -3.80 -5.08
N GLU A 246 -4.63 -4.03 -6.12
CA GLU A 246 -4.20 -4.69 -7.33
C GLU A 246 -3.49 -3.76 -8.31
N GLY A 247 -3.38 -2.47 -7.98
CA GLY A 247 -2.76 -1.52 -8.87
C GLY A 247 -3.70 -0.82 -9.84
N MET A 248 -4.99 -0.78 -9.56
CA MET A 248 -5.90 -0.02 -10.39
C MET A 248 -5.84 1.46 -10.03
N ILE A 249 -6.05 2.31 -11.03
CA ILE A 249 -6.31 3.73 -10.79
C ILE A 249 -7.81 3.85 -10.53
N VAL A 250 -8.18 4.10 -9.27
CA VAL A 250 -9.56 3.98 -8.81
C VAL A 250 -10.13 5.38 -8.56
N LYS A 251 -11.26 5.68 -9.18
CA LYS A 251 -12.05 6.86 -8.91
C LYS A 251 -13.35 6.46 -8.22
N VAL A 252 -13.86 7.35 -7.36
CA VAL A 252 -14.99 7.03 -6.49
C VAL A 252 -16.09 8.07 -6.66
N ALA A 253 -17.33 7.61 -6.75
CA ALA A 253 -18.51 8.48 -6.76
C ALA A 253 -19.28 8.31 -5.45
N GLU A 254 -19.89 9.40 -4.99
CA GLU A 254 -20.66 9.36 -3.76
C GLU A 254 -21.69 10.47 -3.76
N VAL A 255 -22.79 10.22 -3.04
CA VAL A 255 -23.76 11.27 -2.72
C VAL A 255 -23.57 11.79 -1.30
N ASP A 256 -22.92 11.02 -0.43
CA ASP A 256 -22.66 11.45 0.94
C ASP A 256 -21.33 12.18 0.98
N PRO A 257 -21.31 13.47 1.34
CA PRO A 257 -20.01 14.19 1.37
C PRO A 257 -19.05 13.64 2.40
N ILE A 258 -19.55 13.15 3.53
CA ILE A 258 -18.66 12.57 4.55
C ILE A 258 -17.94 11.36 3.99
N CYS A 259 -18.69 10.45 3.36
CA CYS A 259 -18.06 9.30 2.72
C CYS A 259 -17.15 9.74 1.57
N ALA A 260 -17.51 10.82 0.87
CA ALA A 260 -16.64 11.36 -0.17
C ALA A 260 -15.35 11.91 0.43
N MET A 261 -15.45 12.57 1.59
N MET A 261 -15.44 12.56 1.60
CA MET A 261 -14.25 13.06 2.26
CA MET A 261 -14.25 13.06 2.26
C MET A 261 -13.29 11.93 2.60
C MET A 261 -13.29 11.93 2.60
N GLN A 262 -13.83 10.79 3.06
CA GLN A 262 -12.99 9.65 3.38
C GLN A 262 -12.28 9.12 2.14
N ALA A 263 -12.99 9.04 1.00
CA ALA A 263 -12.36 8.61 -0.23
C ALA A 263 -11.19 9.52 -0.61
N CYS A 264 -11.38 10.83 -0.46
CA CYS A 264 -10.28 11.76 -0.75
C CYS A 264 -9.09 11.50 0.17
N MET A 265 -9.35 11.44 1.48
CA MET A 265 -8.27 11.21 2.43
C MET A 265 -7.60 9.85 2.22
N ASP A 266 -8.35 8.86 1.74
CA ASP A 266 -7.81 7.55 1.43
C ASP A 266 -7.05 7.51 0.10
N GLY A 267 -6.85 8.66 -0.55
CA GLY A 267 -6.06 8.70 -1.75
C GLY A 267 -6.80 8.41 -3.04
N PHE A 268 -8.11 8.66 -3.09
CA PHE A 268 -8.89 8.46 -4.30
C PHE A 268 -9.40 9.81 -4.82
N GLU A 269 -9.53 9.90 -6.15
CA GLU A 269 -10.14 11.04 -6.79
C GLU A 269 -11.66 10.83 -6.84
N VAL A 270 -12.41 11.79 -6.31
CA VAL A 270 -13.86 11.67 -6.20
C VAL A 270 -14.49 12.38 -7.39
N VAL A 271 -15.20 11.61 -8.22
CA VAL A 271 -15.79 12.12 -9.44
C VAL A 271 -17.25 11.70 -9.50
N SER A 272 -18.00 12.36 -10.39
CA SER A 272 -19.38 12.00 -10.63
C SER A 272 -19.56 11.58 -12.09
N PRO A 273 -20.40 10.58 -12.35
CA PRO A 273 -20.68 10.22 -13.75
C PRO A 273 -21.36 11.33 -14.52
N TYR A 274 -21.92 12.33 -13.83
CA TYR A 274 -22.65 13.42 -14.45
C TYR A 274 -21.90 14.71 -14.26
N LYS A 275 -21.94 15.56 -15.29
CA LYS A 275 -21.30 16.87 -15.22
C LYS A 275 -21.85 17.65 -14.04
N ASN A 276 -20.94 18.08 -13.14
CA ASN A 276 -21.29 18.77 -11.91
C ASN A 276 -22.20 17.96 -11.01
N GLY A 277 -22.25 16.64 -11.21
CA GLY A 277 -23.06 15.78 -10.36
C GLY A 277 -24.55 15.92 -10.53
N ILE A 278 -25.02 16.49 -11.63
CA ILE A 278 -26.44 16.74 -11.85
C ILE A 278 -26.96 15.70 -12.82
N ASN A 279 -27.81 14.81 -12.32
CA ASN A 279 -28.34 13.66 -13.08
C ASN A 279 -29.72 14.06 -13.59
N ASP A 280 -29.76 14.71 -14.75
CA ASP A 280 -31.01 15.20 -15.31
C ASP A 280 -31.73 14.18 -16.17
N GLY A 281 -31.17 12.98 -16.32
CA GLY A 281 -31.76 11.95 -17.16
C GLY A 281 -31.40 12.03 -18.63
N THR A 282 -30.87 13.16 -19.09
CA THR A 282 -30.49 13.28 -20.49
C THR A 282 -29.10 12.70 -20.73
N GLU A 283 -28.86 12.29 -21.97
CA GLU A 283 -27.55 11.79 -22.35
C GLU A 283 -26.48 12.87 -22.28
N ALA A 284 -26.89 14.13 -22.30
CA ALA A 284 -25.94 15.24 -22.29
C ALA A 284 -25.31 15.45 -20.92
N SER A 285 -25.99 15.06 -19.83
CA SER A 285 -25.43 15.24 -18.50
C SER A 285 -24.28 14.30 -18.23
N ILE A 286 -24.11 13.26 -19.05
CA ILE A 286 -23.07 12.27 -18.81
C ILE A 286 -21.71 12.89 -19.10
N ASP A 287 -20.76 12.68 -18.18
CA ASP A 287 -19.36 13.00 -18.42
C ASP A 287 -18.80 11.92 -19.34
N ALA A 288 -19.01 12.12 -20.64
CA ALA A 288 -18.60 11.12 -21.62
C ALA A 288 -17.10 10.93 -21.62
N ALA A 289 -16.34 12.00 -21.41
CA ALA A 289 -14.89 11.89 -21.38
C ALA A 289 -14.42 10.99 -20.24
N LEU A 290 -15.02 11.15 -19.06
CA LEU A 290 -14.65 10.31 -17.92
C LEU A 290 -15.01 8.86 -18.18
N LEU A 291 -16.26 8.60 -18.57
CA LEU A 291 -16.72 7.22 -18.73
C LEU A 291 -16.04 6.53 -19.91
N GLY A 292 -15.60 7.30 -20.90
CA GLY A 292 -14.83 6.73 -22.01
C GLY A 292 -13.43 6.30 -21.63
N LYS A 293 -12.99 6.57 -20.40
CA LYS A 293 -11.69 6.15 -19.91
C LYS A 293 -11.77 4.97 -18.93
N ILE A 294 -12.98 4.53 -18.59
CA ILE A 294 -13.19 3.60 -17.49
C ILE A 294 -13.17 2.17 -18.01
N ASP A 295 -12.28 1.34 -17.47
CA ASP A 295 -12.18 -0.06 -17.84
C ASP A 295 -13.08 -0.96 -17.00
N LEU A 296 -13.51 -0.49 -15.83
CA LEU A 296 -14.26 -1.32 -14.91
C LEU A 296 -15.13 -0.41 -14.05
N ILE A 297 -16.41 -0.72 -13.96
CA ILE A 297 -17.33 0.02 -13.09
C ILE A 297 -17.95 -0.97 -12.10
N VAL A 298 -17.99 -0.58 -10.83
CA VAL A 298 -18.52 -1.41 -9.75
C VAL A 298 -19.52 -0.58 -8.96
N THR A 299 -20.73 -1.10 -8.79
CA THR A 299 -21.75 -0.45 -7.99
C THR A 299 -21.81 -1.09 -6.60
N THR A 300 -21.87 -0.25 -5.56
CA THR A 300 -21.81 -0.71 -4.18
C THR A 300 -22.83 -0.02 -3.29
N THR A 301 -23.92 0.49 -3.84
CA THR A 301 -24.73 1.49 -3.16
C THR A 301 -25.93 0.94 -2.39
N GLY A 302 -26.52 -0.15 -2.85
CA GLY A 302 -27.84 -0.49 -2.34
C GLY A 302 -28.94 0.44 -2.83
N ASN A 303 -28.64 1.33 -3.76
CA ASN A 303 -29.60 2.26 -4.35
C ASN A 303 -30.00 1.76 -5.73
N VAL A 304 -30.85 2.54 -6.41
CA VAL A 304 -31.46 2.11 -7.67
C VAL A 304 -30.86 2.91 -8.83
N ASN A 305 -30.43 2.19 -9.86
CA ASN A 305 -30.02 2.77 -11.14
C ASN A 305 -28.86 3.75 -10.98
N VAL A 306 -27.83 3.32 -10.23
CA VAL A 306 -26.63 4.14 -10.07
C VAL A 306 -25.64 3.96 -11.21
N CYS A 307 -25.86 2.97 -12.07
CA CYS A 307 -25.14 2.83 -13.35
C CYS A 307 -26.22 2.74 -14.42
N ASP A 308 -26.71 3.90 -14.88
CA ASP A 308 -27.90 3.94 -15.69
C ASP A 308 -27.60 3.65 -17.16
N ALA A 309 -28.63 3.77 -18.00
CA ALA A 309 -28.50 3.43 -19.41
C ALA A 309 -27.56 4.38 -20.13
N ASN A 310 -27.61 5.67 -19.79
CA ASN A 310 -26.74 6.65 -20.44
C ASN A 310 -25.28 6.43 -20.07
N MET A 311 -25.01 6.09 -18.80
CA MET A 311 -23.64 5.74 -18.41
C MET A 311 -23.15 4.52 -19.19
N LEU A 312 -24.01 3.51 -19.36
CA LEU A 312 -23.63 2.31 -20.08
C LEU A 312 -23.36 2.59 -21.55
N LYS A 313 -24.08 3.54 -22.15
CA LYS A 313 -23.84 3.88 -23.55
C LYS A 313 -22.51 4.62 -23.72
N ALA A 314 -22.07 5.35 -22.70
CA ALA A 314 -20.85 6.15 -22.79
C ALA A 314 -19.61 5.40 -22.30
N LEU A 315 -19.78 4.19 -21.78
CA LEU A 315 -18.64 3.45 -21.24
C LEU A 315 -17.63 3.15 -22.34
N LYS A 316 -16.36 3.06 -21.94
CA LYS A 316 -15.29 2.64 -22.84
C LYS A 316 -15.58 1.26 -23.39
N LYS A 317 -15.14 1.02 -24.64
CA LYS A 317 -15.35 -0.28 -25.25
C LYS A 317 -14.66 -1.36 -24.43
N ARG A 318 -15.32 -2.52 -24.33
CA ARG A 318 -14.80 -3.71 -23.65
C ARG A 318 -14.61 -3.50 -22.16
N ALA A 319 -15.28 -2.51 -21.59
CA ALA A 319 -15.25 -2.34 -20.14
C ALA A 319 -16.05 -3.42 -19.45
N VAL A 320 -15.68 -3.73 -18.21
CA VAL A 320 -16.36 -4.72 -17.39
C VAL A 320 -17.37 -4.00 -16.51
N VAL A 321 -18.57 -4.56 -16.41
CA VAL A 321 -19.65 -4.00 -15.60
C VAL A 321 -20.08 -5.07 -14.60
N CYS A 322 -20.03 -4.74 -13.31
CA CYS A 322 -20.47 -5.67 -12.28
C CYS A 322 -21.07 -4.91 -11.12
N ASN A 323 -21.82 -5.64 -10.29
CA ASN A 323 -22.48 -5.07 -9.13
C ASN A 323 -22.21 -5.94 -7.92
N ILE A 324 -21.89 -5.30 -6.80
CA ILE A 324 -21.66 -5.99 -5.54
C ILE A 324 -22.63 -5.51 -4.45
N GLY A 325 -23.57 -4.65 -4.80
CA GLY A 325 -24.73 -4.42 -3.94
C GLY A 325 -25.65 -5.63 -3.94
N HIS A 326 -26.68 -5.58 -3.08
CA HIS A 326 -27.49 -6.77 -2.85
C HIS A 326 -28.41 -7.08 -4.03
N PHE A 327 -28.97 -6.06 -4.67
CA PHE A 327 -29.90 -6.28 -5.76
C PHE A 327 -29.31 -5.80 -7.09
N ASP A 328 -29.74 -6.46 -8.17
CA ASP A 328 -29.22 -6.17 -9.49
C ASP A 328 -29.75 -4.87 -10.09
N ASN A 329 -30.76 -4.25 -9.48
CA ASN A 329 -31.30 -3.02 -10.05
C ASN A 329 -30.38 -1.83 -9.85
N GLU A 330 -29.19 -2.01 -9.29
CA GLU A 330 -28.20 -0.93 -9.27
C GLU A 330 -27.74 -0.61 -10.69
N ILE A 331 -27.79 -1.58 -11.60
CA ILE A 331 -27.42 -1.42 -12.99
C ILE A 331 -28.67 -1.59 -13.83
N ASP A 332 -28.83 -0.74 -14.84
CA ASP A 332 -30.00 -0.83 -15.73
C ASP A 332 -29.76 -1.97 -16.72
N THR A 333 -29.79 -3.19 -16.20
CA THR A 333 -29.61 -4.35 -17.06
C THR A 333 -30.84 -4.57 -17.94
N ALA A 334 -32.01 -4.11 -17.49
CA ALA A 334 -33.21 -4.22 -18.31
C ALA A 334 -33.04 -3.46 -19.62
N PHE A 335 -32.46 -2.27 -19.57
CA PHE A 335 -32.17 -1.51 -20.79
C PHE A 335 -31.30 -2.33 -21.74
N MET A 336 -30.23 -2.94 -21.21
CA MET A 336 -29.36 -3.74 -22.06
C MET A 336 -30.07 -4.95 -22.64
N ARG A 337 -31.00 -5.55 -21.89
CA ARG A 337 -31.79 -6.65 -22.45
C ARG A 337 -32.69 -6.18 -23.57
N LYS A 338 -33.19 -4.95 -23.49
CA LYS A 338 -34.14 -4.44 -24.48
C LYS A 338 -33.46 -4.03 -25.78
N ASN A 339 -32.21 -3.58 -25.71
CA ASN A 339 -31.58 -2.95 -26.87
C ASN A 339 -30.36 -3.67 -27.41
N TRP A 340 -29.65 -4.45 -26.59
CA TRP A 340 -28.37 -5.01 -26.99
C TRP A 340 -28.40 -6.53 -26.95
N ALA A 341 -27.54 -7.14 -27.77
CA ALA A 341 -27.46 -8.59 -27.87
C ALA A 341 -26.50 -9.14 -26.83
N TRP A 342 -26.92 -10.23 -26.17
CA TRP A 342 -26.12 -10.86 -25.13
C TRP A 342 -25.43 -12.10 -25.67
N GLU A 343 -24.12 -12.16 -25.52
CA GLU A 343 -23.32 -13.31 -25.91
C GLU A 343 -22.68 -13.92 -24.68
N GLU A 344 -23.07 -15.14 -24.35
CA GLU A 344 -22.51 -15.81 -23.19
C GLU A 344 -21.11 -16.33 -23.50
N VAL A 345 -20.11 -15.83 -22.78
CA VAL A 345 -18.77 -16.41 -22.83
C VAL A 345 -18.75 -17.71 -22.05
N LYS A 346 -19.16 -17.64 -20.78
CA LYS A 346 -19.31 -18.79 -19.92
C LYS A 346 -20.36 -18.44 -18.89
N PRO A 347 -20.82 -19.39 -18.09
CA PRO A 347 -21.83 -19.08 -17.07
C PRO A 347 -21.45 -17.86 -16.25
N GLN A 348 -22.42 -16.95 -16.08
CA GLN A 348 -22.29 -15.73 -15.29
C GLN A 348 -21.33 -14.72 -15.90
N VAL A 349 -20.97 -14.87 -17.17
CA VAL A 349 -20.13 -13.92 -17.89
C VAL A 349 -20.75 -13.69 -19.26
N HIS A 350 -21.15 -12.46 -19.55
CA HIS A 350 -21.85 -12.14 -20.79
C HIS A 350 -21.19 -10.96 -21.48
N LYS A 351 -20.98 -11.09 -22.79
CA LYS A 351 -20.60 -9.97 -23.64
C LYS A 351 -21.88 -9.33 -24.18
N ILE A 352 -22.02 -8.02 -23.97
CA ILE A 352 -23.22 -7.30 -24.37
C ILE A 352 -22.83 -6.37 -25.51
N HIS A 353 -23.27 -6.72 -26.73
CA HIS A 353 -22.88 -6.00 -27.94
C HIS A 353 -23.80 -4.81 -28.15
N ARG A 354 -23.23 -3.60 -28.11
CA ARG A 354 -24.00 -2.38 -28.23
C ARG A 354 -24.31 -2.00 -29.67
N THR A 355 -24.09 -2.91 -30.62
CA THR A 355 -24.34 -2.63 -32.03
C THR A 355 -25.77 -2.92 -32.46
N GLY A 356 -26.56 -3.56 -31.61
CA GLY A 356 -27.93 -3.89 -31.95
C GLY A 356 -28.44 -5.00 -31.08
N LYS A 357 -29.73 -5.30 -31.24
CA LYS A 357 -30.40 -6.34 -30.48
C LYS A 357 -30.44 -7.68 -31.21
N ASP A 358 -30.76 -7.68 -32.50
CA ASP A 358 -30.98 -8.92 -33.25
C ASP A 358 -29.66 -9.40 -33.82
N GLY A 359 -28.92 -10.16 -33.03
CA GLY A 359 -27.67 -10.75 -33.46
C GLY A 359 -26.47 -9.85 -33.22
N PHE A 360 -25.30 -10.41 -33.52
CA PHE A 360 -24.04 -9.70 -33.31
C PHE A 360 -22.96 -10.33 -34.16
N ASP A 361 -21.96 -9.52 -34.50
CA ASP A 361 -20.74 -10.05 -35.10
C ASP A 361 -19.89 -10.70 -34.02
N ALA A 362 -19.37 -11.90 -34.30
CA ALA A 362 -18.53 -12.58 -33.32
C ALA A 362 -17.25 -11.81 -33.03
N HIS A 363 -16.79 -10.98 -33.96
CA HIS A 363 -15.58 -10.19 -33.80
C HIS A 363 -15.85 -8.71 -33.56
N ASN A 364 -17.08 -8.38 -33.15
CA ASN A 364 -17.40 -7.00 -32.80
C ASN A 364 -16.55 -6.55 -31.62
N ASP A 365 -16.10 -5.30 -31.66
CA ASP A 365 -15.27 -4.73 -30.62
C ASP A 365 -16.04 -3.81 -29.67
N ASP A 366 -17.26 -3.42 -30.02
CA ASP A 366 -18.06 -2.52 -29.19
C ASP A 366 -19.01 -3.36 -28.35
N TYR A 367 -18.47 -3.88 -27.24
CA TYR A 367 -19.27 -4.62 -26.29
C TYR A 367 -18.81 -4.28 -24.88
N LEU A 368 -19.65 -4.63 -23.91
CA LEU A 368 -19.31 -4.59 -22.50
C LEU A 368 -19.33 -6.01 -21.97
N ILE A 369 -18.59 -6.24 -20.89
CA ILE A 369 -18.61 -7.53 -20.20
C ILE A 369 -19.37 -7.34 -18.91
N LEU A 370 -20.52 -8.01 -18.80
CA LEU A 370 -21.33 -8.00 -17.59
C LEU A 370 -21.11 -9.30 -16.84
N LEU A 371 -20.85 -9.19 -15.54
CA LEU A 371 -20.63 -10.35 -14.70
C LEU A 371 -21.87 -10.65 -13.87
N ALA A 372 -22.25 -11.92 -13.84
CA ALA A 372 -23.35 -12.41 -12.99
C ALA A 372 -24.68 -11.72 -13.31
N GLU A 373 -24.80 -11.21 -14.54
CA GLU A 373 -26.02 -10.53 -14.99
C GLU A 373 -26.42 -9.40 -14.05
N GLY A 374 -25.42 -8.72 -13.49
CA GLY A 374 -25.67 -7.64 -12.56
C GLY A 374 -25.96 -8.05 -11.14
N ARG A 375 -26.06 -9.35 -10.86
CA ARG A 375 -26.26 -9.83 -9.49
C ARG A 375 -24.96 -9.75 -8.70
N LEU A 376 -25.06 -10.00 -7.39
CA LEU A 376 -23.92 -9.98 -6.48
C LEU A 376 -22.70 -10.66 -7.09
N VAL A 377 -21.72 -9.86 -7.52
CA VAL A 377 -20.64 -10.42 -8.32
C VAL A 377 -19.71 -11.30 -7.50
N ASN A 378 -19.47 -10.97 -6.23
CA ASN A 378 -18.53 -11.75 -5.45
C ASN A 378 -19.06 -13.16 -5.20
N LEU A 379 -20.36 -13.30 -5.00
CA LEU A 379 -20.97 -14.61 -4.83
C LEU A 379 -21.34 -15.25 -6.15
N GLY A 380 -21.60 -14.46 -7.19
CA GLY A 380 -22.00 -14.99 -8.48
C GLY A 380 -20.85 -15.59 -9.28
N ASN A 381 -19.71 -14.90 -9.31
CA ASN A 381 -18.55 -15.33 -10.07
C ASN A 381 -17.43 -15.91 -9.21
N ALA A 382 -17.57 -15.89 -7.89
CA ALA A 382 -16.61 -16.53 -7.01
C ALA A 382 -17.36 -17.26 -5.90
N THR A 383 -16.88 -17.18 -4.66
CA THR A 383 -17.54 -17.83 -3.53
C THR A 383 -17.91 -16.84 -2.43
N GLY A 384 -17.99 -15.55 -2.74
CA GLY A 384 -18.28 -14.57 -1.71
C GLY A 384 -17.15 -14.47 -0.70
N HIS A 385 -17.50 -14.03 0.51
CA HIS A 385 -16.51 -13.79 1.55
C HIS A 385 -15.88 -15.10 2.02
N PRO A 386 -14.64 -15.04 2.50
CA PRO A 386 -14.00 -16.24 3.04
C PRO A 386 -14.55 -16.61 4.40
N SER A 387 -14.32 -17.88 4.77
CA SER A 387 -14.86 -18.43 6.01
C SER A 387 -14.49 -17.58 7.22
N ARG A 388 -13.21 -17.20 7.33
CA ARG A 388 -12.75 -16.50 8.53
C ARG A 388 -13.40 -15.13 8.69
N ILE A 389 -13.85 -14.50 7.61
CA ILE A 389 -14.58 -13.26 7.74
C ILE A 389 -16.04 -13.52 8.11
N MET A 390 -16.68 -14.46 7.40
CA MET A 390 -18.05 -14.80 7.72
C MET A 390 -18.19 -15.35 9.14
N ASP A 391 -17.08 -15.82 9.73
CA ASP A 391 -17.10 -16.25 11.13
C ASP A 391 -17.70 -15.18 12.02
N GLY A 392 -17.32 -13.91 11.81
CA GLY A 392 -17.85 -12.84 12.64
C GLY A 392 -19.33 -12.58 12.38
N SER A 393 -19.72 -12.56 11.10
CA SER A 393 -21.12 -12.31 10.78
C SER A 393 -22.02 -13.39 11.35
N PHE A 394 -21.65 -14.64 11.17
CA PHE A 394 -22.54 -15.75 11.53
C PHE A 394 -22.47 -16.10 13.00
N ALA A 395 -21.41 -15.69 13.71
CA ALA A 395 -21.45 -15.75 15.16
C ALA A 395 -22.48 -14.77 15.72
N ASN A 396 -22.60 -13.59 15.09
CA ASN A 396 -23.63 -12.64 15.49
C ASN A 396 -25.02 -13.19 15.20
N GLN A 397 -25.19 -13.88 14.07
CA GLN A 397 -26.48 -14.47 13.74
C GLN A 397 -26.94 -15.45 14.82
N VAL A 398 -26.03 -16.31 15.28
CA VAL A 398 -26.38 -17.30 16.29
C VAL A 398 -26.77 -16.62 17.60
N LEU A 399 -25.99 -15.62 18.02
CA LEU A 399 -26.34 -14.88 19.22
C LEU A 399 -27.66 -14.16 19.07
N ALA A 400 -27.94 -13.64 17.86
CA ALA A 400 -29.21 -12.96 17.63
C ALA A 400 -30.38 -13.93 17.66
N GLN A 401 -30.23 -15.10 17.04
CA GLN A 401 -31.28 -16.11 17.07
C GLN A 401 -31.54 -16.57 18.50
N ILE A 402 -30.48 -16.83 19.26
CA ILE A 402 -30.63 -17.26 20.65
C ILE A 402 -31.39 -16.21 21.45
N HIS A 403 -31.07 -14.94 21.24
CA HIS A 403 -31.69 -13.88 22.04
C HIS A 403 -33.17 -13.73 21.73
N LEU A 404 -33.53 -13.68 20.45
CA LEU A 404 -34.94 -13.48 20.09
C LEU A 404 -35.77 -14.73 20.42
N PHE A 405 -35.22 -15.92 20.21
CA PHE A 405 -35.97 -17.13 20.54
C PHE A 405 -36.21 -17.22 22.04
N GLU A 406 -35.20 -16.92 22.86
CA GLU A 406 -35.40 -16.96 24.30
C GLU A 406 -36.35 -15.88 24.78
N GLN A 407 -36.49 -14.78 24.03
CA GLN A 407 -37.38 -13.71 24.46
C GLN A 407 -38.85 -14.10 24.29
N LYS A 408 -39.15 -15.00 23.36
CA LYS A 408 -40.50 -15.55 23.17
C LYS A 408 -41.53 -14.43 22.97
N TYR A 409 -41.28 -13.60 21.95
CA TYR A 409 -42.17 -12.48 21.67
C TYR A 409 -43.59 -12.94 21.37
N ALA A 410 -43.73 -14.02 20.59
CA ALA A 410 -45.04 -14.42 20.12
C ALA A 410 -45.98 -14.86 21.24
N ASP A 411 -45.42 -15.19 22.42
CA ASP A 411 -46.23 -15.66 23.54
C ASP A 411 -46.67 -14.54 24.47
N LEU A 412 -46.37 -13.29 24.15
CA LEU A 412 -46.80 -12.17 24.95
C LEU A 412 -48.25 -11.80 24.66
N PRO A 413 -48.92 -11.10 25.58
CA PRO A 413 -50.21 -10.51 25.25
C PRO A 413 -50.02 -9.34 24.28
N ALA A 414 -51.11 -9.01 23.57
CA ALA A 414 -51.04 -8.00 22.52
C ALA A 414 -50.53 -6.67 23.06
N ALA A 415 -50.88 -6.33 24.30
CA ALA A 415 -50.42 -5.08 24.88
C ALA A 415 -48.92 -5.12 25.20
N GLU A 416 -48.37 -6.29 25.50
CA GLU A 416 -46.95 -6.40 25.81
C GLU A 416 -46.10 -6.62 24.56
N LYS A 417 -46.68 -7.21 23.51
CA LYS A 417 -45.98 -7.28 22.22
C LYS A 417 -45.61 -5.88 21.74
N ALA A 418 -46.57 -4.95 21.79
CA ALA A 418 -46.35 -3.61 21.25
C ALA A 418 -45.23 -2.88 21.98
N LYS A 419 -45.03 -3.17 23.26
CA LYS A 419 -43.93 -2.57 24.00
C LYS A 419 -42.58 -3.16 23.59
N ARG A 420 -42.57 -4.32 22.92
CA ARG A 420 -41.34 -5.01 22.54
C ARG A 420 -41.08 -5.00 21.05
N LEU A 421 -42.02 -4.51 20.24
CA LEU A 421 -41.87 -4.52 18.79
C LEU A 421 -40.87 -3.46 18.37
N SER A 422 -39.67 -3.88 17.95
CA SER A 422 -38.59 -2.95 17.67
C SER A 422 -37.55 -3.64 16.79
N VAL A 423 -36.59 -2.84 16.31
CA VAL A 423 -35.39 -3.31 15.63
C VAL A 423 -34.21 -2.90 16.49
N GLU A 424 -33.47 -3.90 16.98
CA GLU A 424 -32.38 -3.67 17.92
CA GLU A 424 -32.38 -3.67 17.92
C GLU A 424 -31.09 -4.28 17.36
N VAL A 425 -29.98 -3.93 18.01
CA VAL A 425 -28.68 -4.50 17.70
C VAL A 425 -28.20 -5.29 18.92
N LEU A 426 -27.18 -6.11 18.70
CA LEU A 426 -26.61 -6.88 19.79
C LEU A 426 -25.83 -5.97 20.74
N PRO A 427 -25.73 -6.34 22.02
CA PRO A 427 -24.94 -5.53 22.96
C PRO A 427 -23.47 -5.52 22.58
N LYS A 428 -22.79 -4.43 22.97
CA LYS A 428 -21.38 -4.27 22.60
C LYS A 428 -20.52 -5.33 23.25
N LYS A 429 -20.84 -5.75 24.48
CA LYS A 429 -20.08 -6.80 25.14
C LYS A 429 -20.02 -8.06 24.27
N LEU A 430 -21.14 -8.43 23.65
CA LEU A 430 -21.16 -9.59 22.77
C LEU A 430 -20.38 -9.32 21.48
N ASP A 431 -20.51 -8.10 20.94
CA ASP A 431 -19.69 -7.70 19.80
C ASP A 431 -18.21 -7.84 20.10
N GLU A 432 -17.80 -7.40 21.30
CA GLU A 432 -16.40 -7.51 21.70
C GLU A 432 -15.98 -8.97 21.86
N GLU A 433 -16.88 -9.82 22.37
CA GLU A 433 -16.52 -11.21 22.60
C GLU A 433 -16.38 -11.97 21.29
N VAL A 434 -17.17 -11.61 20.27
CA VAL A 434 -16.96 -12.17 18.94
C VAL A 434 -15.61 -11.76 18.39
N ALA A 435 -15.24 -10.49 18.60
CA ALA A 435 -13.97 -9.99 18.09
C ALA A 435 -12.78 -10.71 18.72
N LEU A 436 -12.85 -10.96 20.03
CA LEU A 436 -11.73 -11.62 20.71
C LEU A 436 -11.44 -12.98 20.08
N GLU A 437 -12.49 -13.77 19.80
CA GLU A 437 -12.27 -15.07 19.19
C GLU A 437 -11.71 -14.93 17.79
N MET A 438 -12.17 -13.94 17.02
CA MET A 438 -11.59 -13.69 15.72
C MET A 438 -10.10 -13.35 15.82
N VAL A 439 -9.74 -12.52 16.80
CA VAL A 439 -8.33 -12.15 16.97
C VAL A 439 -7.50 -13.37 17.36
N LYS A 440 -8.02 -14.21 18.24
CA LYS A 440 -7.31 -15.43 18.61
C LYS A 440 -7.12 -16.35 17.42
N GLY A 441 -8.08 -16.34 16.48
CA GLY A 441 -7.92 -17.14 15.27
C GLY A 441 -6.71 -16.75 14.45
N PHE A 442 -6.34 -15.47 14.47
CA PHE A 442 -5.12 -15.00 13.82
C PHE A 442 -3.88 -15.23 14.68
N GLY A 443 -4.03 -15.72 15.90
CA GLY A 443 -2.91 -15.78 16.81
C GLY A 443 -2.59 -14.47 17.51
N GLY A 444 -3.43 -13.45 17.34
CA GLY A 444 -3.20 -12.20 18.03
C GLY A 444 -3.42 -12.31 19.53
N VAL A 445 -2.80 -11.40 20.27
CA VAL A 445 -2.83 -11.40 21.72
C VAL A 445 -3.32 -10.04 22.19
N VAL A 446 -4.53 -10.00 22.75
CA VAL A 446 -5.10 -8.77 23.28
C VAL A 446 -4.52 -8.54 24.67
N THR A 447 -4.10 -7.30 24.93
CA THR A 447 -3.57 -6.94 26.24
C THR A 447 -4.72 -6.70 27.21
N GLN A 448 -4.49 -7.03 28.48
CA GLN A 448 -5.48 -6.81 29.53
C GLN A 448 -5.12 -5.58 30.34
N LEU A 449 -6.10 -4.71 30.57
CA LEU A 449 -5.89 -3.52 31.36
C LEU A 449 -5.56 -3.87 32.81
N THR A 450 -4.73 -3.04 33.43
CA THR A 450 -4.57 -3.11 34.86
C THR A 450 -5.76 -2.42 35.53
N PRO A 451 -6.05 -2.75 36.79
CA PRO A 451 -7.15 -2.06 37.48
C PRO A 451 -7.01 -0.54 37.47
N LYS A 452 -5.79 -0.03 37.62
CA LYS A 452 -5.59 1.42 37.59
C LYS A 452 -5.83 1.98 36.19
N GLN A 453 -5.39 1.26 35.15
CA GLN A 453 -5.64 1.71 33.79
C GLN A 453 -7.13 1.71 33.48
N ALA A 454 -7.85 0.67 33.89
CA ALA A 454 -9.28 0.61 33.64
C ALA A 454 -10.01 1.73 34.35
N GLU A 455 -9.59 2.04 35.59
CA GLU A 455 -10.17 3.17 36.30
C GLU A 455 -9.79 4.49 35.65
N TYR A 456 -8.61 4.56 35.02
CA TYR A 456 -8.14 5.81 34.43
C TYR A 456 -9.01 6.22 33.25
N ILE A 457 -9.40 5.26 32.40
CA ILE A 457 -10.25 5.55 31.25
C ILE A 457 -11.72 5.25 31.54
N GLY A 458 -12.05 4.88 32.77
CA GLY A 458 -13.44 4.72 33.17
C GLY A 458 -14.17 3.55 32.55
N VAL A 459 -13.48 2.40 32.41
CA VAL A 459 -14.09 1.18 31.89
C VAL A 459 -13.81 0.04 32.85
N SER A 460 -14.59 -1.02 32.70
CA SER A 460 -14.29 -2.27 33.41
C SER A 460 -13.18 -3.02 32.70
N VAL A 461 -12.43 -3.82 33.47
CA VAL A 461 -11.32 -4.56 32.91
C VAL A 461 -11.80 -5.51 31.82
N GLU A 462 -12.99 -6.11 32.02
CA GLU A 462 -13.54 -7.03 31.04
C GLU A 462 -14.26 -6.33 29.90
N GLY A 463 -14.44 -5.01 29.98
CA GLY A 463 -15.18 -4.29 28.97
C GLY A 463 -16.64 -4.12 29.35
N PRO A 464 -17.44 -3.49 28.49
CA PRO A 464 -17.10 -2.90 27.18
C PRO A 464 -16.10 -1.75 27.28
N PHE A 465 -15.25 -1.61 26.26
CA PHE A 465 -14.15 -0.66 26.29
C PHE A 465 -14.48 0.65 25.57
N LYS A 466 -15.66 0.77 24.97
CA LYS A 466 -16.05 1.94 24.20
C LYS A 466 -17.49 2.31 24.54
N PRO A 467 -17.83 3.60 24.46
CA PRO A 467 -19.24 3.98 24.56
C PRO A 467 -20.00 3.56 23.32
N ASP A 468 -21.33 3.50 23.45
CA ASP A 468 -22.17 3.09 22.34
C ASP A 468 -22.05 4.02 21.14
N THR A 469 -21.61 5.25 21.36
CA THR A 469 -21.46 6.22 20.27
C THR A 469 -20.17 6.04 19.48
N TYR A 470 -19.29 5.12 19.87
CA TYR A 470 -18.00 5.00 19.21
C TYR A 470 -18.15 4.38 17.83
N ARG A 471 -17.44 4.95 16.86
CA ARG A 471 -17.60 4.56 15.46
C ARG A 471 -16.51 3.61 14.96
N TYR A 472 -15.43 3.43 15.72
CA TYR A 472 -14.32 2.57 15.30
C TYR A 472 -13.78 2.97 13.94
N GLY B 12 -11.99 -33.29 -41.71
CA GLY B 12 -11.29 -34.53 -41.43
C GLY B 12 -9.86 -34.33 -40.96
N PHE B 13 -9.71 -33.84 -39.74
CA PHE B 13 -8.41 -33.59 -39.13
C PHE B 13 -8.33 -34.33 -37.80
N THR B 14 -7.25 -35.08 -37.60
CA THR B 14 -7.10 -35.93 -36.43
C THR B 14 -5.72 -35.85 -35.77
N ASP B 15 -4.81 -35.01 -36.27
CA ASP B 15 -3.44 -34.97 -35.76
C ASP B 15 -3.38 -34.10 -34.50
N TYR B 16 -3.96 -34.62 -33.42
CA TYR B 16 -4.02 -33.93 -32.14
C TYR B 16 -4.57 -34.89 -31.10
N LYS B 17 -4.56 -34.43 -29.85
CA LYS B 17 -5.30 -35.10 -28.77
C LYS B 17 -5.47 -34.12 -27.62
N VAL B 18 -6.71 -33.86 -27.24
CA VAL B 18 -7.04 -32.94 -26.16
C VAL B 18 -8.02 -33.64 -25.22
N ALA B 19 -8.41 -32.94 -24.16
CA ALA B 19 -9.35 -33.52 -23.19
C ALA B 19 -10.75 -33.62 -23.79
N ASP B 20 -11.28 -32.51 -24.30
CA ASP B 20 -12.62 -32.47 -24.86
C ASP B 20 -12.63 -31.47 -26.00
N ILE B 21 -12.86 -31.97 -27.22
CA ILE B 21 -12.88 -31.09 -28.39
C ILE B 21 -14.13 -30.23 -28.42
N THR B 22 -15.19 -30.63 -27.73
CA THR B 22 -16.42 -29.85 -27.71
C THR B 22 -16.30 -28.56 -26.91
N LEU B 23 -15.12 -28.27 -26.36
CA LEU B 23 -14.87 -27.02 -25.65
C LEU B 23 -14.28 -25.94 -26.55
N ALA B 24 -14.08 -26.24 -27.83
CA ALA B 24 -13.39 -25.30 -28.72
C ALA B 24 -14.13 -23.99 -28.85
N ALA B 25 -15.47 -24.04 -29.01
CA ALA B 25 -16.25 -22.81 -29.15
C ALA B 25 -16.09 -21.92 -27.93
N TRP B 26 -16.11 -22.51 -26.72
CA TRP B 26 -15.79 -21.75 -25.52
C TRP B 26 -14.37 -21.18 -25.59
N GLY B 27 -13.41 -22.01 -26.02
CA GLY B 27 -12.04 -21.53 -26.13
C GLY B 27 -11.91 -20.40 -27.14
N ARG B 28 -12.63 -20.49 -28.26
CA ARG B 28 -12.56 -19.45 -29.27
C ARG B 28 -13.11 -18.13 -28.73
N ARG B 29 -14.15 -18.19 -27.90
CA ARG B 29 -14.70 -16.97 -27.32
C ARG B 29 -13.68 -16.27 -26.42
N GLU B 30 -12.95 -17.04 -25.61
CA GLU B 30 -11.95 -16.43 -24.75
C GLU B 30 -10.71 -16.01 -25.52
N LEU B 31 -10.40 -16.69 -26.63
CA LEU B 31 -9.29 -16.24 -27.48
C LEU B 31 -9.59 -14.88 -28.09
N ILE B 32 -10.84 -14.67 -28.53
CA ILE B 32 -11.21 -13.38 -29.11
C ILE B 32 -11.10 -12.28 -28.06
N ILE B 33 -11.49 -12.58 -26.81
CA ILE B 33 -11.31 -11.61 -25.74
C ILE B 33 -9.82 -11.37 -25.48
N ALA B 34 -9.04 -12.45 -25.42
CA ALA B 34 -7.62 -12.32 -25.11
C ALA B 34 -6.89 -11.49 -26.14
N GLU B 35 -7.31 -11.55 -27.41
CA GLU B 35 -6.65 -10.76 -28.44
C GLU B 35 -6.82 -9.27 -28.18
N SER B 36 -7.99 -8.86 -27.67
CA SER B 36 -8.18 -7.46 -27.30
C SER B 36 -7.30 -7.05 -26.12
N GLU B 37 -6.77 -8.02 -25.37
CA GLU B 37 -5.91 -7.75 -24.22
C GLU B 37 -4.43 -7.84 -24.56
N MET B 38 -4.07 -8.18 -25.79
CA MET B 38 -2.68 -8.42 -26.17
C MET B 38 -2.31 -7.55 -27.38
N PRO B 39 -2.20 -6.23 -27.18
CA PRO B 39 -1.98 -5.34 -28.34
C PRO B 39 -0.61 -5.47 -28.96
N ALA B 40 0.44 -5.77 -28.18
CA ALA B 40 1.76 -5.94 -28.77
C ALA B 40 1.82 -7.20 -29.64
N LEU B 41 1.21 -8.28 -29.17
CA LEU B 41 1.20 -9.52 -29.94
C LEU B 41 0.34 -9.37 -31.19
N MET B 42 -0.87 -8.81 -31.04
CA MET B 42 -1.70 -8.52 -32.21
C MET B 42 -1.05 -7.50 -33.12
N GLY B 43 -0.33 -6.54 -32.56
CA GLY B 43 0.40 -5.59 -33.38
C GLY B 43 1.46 -6.24 -34.25
N LEU B 44 2.03 -7.35 -33.79
CA LEU B 44 2.99 -8.07 -34.62
C LEU B 44 2.29 -8.79 -35.77
N ARG B 45 1.01 -9.14 -35.61
CA ARG B 45 0.27 -9.73 -36.72
C ARG B 45 0.11 -8.73 -37.85
N ARG B 46 -0.28 -7.49 -37.53
CA ARG B 46 -0.51 -6.49 -38.57
C ARG B 46 0.79 -6.06 -39.24
N LYS B 47 1.87 -5.93 -38.46
CA LYS B 47 3.11 -5.42 -39.00
C LYS B 47 3.80 -6.43 -39.92
N TYR B 48 3.68 -7.73 -39.62
CA TYR B 48 4.41 -8.76 -40.33
C TYR B 48 3.53 -9.65 -41.21
N ALA B 49 2.23 -9.38 -41.29
CA ALA B 49 1.35 -10.23 -42.10
C ALA B 49 1.74 -10.17 -43.57
N GLY B 50 2.02 -8.96 -44.09
CA GLY B 50 2.30 -8.81 -45.50
C GLY B 50 3.58 -9.49 -45.94
N GLN B 51 4.59 -9.52 -45.07
CA GLN B 51 5.89 -10.04 -45.46
C GLN B 51 6.08 -11.51 -45.15
N GLN B 52 5.25 -12.09 -44.28
CA GLN B 52 5.34 -13.50 -43.89
C GLN B 52 6.76 -13.85 -43.48
N PRO B 53 7.25 -13.34 -42.35
CA PRO B 53 8.66 -13.57 -41.99
C PRO B 53 8.95 -15.00 -41.57
N LEU B 54 7.93 -15.78 -41.18
CA LEU B 54 8.11 -17.16 -40.77
C LEU B 54 7.62 -18.15 -41.83
N LYS B 55 7.44 -17.68 -43.07
CA LYS B 55 7.05 -18.57 -44.16
C LYS B 55 8.09 -19.66 -44.36
N GLY B 56 7.71 -20.91 -44.08
CA GLY B 56 8.63 -22.02 -44.12
C GLY B 56 9.13 -22.48 -42.78
N ALA B 57 8.88 -21.71 -41.72
CA ALA B 57 9.29 -22.11 -40.38
C ALA B 57 8.42 -23.26 -39.89
N LYS B 58 9.07 -24.23 -39.24
CA LYS B 58 8.39 -25.41 -38.67
C LYS B 58 8.80 -25.44 -37.21
N ILE B 59 7.97 -24.84 -36.35
CA ILE B 59 8.34 -24.59 -34.96
C ILE B 59 7.81 -25.72 -34.07
N LEU B 60 8.66 -26.18 -33.16
CA LEU B 60 8.24 -27.08 -32.09
C LEU B 60 8.05 -26.27 -30.82
N GLY B 61 6.82 -26.21 -30.35
CA GLY B 61 6.53 -25.45 -29.15
C GLY B 61 6.14 -26.26 -27.93
N CYS B 62 6.80 -26.02 -26.79
CA CYS B 62 6.45 -26.69 -25.54
C CYS B 62 6.32 -25.61 -24.46
N ILE B 63 5.07 -25.23 -24.17
CA ILE B 63 4.78 -24.22 -23.18
C ILE B 63 3.31 -24.37 -22.80
N HIS B 64 2.97 -24.02 -21.56
CA HIS B 64 1.64 -24.17 -21.00
C HIS B 64 0.56 -23.83 -22.01
N MET B 65 -0.32 -24.81 -22.29
CA MET B 65 -1.35 -24.65 -23.31
C MET B 65 -2.53 -23.88 -22.70
N THR B 66 -2.35 -22.57 -22.61
CA THR B 66 -3.35 -21.66 -22.08
C THR B 66 -3.97 -20.85 -23.22
N ILE B 67 -4.96 -20.03 -22.86
CA ILE B 67 -5.54 -19.12 -23.85
C ILE B 67 -4.48 -18.18 -24.40
N GLN B 68 -3.57 -17.73 -23.55
CA GLN B 68 -2.52 -16.81 -23.98
C GLN B 68 -1.55 -17.50 -24.93
N THR B 69 -1.23 -18.77 -24.68
CA THR B 69 -0.41 -19.53 -25.62
C THR B 69 -1.11 -19.68 -26.96
N GLY B 70 -2.44 -19.85 -26.93
CA GLY B 70 -3.18 -19.97 -28.18
C GLY B 70 -3.04 -18.74 -29.06
N VAL B 71 -3.05 -17.55 -28.46
CA VAL B 71 -2.85 -16.33 -29.23
C VAL B 71 -1.43 -16.27 -29.76
N LEU B 72 -0.46 -16.74 -28.98
CA LEU B 72 0.92 -16.83 -29.47
C LEU B 72 1.01 -17.83 -30.61
N ILE B 73 0.38 -19.00 -30.46
CA ILE B 73 0.41 -20.02 -31.50
C ILE B 73 -0.14 -19.46 -32.81
N GLU B 74 -1.31 -18.84 -32.75
CA GLU B 74 -1.94 -18.33 -33.97
C GLU B 74 -1.21 -17.11 -34.52
N THR B 75 -0.47 -16.38 -33.68
CA THR B 75 0.36 -15.31 -34.20
C THR B 75 1.52 -15.89 -35.03
N LEU B 76 2.10 -16.99 -34.57
CA LEU B 76 3.15 -17.66 -35.35
C LEU B 76 2.59 -18.20 -36.66
N VAL B 77 1.42 -18.83 -36.61
CA VAL B 77 0.81 -19.37 -37.82
C VAL B 77 0.46 -18.25 -38.79
N ALA B 78 -0.08 -17.15 -38.28
CA ALA B 78 -0.50 -16.05 -39.15
C ALA B 78 0.67 -15.37 -39.84
N LEU B 79 1.90 -15.62 -39.37
CA LEU B 79 3.09 -15.08 -39.99
C LEU B 79 3.80 -16.10 -40.88
N GLY B 80 3.20 -17.27 -41.09
CA GLY B 80 3.70 -18.24 -42.03
C GLY B 80 4.31 -19.50 -41.45
N ALA B 81 4.17 -19.73 -40.14
CA ALA B 81 4.82 -20.85 -39.47
C ALA B 81 3.84 -21.99 -39.25
N GLU B 82 4.33 -23.21 -39.44
CA GLU B 82 3.61 -24.41 -39.07
C GLU B 82 4.18 -24.93 -37.74
N VAL B 83 3.29 -25.34 -36.84
CA VAL B 83 3.70 -25.64 -35.47
C VAL B 83 3.12 -26.98 -35.04
N ARG B 84 3.75 -27.56 -34.02
CA ARG B 84 3.26 -28.73 -33.31
C ARG B 84 3.50 -28.49 -31.83
N TRP B 85 2.43 -28.55 -31.03
CA TRP B 85 2.46 -27.97 -29.69
C TRP B 85 2.17 -28.99 -28.60
N SER B 86 2.78 -28.77 -27.44
CA SER B 86 2.48 -29.50 -26.22
C SER B 86 2.73 -28.56 -25.04
N SER B 87 2.21 -28.92 -23.88
CA SER B 87 2.40 -28.13 -22.69
C SER B 87 3.65 -28.58 -21.93
N CYS B 88 4.27 -27.65 -21.22
CA CYS B 88 5.47 -27.94 -20.43
C CYS B 88 5.15 -28.25 -18.97
N ASN B 89 3.87 -28.39 -18.63
CA ASN B 89 3.49 -28.78 -17.27
C ASN B 89 2.20 -29.58 -17.33
N ILE B 90 2.08 -30.56 -16.44
CA ILE B 90 0.97 -31.50 -16.49
C ILE B 90 -0.36 -30.89 -16.04
N PHE B 91 -0.33 -29.74 -15.35
CA PHE B 91 -1.53 -29.12 -14.81
C PHE B 91 -1.87 -27.78 -15.43
N SER B 92 -0.99 -27.22 -16.27
CA SER B 92 -1.16 -25.83 -16.70
C SER B 92 -2.12 -25.66 -17.86
N THR B 93 -2.45 -26.74 -18.58
CA THR B 93 -3.29 -26.60 -19.77
C THR B 93 -4.70 -26.16 -19.40
N GLN B 94 -5.23 -25.19 -20.15
CA GLN B 94 -6.65 -24.87 -20.13
C GLN B 94 -7.31 -25.66 -21.26
N ASP B 95 -8.22 -26.57 -20.89
CA ASP B 95 -8.75 -27.53 -21.86
C ASP B 95 -9.55 -26.86 -22.96
N GLN B 96 -10.18 -25.71 -22.69
CA GLN B 96 -10.88 -25.02 -23.75
C GLN B 96 -9.91 -24.38 -24.75
N ALA B 97 -8.76 -23.93 -24.27
CA ALA B 97 -7.75 -23.39 -25.18
C ALA B 97 -7.20 -24.46 -26.10
N ALA B 98 -6.87 -25.64 -25.54
CA ALA B 98 -6.34 -26.73 -26.35
C ALA B 98 -7.36 -27.21 -27.37
N ALA B 99 -8.65 -27.15 -27.02
CA ALA B 99 -9.70 -27.55 -27.96
C ALA B 99 -9.83 -26.56 -29.11
N ALA B 100 -9.77 -25.26 -28.80
CA ALA B 100 -9.87 -24.25 -29.85
C ALA B 100 -8.68 -24.33 -30.80
N ILE B 101 -7.49 -24.61 -30.27
CA ILE B 101 -6.31 -24.77 -31.13
C ILE B 101 -6.46 -26.02 -31.99
N ALA B 102 -6.92 -27.12 -31.40
CA ALA B 102 -7.11 -28.35 -32.15
C ALA B 102 -8.15 -28.17 -33.26
N ALA B 103 -9.22 -27.42 -32.98
CA ALA B 103 -10.27 -27.22 -33.97
C ALA B 103 -9.76 -26.40 -35.15
N ALA B 104 -8.79 -25.52 -34.93
CA ALA B 104 -8.20 -24.71 -36.00
C ALA B 104 -7.27 -25.51 -36.90
N GLY B 105 -7.16 -26.83 -36.72
CA GLY B 105 -6.29 -27.63 -37.55
C GLY B 105 -4.84 -27.59 -37.18
N ILE B 106 -4.52 -27.25 -35.93
CA ILE B 106 -3.15 -27.11 -35.47
C ILE B 106 -2.82 -28.30 -34.57
N PRO B 107 -1.71 -29.01 -34.81
CA PRO B 107 -1.37 -30.15 -33.94
C PRO B 107 -1.08 -29.75 -32.51
N VAL B 108 -1.95 -30.16 -31.59
CA VAL B 108 -1.78 -29.87 -30.17
C VAL B 108 -2.00 -31.16 -29.39
N PHE B 109 -1.19 -31.38 -28.36
CA PHE B 109 -1.27 -32.57 -27.51
C PHE B 109 -1.09 -32.09 -26.07
N ALA B 110 -2.21 -31.78 -25.41
CA ALA B 110 -2.16 -31.25 -24.06
C ALA B 110 -3.55 -31.29 -23.44
N TRP B 111 -3.59 -31.54 -22.13
CA TRP B 111 -4.82 -31.45 -21.36
C TRP B 111 -4.45 -31.30 -19.89
N LYS B 112 -5.37 -30.73 -19.12
CA LYS B 112 -5.12 -30.50 -17.71
C LYS B 112 -5.19 -31.80 -16.94
N GLY B 113 -4.18 -32.07 -16.12
CA GLY B 113 -4.17 -33.26 -15.30
C GLY B 113 -3.54 -34.46 -15.95
N GLU B 114 -2.45 -34.25 -16.69
CA GLU B 114 -1.73 -35.35 -17.30
C GLU B 114 -0.93 -36.11 -16.26
N THR B 115 -0.53 -37.33 -16.63
CA THR B 115 0.46 -38.07 -15.87
C THR B 115 1.84 -37.81 -16.46
N GLU B 116 2.87 -38.31 -15.76
CA GLU B 116 4.23 -38.14 -16.27
C GLU B 116 4.42 -38.89 -17.57
N GLU B 117 3.79 -40.05 -17.71
CA GLU B 117 3.82 -40.78 -18.97
C GLU B 117 3.21 -39.96 -20.10
N GLU B 118 1.98 -39.47 -19.88
CA GLU B 118 1.30 -38.72 -20.92
C GLU B 118 1.97 -37.38 -21.20
N TYR B 119 2.68 -36.83 -20.21
CA TYR B 119 3.44 -35.61 -20.43
C TYR B 119 4.55 -35.83 -21.46
N GLU B 120 5.37 -36.86 -21.25
CA GLU B 120 6.43 -37.17 -22.20
C GLU B 120 5.85 -37.62 -23.54
N TRP B 121 4.72 -38.33 -23.51
CA TRP B 121 4.09 -38.77 -24.75
C TRP B 121 3.64 -37.58 -25.58
N CYS B 122 3.13 -36.53 -24.94
CA CYS B 122 2.68 -35.35 -25.67
C CYS B 122 3.86 -34.63 -26.33
N ILE B 123 5.01 -34.58 -25.66
CA ILE B 123 6.18 -33.98 -26.26
C ILE B 123 6.62 -34.78 -27.48
N GLU B 124 6.46 -36.11 -27.41
CA GLU B 124 6.89 -36.96 -28.51
C GLU B 124 6.03 -36.75 -29.75
N GLN B 125 4.72 -36.50 -29.55
CA GLN B 125 3.84 -36.30 -30.69
C GLN B 125 4.17 -35.03 -31.45
N THR B 126 4.76 -34.03 -30.77
CA THR B 126 5.26 -32.87 -31.47
C THR B 126 6.51 -33.20 -32.27
N ILE B 127 7.31 -34.15 -31.80
CA ILE B 127 8.54 -34.50 -32.49
C ILE B 127 8.26 -35.44 -33.66
N LEU B 128 7.30 -36.35 -33.50
CA LEU B 128 7.03 -37.40 -34.47
C LEU B 128 5.73 -37.08 -35.22
N LYS B 129 5.85 -36.84 -36.52
CA LYS B 129 4.70 -36.76 -37.41
C LYS B 129 4.67 -38.05 -38.23
N ASP B 130 3.66 -38.89 -37.96
CA ASP B 130 3.50 -40.18 -38.63
C ASP B 130 4.70 -41.08 -38.37
N GLY B 131 5.09 -41.20 -37.10
CA GLY B 131 6.16 -42.08 -36.69
C GLY B 131 7.55 -41.64 -37.10
N GLN B 132 7.69 -40.53 -37.81
CA GLN B 132 8.99 -40.04 -38.24
C GLN B 132 9.24 -38.64 -37.70
N PRO B 133 10.50 -38.27 -37.46
CA PRO B 133 10.79 -36.91 -36.99
C PRO B 133 10.30 -35.86 -37.98
N TRP B 134 9.55 -34.90 -37.45
CA TRP B 134 9.07 -33.78 -38.25
C TRP B 134 10.23 -32.89 -38.68
N ASP B 135 10.12 -32.31 -39.88
CA ASP B 135 11.18 -31.49 -40.46
C ASP B 135 11.19 -30.09 -39.83
N ALA B 136 11.32 -30.08 -38.50
CA ALA B 136 11.29 -28.83 -37.74
C ALA B 136 12.60 -28.08 -37.90
N ASN B 137 12.51 -26.75 -37.96
CA ASN B 137 13.68 -25.90 -38.04
C ASN B 137 13.75 -24.85 -36.95
N MET B 138 12.78 -24.80 -36.04
CA MET B 138 12.78 -23.85 -34.94
C MET B 138 12.22 -24.53 -33.69
N VAL B 139 12.58 -23.97 -32.54
CA VAL B 139 12.15 -24.51 -31.25
C VAL B 139 11.77 -23.35 -30.34
N LEU B 140 10.57 -23.43 -29.76
CA LEU B 140 10.13 -22.53 -28.70
C LEU B 140 9.86 -23.39 -27.47
N ASP B 141 10.59 -23.12 -26.38
CA ASP B 141 10.50 -23.96 -25.19
C ASP B 141 10.31 -23.09 -23.96
N ASP B 142 9.74 -23.70 -22.92
CA ASP B 142 9.50 -23.06 -21.63
C ASP B 142 9.92 -24.05 -20.55
N GLY B 143 11.17 -23.92 -20.10
CA GLY B 143 11.71 -24.76 -19.04
C GLY B 143 12.85 -25.66 -19.48
N GLY B 144 12.99 -25.92 -20.77
CA GLY B 144 14.08 -26.72 -21.27
C GLY B 144 13.80 -28.20 -21.41
N ASP B 145 12.57 -28.65 -21.17
CA ASP B 145 12.25 -30.07 -21.30
C ASP B 145 12.32 -30.51 -22.76
N LEU B 146 11.72 -29.74 -23.67
CA LEU B 146 11.82 -30.06 -25.09
C LEU B 146 13.25 -29.91 -25.59
N THR B 147 13.94 -28.87 -25.14
CA THR B 147 15.33 -28.68 -25.51
C THR B 147 16.18 -29.88 -25.13
N GLU B 148 15.84 -30.51 -24.00
CA GLU B 148 16.65 -31.61 -23.48
C GLU B 148 16.41 -32.89 -24.29
N ILE B 149 15.15 -33.21 -24.55
CA ILE B 149 14.82 -34.45 -25.25
C ILE B 149 15.40 -34.43 -26.67
N LEU B 150 15.40 -33.26 -27.32
CA LEU B 150 15.98 -33.16 -28.65
C LEU B 150 17.49 -33.35 -28.61
N HIS B 151 18.17 -32.66 -27.69
CA HIS B 151 19.62 -32.73 -27.64
C HIS B 151 20.11 -34.14 -27.34
N LYS B 152 19.34 -34.92 -26.58
CA LYS B 152 19.78 -36.24 -26.15
C LYS B 152 19.20 -37.38 -26.97
N LYS B 153 17.92 -37.32 -27.33
CA LYS B 153 17.28 -38.44 -28.01
C LYS B 153 17.18 -38.28 -29.52
N TYR B 154 17.17 -37.05 -30.04
CA TYR B 154 17.10 -36.80 -31.47
C TYR B 154 18.14 -35.77 -31.89
N PRO B 155 19.43 -36.09 -31.74
CA PRO B 155 20.47 -35.10 -32.07
C PRO B 155 20.49 -34.73 -33.55
N GLN B 156 20.06 -35.63 -34.43
CA GLN B 156 20.11 -35.34 -35.87
C GLN B 156 19.15 -34.21 -36.25
N MET B 157 18.03 -34.07 -35.54
CA MET B 157 17.06 -33.05 -35.89
C MET B 157 17.59 -31.64 -35.66
N LEU B 158 18.58 -31.47 -34.78
CA LEU B 158 19.13 -30.15 -34.52
C LEU B 158 19.97 -29.63 -35.68
N GLU B 159 20.39 -30.51 -36.59
CA GLU B 159 21.14 -30.07 -37.76
C GLU B 159 20.28 -29.33 -38.77
N ARG B 160 18.96 -29.36 -38.62
CA ARG B 160 18.03 -28.62 -39.46
C ARG B 160 17.41 -27.43 -38.73
N ILE B 161 17.67 -27.29 -37.44
CA ILE B 161 17.07 -26.24 -36.62
C ILE B 161 17.99 -25.03 -36.59
N HIS B 162 17.39 -23.84 -36.73
CA HIS B 162 18.14 -22.60 -36.77
C HIS B 162 18.30 -21.95 -35.40
N GLY B 163 17.58 -22.40 -34.38
CA GLY B 163 17.72 -21.82 -33.07
C GLY B 163 16.58 -22.22 -32.15
N ILE B 164 16.73 -21.81 -30.88
CA ILE B 164 15.76 -22.08 -29.84
C ILE B 164 15.43 -20.75 -29.15
N THR B 165 14.18 -20.60 -28.74
CA THR B 165 13.74 -19.44 -27.96
C THR B 165 13.17 -19.94 -26.64
N GLU B 166 13.90 -19.72 -25.54
CA GLU B 166 13.53 -20.23 -24.23
C GLU B 166 12.85 -19.14 -23.41
N GLU B 167 11.76 -19.52 -22.73
CA GLU B 167 10.87 -18.56 -22.09
C GLU B 167 11.27 -18.22 -20.65
N THR B 168 11.63 -19.20 -19.84
CA THR B 168 11.72 -18.99 -18.40
C THR B 168 13.14 -19.17 -17.88
N THR B 169 13.34 -18.70 -16.65
CA THR B 169 14.69 -18.65 -16.05
C THR B 169 15.32 -20.03 -15.97
N THR B 170 14.54 -21.04 -15.59
CA THR B 170 15.08 -22.39 -15.43
C THR B 170 15.65 -22.91 -16.75
N GLY B 171 14.90 -22.75 -17.84
CA GLY B 171 15.40 -23.20 -19.13
C GLY B 171 16.63 -22.46 -19.59
N VAL B 172 16.69 -21.15 -19.31
CA VAL B 172 17.85 -20.36 -19.71
C VAL B 172 19.10 -20.87 -19.02
N HIS B 173 18.99 -21.23 -17.73
CA HIS B 173 20.14 -21.77 -17.02
C HIS B 173 20.60 -23.09 -17.63
N ARG B 174 19.64 -23.94 -18.02
CA ARG B 174 19.99 -25.20 -18.64
C ARG B 174 20.67 -25.00 -19.99
N LEU B 175 20.32 -23.94 -20.71
CA LEU B 175 20.99 -23.63 -21.95
C LEU B 175 22.41 -23.13 -21.71
N LEU B 176 22.57 -22.22 -20.73
CA LEU B 176 23.89 -21.68 -20.44
C LEU B 176 24.83 -22.78 -19.93
N ASP B 177 24.28 -23.84 -19.33
CA ASP B 177 25.12 -24.98 -18.97
C ASP B 177 25.63 -25.71 -20.21
N MET B 178 24.84 -25.73 -21.29
CA MET B 178 25.29 -26.37 -22.52
C MET B 178 26.23 -25.48 -23.31
N LEU B 179 26.00 -24.16 -23.30
CA LEU B 179 26.96 -23.24 -23.92
C LEU B 179 28.29 -23.26 -23.19
N LYS B 180 28.27 -23.54 -21.89
CA LYS B 180 29.52 -23.67 -21.12
C LYS B 180 30.19 -25.02 -21.39
N ASN B 181 29.40 -26.10 -21.42
CA ASN B 181 29.94 -27.43 -21.69
C ASN B 181 30.09 -27.72 -23.18
N GLY B 182 29.82 -26.73 -24.05
CA GLY B 182 29.97 -26.93 -25.48
C GLY B 182 29.02 -27.94 -26.07
N THR B 183 27.95 -28.30 -25.37
CA THR B 183 26.99 -29.29 -25.84
C THR B 183 25.74 -28.65 -26.43
N LEU B 184 25.74 -27.34 -26.64
CA LEU B 184 24.63 -26.64 -27.27
C LEU B 184 24.81 -26.70 -28.79
N LYS B 185 23.81 -27.25 -29.47
CA LYS B 185 23.91 -27.50 -30.91
C LYS B 185 23.47 -26.29 -31.75
N VAL B 186 22.37 -25.64 -31.35
CA VAL B 186 21.89 -24.47 -32.08
C VAL B 186 21.89 -23.27 -31.12
N PRO B 187 22.04 -22.04 -31.62
CA PRO B 187 21.99 -20.88 -30.73
C PRO B 187 20.60 -20.69 -30.14
N ALA B 188 20.55 -19.90 -29.07
CA ALA B 188 19.32 -19.69 -28.34
C ALA B 188 19.13 -18.20 -28.05
N ILE B 189 17.86 -17.80 -27.97
CA ILE B 189 17.49 -16.46 -27.55
C ILE B 189 16.97 -16.54 -26.12
N ASN B 190 17.62 -15.84 -25.21
CA ASN B 190 17.11 -15.67 -23.87
C ASN B 190 15.90 -14.75 -23.90
N VAL B 191 14.71 -15.30 -24.08
CA VAL B 191 13.50 -14.48 -24.07
C VAL B 191 13.22 -14.00 -22.65
N ASN B 192 13.67 -14.75 -21.64
CA ASN B 192 13.35 -14.41 -20.27
C ASN B 192 13.91 -13.04 -19.88
N ASP B 193 15.13 -12.73 -20.29
CA ASP B 193 15.82 -11.54 -19.80
C ASP B 193 15.47 -10.28 -20.56
N SER B 194 14.44 -10.29 -21.42
CA SER B 194 13.85 -9.04 -21.86
C SER B 194 13.15 -8.39 -20.67
N VAL B 195 13.31 -7.06 -20.56
CA VAL B 195 12.65 -6.37 -19.45
C VAL B 195 11.13 -6.48 -19.59
N THR B 196 10.62 -6.38 -20.83
CA THR B 196 9.21 -6.63 -21.07
C THR B 196 8.82 -8.08 -20.81
N LYS B 197 9.75 -8.92 -20.41
CA LYS B 197 9.46 -10.28 -19.96
C LYS B 197 9.79 -10.43 -18.48
N SER B 198 11.07 -10.37 -18.12
CA SER B 198 11.49 -10.67 -16.75
C SER B 198 10.80 -9.76 -15.74
N LYS B 199 10.92 -8.45 -15.91
CA LYS B 199 10.32 -7.50 -14.98
C LYS B 199 8.86 -7.23 -15.30
N ASN B 200 8.18 -8.15 -15.98
CA ASN B 200 6.76 -8.04 -16.27
C ASN B 200 6.09 -9.39 -16.00
N ASP B 201 6.46 -10.38 -16.80
CA ASP B 201 5.97 -11.75 -16.63
C ASP B 201 6.28 -12.28 -15.23
N ASN B 202 7.58 -12.36 -14.90
CA ASN B 202 7.98 -13.02 -13.67
C ASN B 202 7.48 -12.26 -12.43
N LYS B 203 7.61 -10.94 -12.43
CA LYS B 203 7.24 -10.16 -11.25
C LYS B 203 5.74 -9.89 -11.21
N TYR B 204 5.26 -9.01 -12.09
CA TYR B 204 3.85 -8.61 -12.02
C TYR B 204 2.91 -9.75 -12.35
N GLY B 205 3.37 -10.73 -13.14
CA GLY B 205 2.52 -11.87 -13.44
C GLY B 205 2.19 -12.69 -12.21
N CYS B 206 3.21 -12.98 -11.39
CA CYS B 206 2.98 -13.71 -10.15
C CYS B 206 2.23 -12.85 -9.14
N ARG B 207 2.43 -11.54 -9.17
CA ARG B 207 1.66 -10.65 -8.30
C ARG B 207 0.16 -10.81 -8.55
N HIS B 208 -0.22 -11.04 -9.81
CA HIS B 208 -1.63 -11.16 -10.16
C HIS B 208 -2.16 -12.56 -9.86
N SER B 209 -1.38 -13.60 -10.16
CA SER B 209 -1.92 -14.96 -10.20
C SER B 209 -1.63 -15.79 -8.96
N LEU B 210 -0.73 -15.36 -8.07
CA LEU B 210 -0.44 -16.18 -6.89
C LEU B 210 -1.62 -16.17 -5.93
N ASN B 211 -2.00 -14.99 -5.43
CA ASN B 211 -3.18 -14.92 -4.56
CA ASN B 211 -3.17 -14.91 -4.57
C ASN B 211 -4.42 -15.41 -5.28
N ASP B 212 -4.50 -15.21 -6.60
CA ASP B 212 -5.60 -15.73 -7.40
C ASP B 212 -5.70 -17.24 -7.26
N ALA B 213 -4.58 -17.94 -7.42
CA ALA B 213 -4.58 -19.39 -7.33
C ALA B 213 -4.87 -19.87 -5.91
N ILE B 214 -4.39 -19.15 -4.90
CA ILE B 214 -4.62 -19.56 -3.52
C ILE B 214 -6.09 -19.40 -3.15
N LYS B 215 -6.71 -18.30 -3.61
CA LYS B 215 -8.14 -18.10 -3.34
C LYS B 215 -8.97 -19.20 -3.99
N ARG B 216 -8.68 -19.52 -5.26
CA ARG B 216 -9.46 -20.54 -5.95
C ARG B 216 -9.30 -21.90 -5.30
N GLY B 217 -8.11 -22.20 -4.80
CA GLY B 217 -7.85 -23.51 -4.23
C GLY B 217 -8.41 -23.72 -2.84
N THR B 218 -8.34 -22.69 -2.00
CA THR B 218 -8.71 -22.79 -0.60
C THR B 218 -9.81 -21.85 -0.17
N ASP B 219 -9.98 -20.72 -0.85
CA ASP B 219 -10.91 -19.66 -0.43
C ASP B 219 -10.59 -19.16 0.96
N HIS B 220 -9.31 -19.22 1.32
CA HIS B 220 -8.84 -18.75 2.62
C HIS B 220 -8.70 -17.23 2.62
N LEU B 221 -9.18 -16.60 3.68
CA LEU B 221 -8.80 -15.22 3.95
C LEU B 221 -7.28 -15.17 4.11
N LEU B 222 -6.65 -14.22 3.42
CA LEU B 222 -5.21 -14.04 3.55
C LEU B 222 -4.83 -12.90 4.48
N SER B 223 -5.69 -11.89 4.58
CA SER B 223 -5.41 -10.72 5.42
C SER B 223 -5.14 -11.13 6.86
N GLY B 224 -4.05 -10.61 7.41
CA GLY B 224 -3.71 -10.85 8.80
C GLY B 224 -3.00 -12.16 9.08
N LYS B 225 -2.85 -13.04 8.09
CA LYS B 225 -2.16 -14.30 8.31
C LYS B 225 -0.68 -14.18 7.97
N GLN B 226 0.09 -15.16 8.45
CA GLN B 226 1.53 -15.15 8.31
CA GLN B 226 1.54 -15.16 8.30
C GLN B 226 1.96 -15.95 7.07
N ALA B 227 2.79 -15.33 6.24
CA ALA B 227 3.31 -15.97 5.04
C ALA B 227 4.83 -15.96 5.05
N LEU B 228 5.42 -17.02 4.51
CA LEU B 228 6.86 -17.10 4.31
C LEU B 228 7.13 -17.38 2.83
N VAL B 229 7.76 -16.43 2.17
CA VAL B 229 8.13 -16.57 0.76
C VAL B 229 9.60 -16.95 0.70
N ILE B 230 9.89 -18.09 0.07
CA ILE B 230 11.25 -18.54 -0.15
C ILE B 230 11.72 -17.93 -1.47
N GLY B 231 12.65 -16.99 -1.39
CA GLY B 231 13.20 -16.38 -2.59
C GLY B 231 12.68 -14.98 -2.79
N TYR B 232 13.54 -14.10 -3.29
CA TYR B 232 13.16 -12.73 -3.59
C TYR B 232 13.81 -12.27 -4.89
N GLY B 233 13.79 -13.13 -5.90
CA GLY B 233 14.06 -12.73 -7.26
C GLY B 233 12.83 -12.08 -7.87
N ASP B 234 12.72 -12.15 -9.19
CA ASP B 234 11.57 -11.54 -9.85
C ASP B 234 10.28 -12.24 -9.44
N VAL B 235 10.30 -13.57 -9.37
CA VAL B 235 9.10 -14.31 -8.95
C VAL B 235 8.82 -14.05 -7.47
N GLY B 236 9.86 -14.01 -6.64
CA GLY B 236 9.66 -13.79 -5.22
C GLY B 236 9.20 -12.39 -4.90
N LYS B 237 9.71 -11.40 -5.65
CA LYS B 237 9.23 -10.03 -5.50
C LYS B 237 7.73 -9.94 -5.78
N GLY B 238 7.30 -10.49 -6.92
CA GLY B 238 5.89 -10.43 -7.27
C GLY B 238 5.02 -11.25 -6.33
N SER B 239 5.49 -12.46 -5.97
CA SER B 239 4.74 -13.30 -5.05
C SER B 239 4.58 -12.62 -3.70
N SER B 240 5.65 -11.99 -3.20
CA SER B 240 5.55 -11.29 -1.93
C SER B 240 4.57 -10.14 -2.01
N GLN B 241 4.59 -9.39 -3.12
CA GLN B 241 3.61 -8.34 -3.30
C GLN B 241 2.20 -8.90 -3.41
N SER B 242 2.07 -10.05 -4.09
CA SER B 242 0.76 -10.69 -4.23
C SER B 242 0.12 -10.94 -2.88
N LEU B 243 0.93 -11.28 -1.88
CA LEU B 243 0.41 -11.58 -0.55
C LEU B 243 0.32 -10.34 0.34
N ARG B 244 1.31 -9.45 0.24
CA ARG B 244 1.32 -8.28 1.11
C ARG B 244 0.17 -7.33 0.77
N GLN B 245 -0.20 -7.23 -0.49
CA GLN B 245 -1.30 -6.35 -0.87
C GLN B 245 -2.65 -6.93 -0.44
N GLU B 246 -2.70 -8.23 -0.12
CA GLU B 246 -3.89 -8.84 0.46
C GLU B 246 -3.94 -8.68 1.97
N GLY B 247 -2.91 -8.10 2.58
CA GLY B 247 -2.86 -7.91 4.02
C GLY B 247 -2.12 -8.97 4.79
N MET B 248 -1.36 -9.83 4.12
CA MET B 248 -0.57 -10.83 4.81
C MET B 248 0.66 -10.21 5.46
N ILE B 249 1.07 -10.77 6.59
CA ILE B 249 2.36 -10.46 7.20
C ILE B 249 3.36 -11.37 6.51
N VAL B 250 4.15 -10.81 5.60
CA VAL B 250 5.01 -11.58 4.72
C VAL B 250 6.44 -11.52 5.24
N LYS B 251 7.04 -12.69 5.41
CA LYS B 251 8.46 -12.84 5.69
C LYS B 251 9.14 -13.44 4.48
N VAL B 252 10.42 -13.08 4.28
CA VAL B 252 11.14 -13.40 3.06
C VAL B 252 12.46 -14.08 3.41
N ALA B 253 12.77 -15.16 2.72
CA ALA B 253 14.03 -15.87 2.87
C ALA B 253 14.82 -15.76 1.57
N GLU B 254 16.14 -15.62 1.69
CA GLU B 254 17.00 -15.47 0.53
C GLU B 254 18.40 -15.98 0.85
N VAL B 255 19.08 -16.44 -0.20
CA VAL B 255 20.52 -16.70 -0.11
C VAL B 255 21.34 -15.57 -0.71
N ASP B 256 20.70 -14.66 -1.46
CA ASP B 256 21.39 -13.54 -2.08
C ASP B 256 21.26 -12.32 -1.18
N PRO B 257 22.36 -11.76 -0.68
CA PRO B 257 22.24 -10.60 0.22
C PRO B 257 21.67 -9.37 -0.47
N ILE B 258 21.91 -9.22 -1.78
CA ILE B 258 21.34 -8.08 -2.51
C ILE B 258 19.83 -8.19 -2.57
N CYS B 259 19.33 -9.35 -3.00
CA CYS B 259 17.88 -9.57 -3.02
C CYS B 259 17.28 -9.48 -1.61
N ALA B 260 18.03 -9.92 -0.59
CA ALA B 260 17.57 -9.77 0.77
C ALA B 260 17.50 -8.30 1.18
N MET B 261 18.44 -7.49 0.69
N MET B 261 18.42 -7.48 0.68
CA MET B 261 18.40 -6.05 0.98
CA MET B 261 18.39 -6.06 0.98
C MET B 261 17.16 -5.41 0.39
C MET B 261 17.16 -5.40 0.38
N GLN B 262 16.79 -5.78 -0.84
CA GLN B 262 15.60 -5.24 -1.46
C GLN B 262 14.36 -5.61 -0.67
N ALA B 263 14.31 -6.84 -0.13
CA ALA B 263 13.18 -7.25 0.70
C ALA B 263 13.05 -6.36 1.92
N CYS B 264 14.18 -6.06 2.58
CA CYS B 264 14.14 -5.19 3.75
C CYS B 264 13.62 -3.81 3.40
N MET B 265 14.18 -3.22 2.35
CA MET B 265 13.75 -1.88 1.94
C MET B 265 12.29 -1.88 1.47
N ASP B 266 11.82 -2.98 0.88
CA ASP B 266 10.44 -3.08 0.46
C ASP B 266 9.49 -3.31 1.62
N GLY B 267 9.98 -3.37 2.85
CA GLY B 267 9.15 -3.47 4.02
C GLY B 267 8.92 -4.86 4.56
N PHE B 268 9.73 -5.84 4.16
CA PHE B 268 9.59 -7.20 4.64
C PHE B 268 10.67 -7.52 5.66
N GLU B 269 10.32 -8.40 6.59
CA GLU B 269 11.27 -8.98 7.53
C GLU B 269 11.93 -10.19 6.87
N VAL B 270 13.25 -10.19 6.82
CA VAL B 270 14.01 -11.26 6.17
C VAL B 270 14.41 -12.27 7.24
N VAL B 271 13.99 -13.52 7.06
CA VAL B 271 14.25 -14.59 8.02
C VAL B 271 14.78 -15.79 7.27
N SER B 272 15.40 -16.69 8.02
CA SER B 272 15.83 -17.97 7.49
C SER B 272 15.08 -19.10 8.16
N PRO B 273 14.76 -20.17 7.43
CA PRO B 273 14.12 -21.33 8.08
C PRO B 273 15.04 -22.03 9.07
N TYR B 274 16.33 -21.76 9.02
CA TYR B 274 17.32 -22.45 9.83
C TYR B 274 18.01 -21.47 10.77
N LYS B 275 18.36 -21.96 11.96
CA LYS B 275 19.09 -21.15 12.92
C LYS B 275 20.43 -20.71 12.31
N ASN B 276 20.73 -19.43 12.46
CA ASN B 276 21.91 -18.80 11.88
C ASN B 276 21.97 -18.95 10.36
N GLY B 277 20.88 -19.39 9.74
CA GLY B 277 20.82 -19.60 8.31
C GLY B 277 21.56 -20.83 7.80
N ILE B 278 21.98 -21.73 8.69
CA ILE B 278 22.79 -22.89 8.30
C ILE B 278 21.87 -24.10 8.19
N ASN B 279 21.71 -24.60 6.96
CA ASN B 279 20.87 -25.77 6.68
C ASN B 279 21.77 -27.00 6.70
N ASP B 280 21.85 -27.65 7.86
CA ASP B 280 22.69 -28.84 8.03
C ASP B 280 21.93 -30.14 7.86
N GLY B 281 20.62 -30.09 7.64
CA GLY B 281 19.83 -31.28 7.41
C GLY B 281 19.20 -31.90 8.64
N THR B 282 19.39 -31.29 9.82
CA THR B 282 18.85 -31.83 11.06
C THR B 282 17.58 -31.08 11.47
N GLU B 283 16.84 -31.68 12.41
CA GLU B 283 15.67 -31.01 12.96
C GLU B 283 16.04 -29.87 13.88
N ALA B 284 17.18 -29.97 14.56
CA ALA B 284 17.60 -28.92 15.48
C ALA B 284 17.95 -27.62 14.76
N SER B 285 18.26 -27.68 13.48
CA SER B 285 18.54 -26.46 12.73
C SER B 285 17.29 -25.65 12.45
N ILE B 286 16.12 -26.28 12.44
CA ILE B 286 14.88 -25.61 12.07
C ILE B 286 14.49 -24.60 13.14
N ASP B 287 14.21 -23.37 12.72
CA ASP B 287 13.62 -22.37 13.61
C ASP B 287 12.16 -22.77 13.83
N ALA B 288 11.96 -23.67 14.79
CA ALA B 288 10.64 -24.25 15.02
C ALA B 288 9.63 -23.19 15.43
N ALA B 289 10.06 -22.17 16.19
CA ALA B 289 9.15 -21.10 16.58
C ALA B 289 8.65 -20.35 15.36
N LEU B 290 9.54 -20.03 14.42
CA LEU B 290 9.13 -19.34 13.20
C LEU B 290 8.21 -20.22 12.35
N LEU B 291 8.64 -21.46 12.08
CA LEU B 291 7.84 -22.33 11.23
C LEU B 291 6.48 -22.63 11.84
N GLY B 292 6.40 -22.64 13.18
CA GLY B 292 5.16 -22.92 13.86
C GLY B 292 4.12 -21.81 13.79
N LYS B 293 4.50 -20.63 13.32
CA LYS B 293 3.55 -19.53 13.17
C LYS B 293 3.22 -19.22 11.71
N ILE B 294 3.73 -20.00 10.76
CA ILE B 294 3.57 -19.72 9.34
C ILE B 294 2.28 -20.35 8.85
N ASP B 295 1.39 -19.54 8.27
CA ASP B 295 0.14 -20.01 7.70
C ASP B 295 0.25 -20.39 6.23
N LEU B 296 1.25 -19.87 5.53
CA LEU B 296 1.41 -20.08 4.11
C LEU B 296 2.88 -19.98 3.75
N ILE B 297 3.36 -20.91 2.94
CA ILE B 297 4.75 -20.88 2.46
C ILE B 297 4.72 -21.06 0.95
N VAL B 298 5.47 -20.21 0.25
CA VAL B 298 5.54 -20.22 -1.21
C VAL B 298 6.99 -20.27 -1.62
N THR B 299 7.33 -21.23 -2.48
CA THR B 299 8.69 -21.38 -2.99
C THR B 299 8.80 -20.71 -4.35
N THR B 300 9.82 -19.86 -4.52
CA THR B 300 9.98 -19.08 -5.75
C THR B 300 11.42 -19.13 -6.27
N THR B 301 12.19 -20.14 -5.90
CA THR B 301 13.64 -20.08 -6.11
C THR B 301 14.07 -20.61 -7.47
N GLY B 302 13.41 -21.65 -7.98
CA GLY B 302 13.97 -22.44 -9.05
C GLY B 302 15.12 -23.33 -8.61
N ASN B 303 15.39 -23.41 -7.32
CA ASN B 303 16.40 -24.29 -6.76
C ASN B 303 15.71 -25.60 -6.36
N VAL B 304 16.43 -26.47 -5.64
CA VAL B 304 15.93 -27.78 -5.25
C VAL B 304 15.78 -27.83 -3.74
N ASN B 305 14.64 -28.35 -3.28
CA ASN B 305 14.42 -28.67 -1.87
C ASN B 305 14.63 -27.45 -0.97
N VAL B 306 13.97 -26.34 -1.33
CA VAL B 306 14.00 -25.16 -0.48
C VAL B 306 12.89 -25.15 0.56
N CYS B 307 11.98 -26.12 0.48
CA CYS B 307 10.99 -26.40 1.54
C CYS B 307 11.12 -27.90 1.84
N ASP B 308 12.09 -28.23 2.71
CA ASP B 308 12.48 -29.61 2.93
C ASP B 308 11.51 -30.32 3.87
N ALA B 309 11.83 -31.55 4.24
CA ALA B 309 10.95 -32.33 5.10
C ALA B 309 10.91 -31.77 6.53
N ASN B 310 12.07 -31.38 7.06
CA ASN B 310 12.10 -30.84 8.41
C ASN B 310 11.31 -29.55 8.52
N MET B 311 11.30 -28.73 7.46
CA MET B 311 10.42 -27.56 7.44
C MET B 311 8.96 -28.00 7.40
N LEU B 312 8.64 -28.99 6.56
CA LEU B 312 7.27 -29.47 6.47
C LEU B 312 6.82 -30.12 7.77
N LYS B 313 7.75 -30.71 8.53
CA LYS B 313 7.40 -31.31 9.81
C LYS B 313 7.18 -30.27 10.90
N ALA B 314 7.78 -29.09 10.78
CA ALA B 314 7.65 -28.05 11.79
C ALA B 314 6.55 -27.04 11.46
N LEU B 315 5.93 -27.13 10.28
CA LEU B 315 4.96 -26.14 9.86
C LEU B 315 3.75 -26.13 10.80
N LYS B 316 3.18 -24.93 10.97
CA LYS B 316 1.94 -24.78 11.72
C LYS B 316 0.84 -25.66 11.13
N LYS B 317 0.06 -26.28 12.01
CA LYS B 317 -1.05 -27.12 11.56
C LYS B 317 -1.96 -26.35 10.60
N ARG B 318 -2.41 -27.04 9.55
CA ARG B 318 -3.33 -26.51 8.55
C ARG B 318 -2.73 -25.37 7.74
N ALA B 319 -1.41 -25.36 7.58
CA ALA B 319 -0.76 -24.37 6.75
C ALA B 319 -0.86 -24.76 5.27
N VAL B 320 -0.85 -23.77 4.41
CA VAL B 320 -0.92 -23.98 2.97
C VAL B 320 0.50 -24.01 2.41
N VAL B 321 0.80 -25.01 1.59
CA VAL B 321 2.12 -25.18 0.97
C VAL B 321 1.93 -25.20 -0.53
N CYS B 322 2.62 -24.31 -1.24
CA CYS B 322 2.52 -24.29 -2.69
C CYS B 322 3.85 -23.86 -3.28
N ASN B 323 4.04 -24.19 -4.55
CA ASN B 323 5.23 -23.84 -5.30
C ASN B 323 4.82 -23.07 -6.55
N ILE B 324 5.54 -22.00 -6.84
CA ILE B 324 5.36 -21.22 -8.06
C ILE B 324 6.64 -21.16 -8.90
N GLY B 325 7.69 -21.86 -8.48
CA GLY B 325 8.81 -22.11 -9.35
C GLY B 325 8.48 -23.19 -10.36
N HIS B 326 9.32 -23.28 -11.40
CA HIS B 326 8.97 -24.09 -12.56
C HIS B 326 8.82 -25.56 -12.23
N PHE B 327 9.68 -26.10 -11.37
CA PHE B 327 9.70 -27.52 -11.08
C PHE B 327 9.26 -27.78 -9.64
N ASP B 328 8.60 -28.92 -9.44
CA ASP B 328 8.00 -29.26 -8.16
C ASP B 328 9.00 -29.79 -7.14
N ASN B 329 10.28 -29.89 -7.49
CA ASN B 329 11.29 -30.35 -6.54
C ASN B 329 11.74 -29.26 -5.58
N GLU B 330 11.14 -28.06 -5.65
CA GLU B 330 11.39 -27.06 -4.62
C GLU B 330 10.80 -27.48 -3.29
N ILE B 331 9.73 -28.29 -3.33
CA ILE B 331 9.11 -28.86 -2.14
C ILE B 331 9.39 -30.36 -2.14
N ASP B 332 9.65 -30.90 -0.96
CA ASP B 332 9.93 -32.34 -0.82
C ASP B 332 8.61 -33.11 -0.81
N THR B 333 7.92 -33.06 -1.94
CA THR B 333 6.67 -33.82 -2.07
C THR B 333 6.93 -35.32 -2.07
N ALA B 334 8.13 -35.74 -2.48
CA ALA B 334 8.47 -37.16 -2.41
C ALA B 334 8.47 -37.66 -0.97
N PHE B 335 8.92 -36.82 -0.04
CA PHE B 335 8.87 -37.20 1.37
C PHE B 335 7.44 -37.36 1.85
N MET B 336 6.55 -36.44 1.45
CA MET B 336 5.18 -36.52 1.90
C MET B 336 4.42 -37.67 1.26
N ARG B 337 4.78 -38.03 0.02
CA ARG B 337 4.18 -39.20 -0.60
C ARG B 337 4.58 -40.49 0.11
N LYS B 338 5.74 -40.51 0.74
CA LYS B 338 6.23 -41.74 1.36
C LYS B 338 5.72 -41.90 2.78
N ASN B 339 5.55 -40.80 3.52
CA ASN B 339 5.30 -40.87 4.95
C ASN B 339 3.91 -40.45 5.38
N TRP B 340 3.19 -39.67 4.57
CA TRP B 340 1.93 -39.09 4.99
C TRP B 340 0.83 -39.43 4.01
N ALA B 341 -0.40 -39.49 4.52
CA ALA B 341 -1.57 -39.84 3.72
C ALA B 341 -2.18 -38.60 3.10
N TRP B 342 -2.50 -38.68 1.81
CA TRP B 342 -3.06 -37.57 1.06
C TRP B 342 -4.57 -37.72 0.95
N GLU B 343 -5.31 -36.69 1.36
CA GLU B 343 -6.75 -36.63 1.21
C GLU B 343 -7.09 -35.54 0.19
N GLU B 344 -7.61 -35.94 -0.96
CA GLU B 344 -7.97 -34.98 -2.00
C GLU B 344 -9.22 -34.21 -1.59
N VAL B 345 -9.08 -32.90 -1.44
CA VAL B 345 -10.26 -32.05 -1.27
C VAL B 345 -10.99 -31.87 -2.58
N LYS B 346 -10.23 -31.53 -3.62
CA LYS B 346 -10.73 -31.39 -4.98
C LYS B 346 -9.52 -31.43 -5.91
N PRO B 347 -9.74 -31.44 -7.22
CA PRO B 347 -8.60 -31.44 -8.15
C PRO B 347 -7.57 -30.38 -7.80
N GLN B 348 -6.32 -30.83 -7.64
CA GLN B 348 -5.17 -29.99 -7.37
C GLN B 348 -5.24 -29.34 -5.98
N VAL B 349 -5.97 -29.95 -5.06
CA VAL B 349 -5.99 -29.53 -3.66
C VAL B 349 -6.00 -30.78 -2.80
N HIS B 350 -4.93 -30.98 -2.03
CA HIS B 350 -4.79 -32.16 -1.18
C HIS B 350 -4.49 -31.77 0.25
N LYS B 351 -5.11 -32.47 1.20
CA LYS B 351 -4.75 -32.39 2.60
C LYS B 351 -3.73 -33.48 2.90
N ILE B 352 -2.58 -33.10 3.43
CA ILE B 352 -1.50 -34.03 3.75
C ILE B 352 -1.57 -34.28 5.25
N HIS B 353 -2.09 -35.45 5.63
CA HIS B 353 -2.25 -35.79 7.04
C HIS B 353 -0.92 -36.28 7.59
N ARG B 354 -0.33 -35.50 8.50
CA ARG B 354 0.95 -35.82 9.10
C ARG B 354 0.85 -36.87 10.20
N THR B 355 -0.32 -37.48 10.37
CA THR B 355 -0.49 -38.50 11.41
C THR B 355 0.06 -39.85 10.98
N GLY B 356 0.09 -40.14 9.69
CA GLY B 356 0.60 -41.42 9.22
C GLY B 356 0.27 -41.63 7.76
N LYS B 357 0.72 -42.77 7.26
CA LYS B 357 0.45 -43.18 5.88
C LYS B 357 -0.72 -44.15 5.77
N ASP B 358 -0.95 -44.96 6.80
CA ASP B 358 -2.00 -45.97 6.79
C ASP B 358 -3.33 -45.30 7.15
N GLY B 359 -3.91 -44.63 6.18
CA GLY B 359 -5.19 -43.98 6.36
C GLY B 359 -5.09 -42.68 7.14
N PHE B 360 -6.25 -42.06 7.34
CA PHE B 360 -6.33 -40.79 8.05
C PHE B 360 -7.70 -40.67 8.70
N ASP B 361 -7.74 -39.86 9.76
CA ASP B 361 -9.01 -39.45 10.35
C ASP B 361 -9.54 -38.25 9.60
N ALA B 362 -10.81 -38.32 9.16
CA ALA B 362 -11.39 -37.24 8.38
C ALA B 362 -11.43 -35.94 9.16
N HIS B 363 -11.47 -36.01 10.49
CA HIS B 363 -11.51 -34.82 11.33
C HIS B 363 -10.17 -34.54 12.01
N ASN B 364 -9.10 -35.14 11.53
CA ASN B 364 -7.77 -34.83 12.05
C ASN B 364 -7.44 -33.36 11.78
N ASP B 365 -6.87 -32.71 12.79
CA ASP B 365 -6.52 -31.30 12.70
C ASP B 365 -5.08 -31.06 12.30
N ASP B 366 -4.23 -32.10 12.31
CA ASP B 366 -2.81 -31.96 12.00
C ASP B 366 -2.59 -32.38 10.55
N TYR B 367 -2.82 -31.44 9.64
CA TYR B 367 -2.61 -31.66 8.22
C TYR B 367 -2.05 -30.40 7.58
N LEU B 368 -1.43 -30.57 6.43
CA LEU B 368 -1.06 -29.46 5.57
C LEU B 368 -1.90 -29.51 4.30
N ILE B 369 -2.06 -28.36 3.67
CA ILE B 369 -2.80 -28.24 2.42
C ILE B 369 -1.80 -27.93 1.30
N LEU B 370 -1.61 -28.90 0.41
CA LEU B 370 -0.71 -28.75 -0.74
C LEU B 370 -1.54 -28.44 -1.98
N LEU B 371 -1.10 -27.42 -2.73
CA LEU B 371 -1.79 -27.00 -3.94
C LEU B 371 -1.04 -27.49 -5.18
N ALA B 372 -1.80 -27.98 -6.15
CA ALA B 372 -1.27 -28.45 -7.43
C ALA B 372 -0.22 -29.54 -7.29
N GLU B 373 -0.24 -30.27 -6.17
CA GLU B 373 0.74 -31.32 -5.87
C GLU B 373 2.17 -30.82 -6.02
N GLY B 374 2.38 -29.55 -5.64
CA GLY B 374 3.69 -28.95 -5.68
C GLY B 374 4.09 -28.35 -7.01
N ARG B 375 3.26 -28.48 -8.04
CA ARG B 375 3.57 -27.91 -9.34
C ARG B 375 3.28 -26.42 -9.34
N LEU B 376 3.54 -25.77 -10.48
CA LEU B 376 3.25 -24.36 -10.68
C LEU B 376 1.84 -24.01 -10.21
N VAL B 377 1.74 -23.31 -9.07
CA VAL B 377 0.43 -23.15 -8.44
C VAL B 377 -0.43 -22.15 -9.20
N ASN B 378 0.18 -21.12 -9.78
CA ASN B 378 -0.60 -20.11 -10.48
C ASN B 378 -1.28 -20.70 -11.72
N LEU B 379 -0.56 -21.55 -12.45
CA LEU B 379 -1.15 -22.23 -13.60
C LEU B 379 -1.90 -23.49 -13.20
N GLY B 380 -1.54 -24.10 -12.08
CA GLY B 380 -2.16 -25.34 -11.64
C GLY B 380 -3.50 -25.14 -10.97
N ASN B 381 -3.60 -24.16 -10.09
CA ASN B 381 -4.83 -23.89 -9.36
C ASN B 381 -5.60 -22.69 -9.90
N ALA B 382 -5.11 -22.07 -10.98
CA ALA B 382 -5.84 -20.99 -11.63
C ALA B 382 -5.51 -20.99 -13.11
N THR B 383 -5.31 -19.81 -13.71
CA THR B 383 -5.06 -19.71 -15.14
C THR B 383 -3.73 -19.03 -15.45
N GLY B 384 -2.83 -18.94 -14.47
CA GLY B 384 -1.55 -18.29 -14.72
C GLY B 384 -1.68 -16.79 -14.90
N HIS B 385 -0.75 -16.22 -15.66
CA HIS B 385 -0.70 -14.79 -15.84
C HIS B 385 -1.82 -14.31 -16.77
N PRO B 386 -2.30 -13.09 -16.58
CA PRO B 386 -3.35 -12.56 -17.46
C PRO B 386 -2.81 -12.24 -18.85
N SER B 387 -3.75 -12.06 -19.79
CA SER B 387 -3.38 -11.91 -21.19
C SER B 387 -2.53 -10.66 -21.42
N ARG B 388 -2.85 -9.56 -20.74
CA ARG B 388 -2.13 -8.32 -20.99
C ARG B 388 -0.68 -8.38 -20.53
N ILE B 389 -0.34 -9.27 -19.59
CA ILE B 389 1.04 -9.44 -19.19
C ILE B 389 1.76 -10.40 -20.14
N MET B 390 1.13 -11.54 -20.44
CA MET B 390 1.71 -12.48 -21.39
C MET B 390 1.86 -11.85 -22.77
N ASP B 391 1.16 -10.75 -23.03
CA ASP B 391 1.34 -10.00 -24.26
C ASP B 391 2.80 -9.58 -24.45
N GLY B 392 3.43 -9.09 -23.38
CA GLY B 392 4.83 -8.72 -23.47
C GLY B 392 5.75 -9.91 -23.67
N SER B 393 5.48 -11.00 -22.94
CA SER B 393 6.32 -12.20 -23.07
C SER B 393 6.26 -12.75 -24.49
N PHE B 394 5.06 -12.89 -25.04
CA PHE B 394 4.90 -13.58 -26.31
C PHE B 394 5.16 -12.68 -27.50
N ALA B 395 5.12 -11.36 -27.33
CA ALA B 395 5.65 -10.47 -28.36
C ALA B 395 7.16 -10.64 -28.49
N ASN B 396 7.85 -10.78 -27.35
CA ASN B 396 9.27 -11.10 -27.38
C ASN B 396 9.51 -12.46 -28.03
N GLN B 397 8.65 -13.43 -27.74
CA GLN B 397 8.81 -14.77 -28.32
C GLN B 397 8.70 -14.74 -29.84
N VAL B 398 7.70 -14.00 -30.36
CA VAL B 398 7.52 -13.93 -31.81
C VAL B 398 8.70 -13.24 -32.46
N LEU B 399 9.13 -12.11 -31.89
CA LEU B 399 10.30 -11.42 -32.41
C LEU B 399 11.55 -12.28 -32.35
N ALA B 400 11.68 -13.11 -31.31
CA ALA B 400 12.83 -13.99 -31.20
C ALA B 400 12.80 -15.08 -32.25
N GLN B 401 11.61 -15.63 -32.53
CA GLN B 401 11.50 -16.66 -33.56
C GLN B 401 11.88 -16.12 -34.93
N ILE B 402 11.52 -14.88 -35.22
CA ILE B 402 11.93 -14.25 -36.47
C ILE B 402 13.42 -13.93 -36.44
N HIS B 403 13.88 -13.31 -35.35
CA HIS B 403 15.27 -12.87 -35.23
C HIS B 403 16.26 -14.01 -35.44
N LEU B 404 15.86 -15.25 -35.21
CA LEU B 404 16.72 -16.40 -35.47
C LEU B 404 16.42 -17.09 -36.79
N PHE B 405 15.15 -17.13 -37.20
CA PHE B 405 14.82 -17.76 -38.47
C PHE B 405 15.41 -16.99 -39.64
N GLU B 406 15.39 -15.65 -39.57
CA GLU B 406 15.97 -14.84 -40.64
C GLU B 406 17.49 -14.93 -40.68
N GLN B 407 18.11 -15.44 -39.61
CA GLN B 407 19.55 -15.60 -39.59
C GLN B 407 20.02 -16.92 -40.18
N LYS B 408 19.16 -17.94 -40.17
CA LYS B 408 19.43 -19.23 -40.82
C LYS B 408 20.76 -19.83 -40.36
N TYR B 409 20.81 -20.16 -39.06
CA TYR B 409 22.04 -20.71 -38.50
C TYR B 409 22.38 -22.06 -39.11
N ALA B 410 21.37 -22.93 -39.28
CA ALA B 410 21.62 -24.29 -39.74
C ALA B 410 22.19 -24.33 -41.16
N ASP B 411 21.96 -23.29 -41.96
CA ASP B 411 22.47 -23.22 -43.31
C ASP B 411 23.92 -22.72 -43.37
N LEU B 412 24.57 -22.52 -42.23
CA LEU B 412 25.93 -22.02 -42.19
C LEU B 412 26.93 -23.17 -42.22
N PRO B 413 28.13 -22.94 -42.77
CA PRO B 413 29.21 -23.90 -42.60
C PRO B 413 29.64 -23.97 -41.14
N ALA B 414 30.38 -25.04 -40.82
CA ALA B 414 30.75 -25.29 -39.42
C ALA B 414 31.64 -24.17 -38.87
N ALA B 415 32.49 -23.59 -39.71
CA ALA B 415 33.38 -22.53 -39.25
C ALA B 415 32.61 -21.28 -38.86
N GLU B 416 31.55 -20.96 -39.59
CA GLU B 416 30.70 -19.82 -39.24
C GLU B 416 29.71 -20.15 -38.14
N LYS B 417 29.36 -21.42 -37.96
CA LYS B 417 28.45 -21.78 -36.87
C LYS B 417 29.08 -21.51 -35.52
N ALA B 418 30.37 -21.79 -35.38
CA ALA B 418 31.04 -21.59 -34.10
C ALA B 418 31.07 -20.12 -33.70
N LYS B 419 31.21 -19.23 -34.69
CA LYS B 419 31.26 -17.81 -34.40
C LYS B 419 29.87 -17.22 -34.14
N ARG B 420 28.81 -17.89 -34.59
CA ARG B 420 27.44 -17.40 -34.38
C ARG B 420 26.75 -18.07 -33.20
N LEU B 421 27.24 -19.22 -32.74
CA LEU B 421 26.62 -19.93 -31.63
C LEU B 421 26.72 -19.11 -30.36
N SER B 422 25.59 -18.90 -29.69
CA SER B 422 25.54 -18.08 -28.49
C SER B 422 24.18 -18.25 -27.82
N VAL B 423 24.01 -17.56 -26.69
CA VAL B 423 22.72 -17.41 -26.02
C VAL B 423 22.59 -15.92 -25.70
N GLU B 424 21.79 -15.20 -26.47
CA GLU B 424 21.68 -13.76 -26.37
C GLU B 424 20.24 -13.33 -26.12
N VAL B 425 20.10 -12.13 -25.55
CA VAL B 425 18.81 -11.49 -25.38
C VAL B 425 18.50 -10.71 -26.65
N LEU B 426 17.26 -10.24 -26.78
CA LEU B 426 16.93 -9.34 -27.86
C LEU B 426 17.54 -7.97 -27.60
N PRO B 427 17.83 -7.20 -28.64
CA PRO B 427 18.34 -5.84 -28.42
C PRO B 427 17.32 -4.97 -27.70
N LYS B 428 17.83 -3.94 -27.02
CA LYS B 428 16.95 -3.05 -26.26
C LYS B 428 15.94 -2.34 -27.16
N LYS B 429 16.29 -2.13 -28.43
CA LYS B 429 15.36 -1.50 -29.37
C LYS B 429 14.09 -2.34 -29.50
N LEU B 430 14.23 -3.65 -29.66
CA LEU B 430 13.06 -4.53 -29.67
C LEU B 430 12.33 -4.48 -28.33
N ASP B 431 13.09 -4.49 -27.23
CA ASP B 431 12.49 -4.46 -25.90
C ASP B 431 11.64 -3.22 -25.71
N GLU B 432 12.16 -2.06 -26.13
CA GLU B 432 11.41 -0.81 -26.00
C GLU B 432 10.17 -0.80 -26.90
N GLU B 433 10.27 -1.41 -28.08
CA GLU B 433 9.12 -1.44 -28.99
C GLU B 433 7.96 -2.23 -28.40
N VAL B 434 8.26 -3.38 -27.79
CA VAL B 434 7.22 -4.15 -27.11
C VAL B 434 6.63 -3.35 -25.96
N ALA B 435 7.49 -2.66 -25.20
CA ALA B 435 7.01 -1.86 -24.08
C ALA B 435 6.09 -0.74 -24.55
N LEU B 436 6.44 -0.08 -25.66
CA LEU B 436 5.61 1.02 -26.14
C LEU B 436 4.21 0.55 -26.50
N GLU B 437 4.10 -0.65 -27.08
CA GLU B 437 2.78 -1.18 -27.41
C GLU B 437 2.00 -1.57 -26.16
N MET B 438 2.69 -2.01 -25.11
CA MET B 438 1.99 -2.31 -23.86
C MET B 438 1.50 -1.03 -23.19
N VAL B 439 2.33 0.02 -23.19
CA VAL B 439 1.92 1.29 -22.61
C VAL B 439 0.70 1.85 -23.33
N LYS B 440 0.69 1.73 -24.66
CA LYS B 440 -0.46 2.22 -25.42
C LYS B 440 -1.73 1.45 -25.07
N GLY B 441 -1.58 0.17 -24.70
CA GLY B 441 -2.75 -0.60 -24.27
C GLY B 441 -3.40 -0.05 -23.03
N PHE B 442 -2.60 0.53 -22.12
CA PHE B 442 -3.15 1.20 -20.94
C PHE B 442 -3.63 2.62 -21.25
N GLY B 443 -3.56 3.08 -22.49
CA GLY B 443 -3.84 4.46 -22.76
C GLY B 443 -2.75 5.42 -22.33
N GLY B 444 -1.57 4.92 -22.00
CA GLY B 444 -0.48 5.79 -21.61
C GLY B 444 0.11 6.53 -22.80
N VAL B 445 0.55 7.76 -22.54
CA VAL B 445 1.12 8.63 -23.56
C VAL B 445 2.58 8.86 -23.19
N VAL B 446 3.49 8.32 -24.01
CA VAL B 446 4.92 8.52 -23.81
C VAL B 446 5.32 9.87 -24.39
N THR B 447 6.23 10.56 -23.70
CA THR B 447 6.71 11.87 -24.13
C THR B 447 7.88 11.72 -25.08
N GLN B 448 7.91 12.57 -26.11
CA GLN B 448 8.99 12.61 -27.08
C GLN B 448 10.04 13.63 -26.66
N LEU B 449 11.30 13.22 -26.71
CA LEU B 449 12.40 14.13 -26.37
C LEU B 449 12.58 15.18 -27.45
N THR B 450 12.85 16.41 -27.02
CA THR B 450 13.27 17.43 -27.97
C THR B 450 14.71 17.14 -28.41
N PRO B 451 15.11 17.60 -29.59
CA PRO B 451 16.51 17.38 -30.01
C PRO B 451 17.53 17.92 -29.02
N LYS B 452 17.23 19.04 -28.36
CA LYS B 452 18.13 19.56 -27.34
C LYS B 452 18.18 18.64 -26.11
N GLN B 453 17.08 17.97 -25.80
CA GLN B 453 17.05 17.06 -24.66
C GLN B 453 17.76 15.75 -24.98
N ALA B 454 17.52 15.20 -26.17
CA ALA B 454 18.20 13.97 -26.56
C ALA B 454 19.71 14.18 -26.62
N GLU B 455 20.15 15.35 -27.07
CA GLU B 455 21.56 15.68 -27.05
C GLU B 455 22.07 15.83 -25.62
N TYR B 456 21.26 16.41 -24.75
CA TYR B 456 21.68 16.67 -23.37
C TYR B 456 22.06 15.38 -22.65
N ILE B 457 21.24 14.33 -22.80
CA ILE B 457 21.50 13.06 -22.15
C ILE B 457 22.16 12.05 -23.10
N GLY B 458 22.51 12.48 -24.31
CA GLY B 458 23.26 11.66 -25.24
C GLY B 458 22.55 10.41 -25.71
N VAL B 459 21.29 10.55 -26.16
CA VAL B 459 20.53 9.45 -26.71
C VAL B 459 19.88 9.91 -28.01
N SER B 460 19.39 8.95 -28.78
CA SER B 460 18.58 9.26 -29.95
C SER B 460 17.13 9.48 -29.54
N VAL B 461 16.44 10.33 -30.30
CA VAL B 461 15.03 10.61 -30.00
C VAL B 461 14.19 9.34 -30.10
N GLU B 462 14.58 8.43 -31.00
CA GLU B 462 13.85 7.18 -31.19
C GLU B 462 14.38 6.04 -30.33
N GLY B 463 15.32 6.30 -29.44
CA GLY B 463 15.88 5.28 -28.58
C GLY B 463 17.04 4.57 -29.25
N PRO B 464 17.66 3.60 -28.54
CA PRO B 464 17.38 3.17 -27.16
C PRO B 464 17.69 4.25 -26.12
N PHE B 465 16.91 4.29 -25.05
CA PHE B 465 17.00 5.36 -24.07
C PHE B 465 17.91 5.04 -22.90
N LYS B 466 18.40 3.80 -22.79
CA LYS B 466 19.24 3.38 -21.68
C LYS B 466 20.42 2.59 -22.21
N PRO B 467 21.59 2.71 -21.58
CA PRO B 467 22.70 1.81 -21.91
C PRO B 467 22.36 0.39 -21.48
N ASP B 468 23.05 -0.56 -22.11
CA ASP B 468 22.76 -1.97 -21.87
C ASP B 468 23.01 -2.38 -20.42
N THR B 469 23.78 -1.59 -19.67
CA THR B 469 24.04 -1.88 -18.26
C THR B 469 22.90 -1.45 -17.35
N TYR B 470 21.85 -0.83 -17.88
CA TYR B 470 20.78 -0.32 -17.04
C TYR B 470 19.89 -1.46 -16.55
N ARG B 471 19.48 -1.38 -15.29
CA ARG B 471 18.76 -2.45 -14.65
C ARG B 471 17.27 -2.16 -14.45
N TYR B 472 16.83 -0.92 -14.66
CA TYR B 472 15.43 -0.55 -14.47
C TYR B 472 14.94 -0.88 -13.06
N ALA C 11 41.30 26.14 17.16
CA ALA C 11 42.51 26.19 17.98
C ALA C 11 43.75 25.93 17.14
N GLY C 12 44.30 27.00 16.57
CA GLY C 12 45.47 26.89 15.72
C GLY C 12 45.16 26.48 14.30
N PHE C 13 44.10 25.70 14.14
CA PHE C 13 43.66 25.23 12.82
C PHE C 13 42.61 26.18 12.27
N THR C 14 42.94 26.87 11.19
CA THR C 14 42.02 27.81 10.55
C THR C 14 41.75 27.45 9.08
N ASP C 15 42.13 26.26 8.65
CA ASP C 15 42.07 25.88 7.24
C ASP C 15 40.69 25.29 6.90
N TYR C 16 39.68 26.15 6.96
CA TYR C 16 38.30 25.76 6.71
C TYR C 16 37.44 27.00 6.58
N LYS C 17 36.17 26.80 6.23
CA LYS C 17 35.18 27.86 6.32
C LYS C 17 33.80 27.21 6.40
N VAL C 18 33.11 27.39 7.53
CA VAL C 18 31.76 26.89 7.72
C VAL C 18 30.90 28.05 8.24
N ALA C 19 29.59 27.80 8.32
CA ALA C 19 28.66 28.82 8.79
C ALA C 19 28.95 29.17 10.25
N ASP C 20 29.00 28.18 11.12
CA ASP C 20 29.13 28.41 12.56
C ASP C 20 29.88 27.23 13.15
N ILE C 21 31.12 27.48 13.58
CA ILE C 21 31.95 26.41 14.14
C ILE C 21 31.43 25.94 15.50
N THR C 22 30.66 26.78 16.20
CA THR C 22 30.14 26.39 17.51
C THR C 22 29.04 25.35 17.41
N LEU C 23 28.61 25.00 16.20
CA LEU C 23 27.67 23.92 15.97
C LEU C 23 28.35 22.55 15.95
N ALA C 24 29.63 22.48 16.31
CA ALA C 24 30.37 21.24 16.17
C ALA C 24 29.90 20.17 17.16
N ALA C 25 29.69 20.55 18.43
CA ALA C 25 29.26 19.58 19.43
C ALA C 25 27.93 18.96 19.05
N TRP C 26 27.00 19.76 18.53
CA TRP C 26 25.73 19.22 18.04
C TRP C 26 25.98 18.23 16.90
N GLY C 27 26.85 18.61 15.95
CA GLY C 27 27.15 17.72 14.84
C GLY C 27 27.77 16.42 15.30
N ARG C 28 28.68 16.49 16.29
CA ARG C 28 29.33 15.29 16.79
C ARG C 28 28.29 14.32 17.37
N ARG C 29 27.30 14.84 18.10
CA ARG C 29 26.27 13.97 18.67
C ARG C 29 25.50 13.24 17.59
N GLU C 30 25.16 13.93 16.50
CA GLU C 30 24.43 13.27 15.41
C GLU C 30 25.34 12.34 14.61
N LEU C 31 26.64 12.61 14.56
CA LEU C 31 27.57 11.69 13.92
C LEU C 31 27.65 10.38 14.68
N ILE C 32 27.67 10.45 16.02
CA ILE C 32 27.69 9.24 16.82
C ILE C 32 26.42 8.43 16.59
N ILE C 33 25.28 9.11 16.42
CA ILE C 33 24.04 8.43 16.12
C ILE C 33 24.10 7.78 14.74
N ALA C 34 24.57 8.53 13.74
CA ALA C 34 24.62 8.00 12.38
C ALA C 34 25.55 6.80 12.28
N GLU C 35 26.60 6.76 13.08
CA GLU C 35 27.50 5.61 13.05
C GLU C 35 26.77 4.33 13.43
N SER C 36 25.86 4.40 14.40
CA SER C 36 25.06 3.23 14.75
C SER C 36 24.08 2.83 13.65
N GLU C 37 23.79 3.74 12.73
CA GLU C 37 22.87 3.48 11.63
C GLU C 37 23.58 3.04 10.35
N MET C 38 24.92 3.00 10.34
CA MET C 38 25.68 2.73 9.13
C MET C 38 26.64 1.56 9.37
N PRO C 39 26.11 0.34 9.47
CA PRO C 39 26.98 -0.79 9.84
C PRO C 39 27.96 -1.19 8.76
N ALA C 40 27.58 -1.11 7.48
CA ALA C 40 28.50 -1.46 6.41
C ALA C 40 29.70 -0.53 6.39
N LEU C 41 29.45 0.77 6.60
CA LEU C 41 30.55 1.72 6.62
C LEU C 41 31.42 1.55 7.86
N MET C 42 30.78 1.36 9.02
N MET C 42 30.80 1.33 9.01
CA MET C 42 31.54 1.10 10.24
CA MET C 42 31.59 1.13 10.23
C MET C 42 32.30 -0.21 10.15
C MET C 42 32.27 -0.23 10.22
N GLY C 43 31.72 -1.21 9.50
CA GLY C 43 32.40 -2.49 9.36
C GLY C 43 33.65 -2.38 8.52
N LEU C 44 33.62 -1.53 7.48
CA LEU C 44 34.83 -1.23 6.73
C LEU C 44 35.84 -0.49 7.58
N ARG C 45 35.36 0.45 8.41
CA ARG C 45 36.27 1.21 9.26
C ARG C 45 37.00 0.29 10.24
N ARG C 46 36.34 -0.77 10.72
CA ARG C 46 36.99 -1.70 11.63
C ARG C 46 37.80 -2.77 10.89
N LYS C 47 37.36 -3.17 9.70
CA LYS C 47 38.08 -4.21 8.97
C LYS C 47 39.44 -3.71 8.47
N TYR C 48 39.55 -2.43 8.13
CA TYR C 48 40.75 -1.89 7.51
C TYR C 48 41.50 -0.89 8.37
N ALA C 49 41.07 -0.68 9.62
CA ALA C 49 41.73 0.31 10.46
C ALA C 49 43.21 -0.01 10.66
N GLY C 50 43.52 -1.28 10.92
CA GLY C 50 44.92 -1.65 11.16
C GLY C 50 45.76 -1.60 9.92
N GLN C 51 45.20 -1.99 8.77
CA GLN C 51 45.97 -2.06 7.54
C GLN C 51 46.28 -0.68 6.96
N GLN C 52 45.47 0.33 7.29
CA GLN C 52 45.63 1.68 6.76
C GLN C 52 45.75 1.67 5.23
N PRO C 53 44.74 1.16 4.51
CA PRO C 53 44.89 1.04 3.05
C PRO C 53 44.95 2.37 2.33
N LEU C 54 44.49 3.45 2.97
CA LEU C 54 44.51 4.78 2.36
C LEU C 54 45.63 5.66 2.92
N LYS C 55 46.68 5.05 3.48
CA LYS C 55 47.83 5.82 3.93
C LYS C 55 48.55 6.41 2.71
N GLY C 56 48.73 7.73 2.73
CA GLY C 56 49.26 8.45 1.60
C GLY C 56 48.24 9.02 0.66
N ALA C 57 46.98 8.60 0.76
CA ALA C 57 45.93 9.13 -0.10
C ALA C 57 45.59 10.55 0.34
N LYS C 58 45.48 11.45 -0.63
CA LYS C 58 45.06 12.83 -0.42
C LYS C 58 43.87 13.06 -1.34
N ILE C 59 42.67 13.07 -0.75
CA ILE C 59 41.43 12.96 -1.51
C ILE C 59 40.76 14.33 -1.58
N LEU C 60 40.49 14.78 -2.80
CA LEU C 60 39.60 15.92 -3.00
C LEU C 60 38.16 15.43 -3.03
N GLY C 61 37.34 15.91 -2.11
CA GLY C 61 35.97 15.45 -1.95
C GLY C 61 35.00 16.57 -2.24
N CYS C 62 34.02 16.27 -3.09
CA CYS C 62 32.95 17.18 -3.44
C CYS C 62 31.64 16.39 -3.40
N ILE C 63 30.90 16.54 -2.30
CA ILE C 63 29.61 15.87 -2.11
C ILE C 63 28.91 16.51 -0.91
N HIS C 64 27.58 16.56 -0.96
CA HIS C 64 26.74 17.22 0.04
C HIS C 64 27.27 17.00 1.46
N MET C 65 27.60 18.11 2.13
CA MET C 65 28.22 18.06 3.46
C MET C 65 27.14 17.82 4.52
N THR C 66 26.62 16.59 4.52
CA THR C 66 25.63 16.15 5.48
C THR C 66 26.30 15.35 6.60
N ILE C 67 25.50 14.95 7.58
CA ILE C 67 25.99 14.07 8.63
C ILE C 67 26.48 12.76 8.04
N GLN C 68 25.77 12.24 7.05
CA GLN C 68 26.16 10.99 6.42
C GLN C 68 27.50 11.12 5.73
N THR C 69 27.72 12.24 5.04
CA THR C 69 29.02 12.49 4.43
C THR C 69 30.12 12.56 5.47
N GLY C 70 29.82 13.13 6.63
CA GLY C 70 30.82 13.19 7.69
C GLY C 70 31.28 11.82 8.14
N VAL C 71 30.36 10.85 8.19
CA VAL C 71 30.75 9.49 8.52
C VAL C 71 31.61 8.89 7.41
N LEU C 72 31.36 9.28 6.16
CA LEU C 72 32.22 8.86 5.07
C LEU C 72 33.61 9.49 5.18
N ILE C 73 33.66 10.79 5.51
CA ILE C 73 34.94 11.50 5.60
C ILE C 73 35.80 10.88 6.70
N GLU C 74 35.25 10.76 7.90
CA GLU C 74 36.02 10.21 9.02
C GLU C 74 36.36 8.74 8.83
N THR C 75 35.63 8.03 7.97
CA THR C 75 36.04 6.66 7.64
C THR C 75 37.26 6.67 6.73
N LEU C 76 37.27 7.55 5.71
CA LEU C 76 38.45 7.69 4.87
C LEU C 76 39.67 8.12 5.70
N VAL C 77 39.47 9.07 6.61
CA VAL C 77 40.58 9.52 7.46
C VAL C 77 41.02 8.41 8.40
N ALA C 78 40.06 7.67 8.95
CA ALA C 78 40.40 6.57 9.85
C ALA C 78 41.24 5.49 9.17
N LEU C 79 41.15 5.39 7.85
CA LEU C 79 41.94 4.42 7.10
C LEU C 79 43.25 5.02 6.59
N GLY C 80 43.59 6.25 7.01
CA GLY C 80 44.89 6.81 6.76
C GLY C 80 44.92 7.98 5.78
N ALA C 81 43.79 8.35 5.21
CA ALA C 81 43.79 9.36 4.16
C ALA C 81 43.75 10.77 4.72
N GLU C 82 44.25 11.71 3.93
CA GLU C 82 44.00 13.13 4.11
C GLU C 82 42.96 13.57 3.09
N VAL C 83 42.11 14.52 3.48
CA VAL C 83 41.02 14.97 2.63
C VAL C 83 40.90 16.49 2.67
N ARG C 84 40.33 17.04 1.60
CA ARG C 84 39.87 18.43 1.56
C ARG C 84 38.50 18.42 0.90
N TRP C 85 37.51 18.96 1.58
CA TRP C 85 36.12 18.67 1.27
C TRP C 85 35.32 19.95 0.99
N SER C 86 34.34 19.81 0.09
CA SER C 86 33.35 20.84 -0.15
C SER C 86 32.07 20.15 -0.57
N SER C 87 30.96 20.91 -0.56
CA SER C 87 29.67 20.37 -0.96
C SER C 87 29.46 20.55 -2.45
N CYS C 88 28.67 19.66 -3.04
CA CYS C 88 28.34 19.73 -4.46
C CYS C 88 27.00 20.43 -4.70
N ASN C 89 26.48 21.14 -3.71
CA ASN C 89 25.24 21.89 -3.86
C ASN C 89 25.20 23.00 -2.82
N ILE C 90 24.60 24.13 -3.20
CA ILE C 90 24.62 25.31 -2.35
C ILE C 90 23.69 25.19 -1.14
N PHE C 91 22.65 24.35 -1.23
CA PHE C 91 21.64 24.23 -0.19
C PHE C 91 21.70 22.92 0.60
N SER C 92 22.66 22.05 0.31
CA SER C 92 22.59 20.68 0.83
C SER C 92 23.41 20.46 2.09
N THR C 93 24.32 21.36 2.44
CA THR C 93 25.16 21.18 3.62
C THR C 93 24.33 21.27 4.89
N GLN C 94 24.59 20.36 5.82
CA GLN C 94 24.13 20.49 7.19
C GLN C 94 25.21 21.20 7.99
N ASP C 95 24.90 22.40 8.49
CA ASP C 95 25.94 23.25 9.07
C ASP C 95 26.55 22.63 10.33
N GLN C 96 25.79 21.79 11.05
CA GLN C 96 26.39 21.12 12.20
C GLN C 96 27.29 19.97 11.77
N ALA C 97 27.01 19.36 10.61
CA ALA C 97 27.92 18.35 10.09
C ALA C 97 29.23 18.97 9.63
N ALA C 98 29.15 20.13 8.96
CA ALA C 98 30.37 20.80 8.52
C ALA C 98 31.19 21.30 9.70
N ALA C 99 30.52 21.73 10.78
CA ALA C 99 31.24 22.24 11.94
C ALA C 99 31.98 21.13 12.68
N ALA C 100 31.35 19.96 12.84
CA ALA C 100 32.02 18.86 13.50
C ALA C 100 33.23 18.39 12.71
N ILE C 101 33.14 18.44 11.38
CA ILE C 101 34.27 18.04 10.55
C ILE C 101 35.41 19.04 10.67
N ALA C 102 35.09 20.34 10.61
CA ALA C 102 36.13 21.36 10.76
C ALA C 102 36.76 21.29 12.15
N ALA C 103 35.93 21.14 13.20
CA ALA C 103 36.46 21.01 14.54
C ALA C 103 37.28 19.74 14.72
N ALA C 104 37.12 18.76 13.84
CA ALA C 104 37.93 17.56 13.85
C ALA C 104 39.26 17.73 13.13
N GLY C 105 39.67 18.96 12.88
CA GLY C 105 40.93 19.20 12.18
C GLY C 105 40.93 18.75 10.74
N ILE C 106 39.79 18.88 10.06
CA ILE C 106 39.63 18.42 8.69
C ILE C 106 39.21 19.61 7.83
N PRO C 107 39.94 19.90 6.75
CA PRO C 107 39.58 21.05 5.91
C PRO C 107 38.26 20.82 5.20
N VAL C 108 37.27 21.65 5.52
CA VAL C 108 35.95 21.58 4.90
C VAL C 108 35.52 23.01 4.57
N PHE C 109 34.96 23.19 3.37
CA PHE C 109 34.49 24.50 2.89
C PHE C 109 33.08 24.28 2.34
N ALA C 110 32.08 24.47 3.18
CA ALA C 110 30.70 24.23 2.80
C ALA C 110 29.77 24.81 3.86
N TRP C 111 28.68 25.42 3.41
CA TRP C 111 27.63 25.86 4.31
C TRP C 111 26.31 25.90 3.54
N LYS C 112 25.20 25.87 4.28
CA LYS C 112 23.89 25.87 3.67
C LYS C 112 23.53 27.28 3.23
N GLY C 113 23.11 27.43 1.99
CA GLY C 113 22.75 28.73 1.45
C GLY C 113 23.88 29.48 0.79
N GLU C 114 24.81 28.79 0.14
CA GLU C 114 25.88 29.44 -0.59
C GLU C 114 25.33 30.16 -1.82
N THR C 115 26.07 31.18 -2.26
CA THR C 115 25.84 31.74 -3.59
C THR C 115 26.59 30.92 -4.63
N GLU C 116 26.33 31.22 -5.90
CA GLU C 116 27.03 30.52 -6.97
C GLU C 116 28.52 30.83 -6.97
N GLU C 117 28.91 32.05 -6.56
CA GLU C 117 30.32 32.39 -6.51
C GLU C 117 31.01 31.68 -5.35
N GLU C 118 30.40 31.71 -4.17
CA GLU C 118 30.97 31.03 -3.00
C GLU C 118 31.08 29.53 -3.26
N TYR C 119 30.12 28.95 -3.98
CA TYR C 119 30.18 27.54 -4.31
C TYR C 119 31.43 27.20 -5.10
N GLU C 120 31.71 27.97 -6.16
CA GLU C 120 32.94 27.79 -6.90
C GLU C 120 34.15 28.04 -6.02
N TRP C 121 34.06 29.04 -5.15
CA TRP C 121 35.17 29.36 -4.25
C TRP C 121 35.48 28.20 -3.31
N CYS C 122 34.44 27.48 -2.86
CA CYS C 122 34.66 26.37 -1.93
C CYS C 122 35.39 25.21 -2.60
N ILE C 123 35.01 24.88 -3.83
CA ILE C 123 35.74 23.84 -4.57
C ILE C 123 37.18 24.30 -4.80
N GLU C 124 37.38 25.59 -5.07
CA GLU C 124 38.73 26.10 -5.27
CA GLU C 124 38.73 26.10 -5.27
C GLU C 124 39.56 25.97 -4.00
N GLN C 125 38.93 26.14 -2.83
CA GLN C 125 39.69 26.07 -1.58
C GLN C 125 40.15 24.66 -1.27
N THR C 126 39.41 23.64 -1.68
CA THR C 126 39.91 22.27 -1.55
C THR C 126 41.06 22.03 -2.52
N ILE C 127 40.96 22.59 -3.73
CA ILE C 127 41.97 22.37 -4.74
C ILE C 127 43.29 23.01 -4.34
N LEU C 128 43.23 24.22 -3.77
CA LEU C 128 44.42 24.99 -3.44
C LEU C 128 44.64 25.02 -1.94
N LYS C 129 45.90 24.81 -1.52
CA LYS C 129 46.31 25.03 -0.14
C LYS C 129 47.38 26.11 -0.12
N ASP C 130 47.12 27.19 0.61
CA ASP C 130 48.04 28.32 0.73
C ASP C 130 48.31 28.97 -0.63
N GLY C 131 47.33 28.92 -1.53
CA GLY C 131 47.45 29.58 -2.82
C GLY C 131 48.12 28.76 -3.91
N GLN C 132 48.56 27.55 -3.61
CA GLN C 132 49.18 26.69 -4.60
C GLN C 132 48.45 25.35 -4.67
N PRO C 133 48.49 24.66 -5.80
CA PRO C 133 47.74 23.40 -5.93
C PRO C 133 48.15 22.38 -4.87
N TRP C 134 47.15 21.79 -4.22
CA TRP C 134 47.40 20.72 -3.27
C TRP C 134 47.93 19.49 -3.99
N ASP C 135 48.66 18.66 -3.25
CA ASP C 135 49.20 17.41 -3.80
C ASP C 135 48.15 16.29 -3.64
N ALA C 136 47.07 16.45 -4.38
CA ALA C 136 46.02 15.45 -4.37
C ALA C 136 46.40 14.26 -5.25
N ASN C 137 45.93 13.07 -4.87
CA ASN C 137 46.12 11.88 -5.68
C ASN C 137 44.85 11.06 -5.86
N MET C 138 43.73 11.52 -5.28
CA MET C 138 42.45 10.82 -5.38
C MET C 138 41.33 11.84 -5.44
N VAL C 139 40.21 11.46 -6.05
CA VAL C 139 39.08 12.36 -6.22
C VAL C 139 37.79 11.59 -5.91
N LEU C 140 36.95 12.17 -5.05
CA LEU C 140 35.61 11.70 -4.81
C LEU C 140 34.65 12.82 -5.21
N ASP C 141 33.69 12.52 -6.08
CA ASP C 141 32.87 13.54 -6.70
C ASP C 141 31.42 13.10 -6.76
N ASP C 142 30.52 14.06 -6.66
CA ASP C 142 29.07 13.84 -6.73
C ASP C 142 28.50 14.86 -7.71
N GLY C 143 28.31 14.43 -8.96
CA GLY C 143 27.78 15.28 -10.02
C GLY C 143 28.79 15.65 -11.09
N GLY C 144 30.08 15.63 -10.76
CA GLY C 144 31.12 15.89 -11.73
C GLY C 144 31.63 17.32 -11.78
N ASP C 145 31.14 18.21 -10.90
CA ASP C 145 31.60 19.59 -10.91
C ASP C 145 33.09 19.68 -10.59
N LEU C 146 33.54 18.97 -9.55
CA LEU C 146 34.95 18.97 -9.21
C LEU C 146 35.80 18.31 -10.29
N THR C 147 35.33 17.18 -10.82
CA THR C 147 36.03 16.54 -11.93
C THR C 147 36.15 17.49 -13.12
N GLU C 148 35.12 18.32 -13.35
CA GLU C 148 35.15 19.23 -14.48
C GLU C 148 36.15 20.37 -14.26
N ILE C 149 36.19 20.94 -13.06
CA ILE C 149 37.13 22.02 -12.77
C ILE C 149 38.56 21.53 -12.87
N LEU C 150 38.80 20.26 -12.52
CA LEU C 150 40.16 19.73 -12.58
C LEU C 150 40.64 19.56 -14.02
N HIS C 151 39.80 18.99 -14.88
CA HIS C 151 40.21 18.78 -16.26
C HIS C 151 40.37 20.10 -17.02
N LYS C 152 39.61 21.13 -16.65
CA LYS C 152 39.65 22.39 -17.37
C LYS C 152 40.69 23.36 -16.80
N LYS C 153 40.57 23.69 -15.52
CA LYS C 153 41.35 24.76 -14.92
C LYS C 153 42.64 24.32 -14.25
N TYR C 154 42.74 23.05 -13.82
CA TYR C 154 43.96 22.53 -13.20
C TYR C 154 44.36 21.18 -13.81
N PRO C 155 44.52 21.10 -15.13
CA PRO C 155 44.80 19.79 -15.75
C PRO C 155 46.12 19.19 -15.31
N GLN C 156 47.06 20.01 -14.83
CA GLN C 156 48.34 19.48 -14.37
CA GLN C 156 48.34 19.48 -14.37
C GLN C 156 48.19 18.65 -13.11
N MET C 157 47.15 18.91 -12.30
CA MET C 157 46.95 18.17 -11.07
C MET C 157 46.57 16.71 -11.34
N LEU C 158 45.84 16.45 -12.43
CA LEU C 158 45.42 15.10 -12.77
C LEU C 158 46.59 14.17 -13.08
N GLU C 159 47.79 14.71 -13.33
CA GLU C 159 48.95 13.86 -13.55
C GLU C 159 49.29 13.03 -12.32
N ARG C 160 48.94 13.51 -11.12
CA ARG C 160 49.28 12.82 -9.89
C ARG C 160 48.07 12.15 -9.23
N ILE C 161 46.93 12.10 -9.92
CA ILE C 161 45.69 11.58 -9.36
C ILE C 161 45.45 10.18 -9.91
N HIS C 162 45.16 9.24 -9.02
CA HIS C 162 45.08 7.82 -9.39
C HIS C 162 43.68 7.39 -9.82
N GLY C 163 42.63 8.11 -9.45
CA GLY C 163 41.30 7.72 -9.86
C GLY C 163 40.25 8.68 -9.33
N ILE C 164 39.05 8.54 -9.90
CA ILE C 164 37.87 9.28 -9.48
C ILE C 164 36.80 8.27 -9.08
N THR C 165 36.09 8.55 -7.99
CA THR C 165 34.96 7.74 -7.55
C THR C 165 33.72 8.62 -7.61
N GLU C 166 32.88 8.38 -8.62
CA GLU C 166 31.73 9.23 -8.92
C GLU C 166 30.47 8.64 -8.31
N GLU C 167 29.71 9.49 -7.61
CA GLU C 167 28.59 9.07 -6.76
C GLU C 167 27.28 8.90 -7.53
N THR C 168 26.94 9.80 -8.44
CA THR C 168 25.57 9.87 -8.94
C THR C 168 25.52 9.73 -10.45
N THR C 169 24.29 9.56 -10.95
CA THR C 169 24.06 9.23 -12.36
C THR C 169 24.53 10.34 -13.30
N THR C 170 24.21 11.59 -12.98
CA THR C 170 24.63 12.71 -13.82
C THR C 170 26.15 12.76 -13.94
N GLY C 171 26.86 12.51 -12.83
CA GLY C 171 28.31 12.52 -12.87
C GLY C 171 28.89 11.41 -13.73
N VAL C 172 28.29 10.22 -13.66
CA VAL C 172 28.77 9.10 -14.46
C VAL C 172 28.57 9.38 -15.94
N HIS C 173 27.47 10.04 -16.29
CA HIS C 173 27.24 10.40 -17.69
C HIS C 173 28.32 11.34 -18.20
N ARG C 174 28.68 12.35 -17.40
CA ARG C 174 29.73 13.28 -17.80
C ARG C 174 31.07 12.57 -17.95
N LEU C 175 31.34 11.56 -17.11
CA LEU C 175 32.57 10.79 -17.23
C LEU C 175 32.59 9.96 -18.50
N LEU C 176 31.45 9.35 -18.85
CA LEU C 176 31.40 8.50 -20.04
C LEU C 176 31.57 9.31 -21.31
N ASP C 177 31.04 10.54 -21.34
CA ASP C 177 31.24 11.40 -22.51
C ASP C 177 32.70 11.79 -22.66
N MET C 178 33.35 12.14 -21.54
CA MET C 178 34.78 12.47 -21.58
C MET C 178 35.61 11.26 -22.02
N LEU C 179 35.24 10.06 -21.54
CA LEU C 179 35.98 8.86 -21.93
C LEU C 179 35.85 8.59 -23.42
N LYS C 180 34.64 8.73 -23.97
CA LYS C 180 34.45 8.53 -25.40
C LYS C 180 35.23 9.55 -26.21
N ASN C 181 35.27 10.80 -25.75
CA ASN C 181 36.00 11.85 -26.43
C ASN C 181 37.49 11.83 -26.12
N GLY C 182 37.96 10.89 -25.30
CA GLY C 182 39.37 10.83 -24.98
C GLY C 182 39.88 11.95 -24.12
N THR C 183 38.99 12.68 -23.44
CA THR C 183 39.40 13.79 -22.58
C THR C 183 39.50 13.41 -21.11
N LEU C 184 39.11 12.20 -20.75
CA LEU C 184 39.24 11.73 -19.38
C LEU C 184 40.68 11.34 -19.10
N LYS C 185 41.33 12.01 -18.16
CA LYS C 185 42.75 11.81 -17.91
C LYS C 185 43.05 10.72 -16.89
N VAL C 186 42.10 10.37 -16.03
CA VAL C 186 42.33 9.36 -15.00
C VAL C 186 41.18 8.38 -14.99
N PRO C 187 41.39 7.13 -14.58
CA PRO C 187 40.30 6.16 -14.53
C PRO C 187 39.28 6.52 -13.45
N ALA C 188 38.09 5.92 -13.58
CA ALA C 188 37.00 6.22 -12.67
C ALA C 188 36.27 4.94 -12.32
N ILE C 189 35.62 4.94 -11.15
CA ILE C 189 34.74 3.87 -10.72
C ILE C 189 33.32 4.42 -10.62
N ASN C 190 32.39 3.77 -11.32
CA ASN C 190 30.97 4.11 -11.28
C ASN C 190 30.40 3.56 -9.99
N VAL C 191 30.47 4.36 -8.93
CA VAL C 191 29.87 3.95 -7.66
C VAL C 191 28.35 3.89 -7.77
N ASN C 192 27.77 4.72 -8.64
CA ASN C 192 26.31 4.79 -8.72
C ASN C 192 25.70 3.46 -9.12
N ASP C 193 26.33 2.74 -10.04
CA ASP C 193 25.74 1.55 -10.62
C ASP C 193 25.97 0.28 -9.80
N SER C 194 26.42 0.40 -8.55
CA SER C 194 26.32 -0.72 -7.62
C SER C 194 24.86 -0.91 -7.22
N VAL C 195 24.45 -2.17 -7.09
CA VAL C 195 23.05 -2.41 -6.73
C VAL C 195 22.76 -1.89 -5.33
N THR C 196 23.73 -1.95 -4.43
CA THR C 196 23.57 -1.34 -3.10
C THR C 196 23.66 0.16 -3.14
N LYS C 197 23.76 0.77 -4.32
CA LYS C 197 23.68 2.21 -4.46
C LYS C 197 22.50 2.59 -5.34
N SER C 198 22.53 2.26 -6.63
CA SER C 198 21.48 2.68 -7.55
C SER C 198 20.11 2.22 -7.09
N LYS C 199 19.98 0.93 -6.77
CA LYS C 199 18.71 0.36 -6.36
C LYS C 199 18.48 0.48 -4.86
N ASN C 200 19.21 1.38 -4.20
CA ASN C 200 19.07 1.61 -2.76
C ASN C 200 19.00 3.11 -2.51
N ASP C 201 20.12 3.80 -2.75
CA ASP C 201 20.17 5.25 -2.63
C ASP C 201 19.15 5.92 -3.55
N ASN C 202 19.30 5.72 -4.86
CA ASN C 202 18.56 6.52 -5.82
C ASN C 202 17.04 6.32 -5.66
N LYS C 203 16.62 5.11 -5.34
CA LYS C 203 15.19 4.80 -5.26
C LYS C 203 14.66 4.98 -3.84
N TYR C 204 15.11 4.10 -2.93
CA TYR C 204 14.57 4.12 -1.56
C TYR C 204 14.91 5.41 -0.84
N GLY C 205 16.06 6.01 -1.13
CA GLY C 205 16.41 7.28 -0.50
C GLY C 205 15.41 8.37 -0.83
N CYS C 206 15.04 8.48 -2.11
CA CYS C 206 14.07 9.49 -2.51
C CYS C 206 12.67 9.15 -2.00
N ARG C 207 12.37 7.86 -1.82
CA ARG C 207 11.11 7.49 -1.20
CA ARG C 207 11.11 7.48 -1.19
C ARG C 207 11.00 8.06 0.21
N HIS C 208 12.08 7.97 0.98
CA HIS C 208 12.10 8.49 2.35
C HIS C 208 12.07 10.01 2.36
N SER C 209 12.81 10.66 1.47
CA SER C 209 13.16 12.06 1.63
C SER C 209 12.36 13.03 0.76
N LEU C 210 11.59 12.55 -0.23
CA LEU C 210 10.85 13.48 -1.06
C LEU C 210 9.66 14.08 -0.29
N ASN C 211 8.78 13.22 0.24
CA ASN C 211 7.67 13.76 1.02
CA ASN C 211 7.66 13.75 1.03
C ASN C 211 8.16 14.43 2.30
N ASP C 212 9.30 14.00 2.82
CA ASP C 212 9.91 14.66 3.97
C ASP C 212 10.20 16.12 3.66
N ALA C 213 10.84 16.38 2.51
CA ALA C 213 11.21 17.75 2.16
C ALA C 213 9.98 18.62 1.91
N ILE C 214 8.95 18.05 1.28
CA ILE C 214 7.77 18.85 0.95
C ILE C 214 7.00 19.22 2.21
N LYS C 215 6.96 18.32 3.19
CA LYS C 215 6.28 18.63 4.45
C LYS C 215 7.02 19.72 5.21
N ARG C 216 8.35 19.64 5.31
CA ARG C 216 9.10 20.67 6.02
C ARG C 216 8.97 22.02 5.33
N GLY C 217 8.90 22.05 4.01
CA GLY C 217 8.83 23.28 3.27
C GLY C 217 7.45 23.93 3.27
N THR C 218 6.40 23.12 3.13
CA THR C 218 5.04 23.62 3.00
C THR C 218 4.08 23.14 4.07
N ASP C 219 4.36 22.01 4.74
CA ASP C 219 3.42 21.39 5.67
C ASP C 219 2.09 21.09 4.99
N HIS C 220 2.11 20.93 3.66
CA HIS C 220 0.90 20.68 2.90
C HIS C 220 0.45 19.23 3.06
N LEU C 221 -0.84 19.04 3.30
CA LEU C 221 -1.42 17.71 3.20
C LEU C 221 -1.22 17.19 1.79
N LEU C 222 -0.72 15.96 1.67
CA LEU C 222 -0.53 15.37 0.36
C LEU C 222 -1.64 14.41 -0.03
N SER C 223 -2.31 13.80 0.94
CA SER C 223 -3.37 12.83 0.65
C SER C 223 -4.49 13.46 -0.16
N GLY C 224 -4.93 12.77 -1.20
CA GLY C 224 -6.05 13.21 -1.99
C GLY C 224 -5.74 14.26 -3.05
N LYS C 225 -4.50 14.74 -3.12
CA LYS C 225 -4.11 15.74 -4.10
C LYS C 225 -3.46 15.08 -5.32
N GLN C 226 -3.33 15.86 -6.38
CA GLN C 226 -2.86 15.39 -7.67
C GLN C 226 -1.39 15.74 -7.85
N ALA C 227 -0.58 14.72 -8.14
CA ALA C 227 0.85 14.89 -8.35
C ALA C 227 1.22 14.40 -9.74
N LEU C 228 2.18 15.09 -10.36
CA LEU C 228 2.75 14.67 -11.64
C LEU C 228 4.25 14.48 -11.44
N VAL C 229 4.73 13.26 -11.67
CA VAL C 229 6.14 12.94 -11.56
C VAL C 229 6.71 12.83 -12.96
N ILE C 230 7.69 13.68 -13.27
CA ILE C 230 8.36 13.67 -14.56
C ILE C 230 9.57 12.74 -14.44
N GLY C 231 9.48 11.57 -15.06
CA GLY C 231 10.57 10.61 -15.03
C GLY C 231 10.23 9.44 -14.12
N TYR C 232 10.59 8.24 -14.57
CA TYR C 232 10.35 7.01 -13.82
C TYR C 232 11.59 6.12 -13.85
N GLY C 233 12.76 6.74 -13.79
CA GLY C 233 13.97 6.04 -13.47
C GLY C 233 14.01 5.64 -12.02
N ASP C 234 15.22 5.36 -11.53
CA ASP C 234 15.40 4.99 -10.13
C ASP C 234 14.87 6.08 -9.19
N VAL C 235 15.17 7.34 -9.50
CA VAL C 235 14.70 8.44 -8.66
C VAL C 235 13.21 8.64 -8.84
N GLY C 236 12.71 8.55 -10.08
CA GLY C 236 11.28 8.68 -10.31
C GLY C 236 10.47 7.57 -9.67
N LYS C 237 11.02 6.35 -9.64
CA LYS C 237 10.32 5.25 -8.99
C LYS C 237 10.10 5.54 -7.51
N GLY C 238 11.17 5.92 -6.80
CA GLY C 238 11.04 6.22 -5.38
C GLY C 238 10.28 7.50 -5.10
N SER C 239 10.40 8.49 -5.98
CA SER C 239 9.63 9.71 -5.83
C SER C 239 8.14 9.45 -5.98
N SER C 240 7.76 8.66 -6.99
CA SER C 240 6.35 8.32 -7.16
C SER C 240 5.83 7.52 -5.96
N GLN C 241 6.65 6.61 -5.44
CA GLN C 241 6.25 5.85 -4.27
CA GLN C 241 6.24 5.85 -4.28
C GLN C 241 6.14 6.75 -3.04
N SER C 242 7.05 7.73 -2.92
CA SER C 242 7.02 8.64 -1.79
C SER C 242 5.72 9.41 -1.73
N LEU C 243 5.19 9.81 -2.88
CA LEU C 243 3.93 10.55 -2.92
C LEU C 243 2.74 9.60 -2.87
N ARG C 244 2.82 8.47 -3.56
CA ARG C 244 1.69 7.54 -3.60
C ARG C 244 1.42 6.92 -2.23
N GLN C 245 2.47 6.64 -1.46
CA GLN C 245 2.27 6.08 -0.12
C GLN C 245 1.64 7.09 0.83
N GLU C 246 1.70 8.38 0.50
CA GLU C 246 1.03 9.43 1.26
C GLU C 246 -0.41 9.64 0.83
N GLY C 247 -0.88 8.92 -0.18
CA GLY C 247 -2.25 9.09 -0.64
C GLY C 247 -2.43 10.09 -1.76
N MET C 248 -1.36 10.47 -2.44
CA MET C 248 -1.51 11.31 -3.63
C MET C 248 -1.99 10.46 -4.80
N ILE C 249 -2.77 11.09 -5.68
CA ILE C 249 -3.08 10.52 -6.99
C ILE C 249 -1.93 10.91 -7.89
N VAL C 250 -1.10 9.93 -8.26
CA VAL C 250 0.18 10.18 -8.92
C VAL C 250 0.07 9.80 -10.38
N LYS C 251 0.40 10.74 -11.25
CA LYS C 251 0.56 10.49 -12.67
C LYS C 251 2.03 10.59 -13.03
N VAL C 252 2.46 9.78 -14.00
CA VAL C 252 3.86 9.65 -14.36
C VAL C 252 4.05 10.03 -15.83
N ALA C 253 5.11 10.79 -16.10
CA ALA C 253 5.55 11.08 -17.46
C ALA C 253 6.89 10.41 -17.71
N GLU C 254 7.09 9.95 -18.94
CA GLU C 254 8.34 9.29 -19.29
C GLU C 254 8.57 9.38 -20.80
N VAL C 255 9.85 9.37 -21.17
CA VAL C 255 10.26 9.19 -22.56
C VAL C 255 10.66 7.75 -22.84
N ASP C 256 11.01 6.98 -21.83
CA ASP C 256 11.40 5.58 -21.98
C ASP C 256 10.16 4.71 -21.87
N PRO C 257 9.78 3.98 -22.93
CA PRO C 257 8.56 3.15 -22.83
C PRO C 257 8.69 2.00 -21.86
N ILE C 258 9.92 1.50 -21.62
CA ILE C 258 10.10 0.42 -20.66
C ILE C 258 9.85 0.92 -19.24
N CYS C 259 10.41 2.08 -18.90
CA CYS C 259 10.09 2.69 -17.62
C CYS C 259 8.62 3.08 -17.55
N ALA C 260 8.05 3.50 -18.69
CA ALA C 260 6.62 3.78 -18.73
C ALA C 260 5.82 2.52 -18.49
N MET C 261 6.27 1.38 -19.04
N MET C 261 6.26 1.39 -19.04
CA MET C 261 5.58 0.12 -18.79
CA MET C 261 5.58 0.12 -18.79
C MET C 261 5.60 -0.23 -17.32
C MET C 261 5.60 -0.23 -17.32
N GLN C 262 6.72 0.04 -16.64
CA GLN C 262 6.80 -0.23 -15.21
C GLN C 262 5.85 0.66 -14.43
N ALA C 263 5.71 1.93 -14.83
CA ALA C 263 4.82 2.85 -14.13
C ALA C 263 3.37 2.39 -14.22
N CYS C 264 2.97 1.86 -15.38
CA CYS C 264 1.62 1.33 -15.53
C CYS C 264 1.40 0.13 -14.61
N MET C 265 2.30 -0.86 -14.68
CA MET C 265 2.19 -2.05 -13.85
C MET C 265 2.23 -1.71 -12.36
N ASP C 266 2.95 -0.66 -11.99
CA ASP C 266 2.99 -0.22 -10.61
C ASP C 266 1.74 0.52 -10.18
N GLY C 267 0.79 0.73 -11.09
CA GLY C 267 -0.48 1.33 -10.72
C GLY C 267 -0.57 2.82 -10.93
N PHE C 268 0.20 3.36 -11.86
CA PHE C 268 0.15 4.78 -12.17
C PHE C 268 -0.37 5.00 -13.59
N GLU C 269 -1.10 6.10 -13.75
CA GLU C 269 -1.52 6.57 -15.06
C GLU C 269 -0.37 7.31 -15.72
N VAL C 270 -0.01 6.92 -16.94
CA VAL C 270 1.11 7.51 -17.66
C VAL C 270 0.57 8.57 -18.59
N VAL C 271 0.95 9.83 -18.35
CA VAL C 271 0.47 10.97 -19.11
C VAL C 271 1.68 11.78 -19.58
N SER C 272 1.44 12.66 -20.55
CA SER C 272 2.45 13.59 -21.03
C SER C 272 1.97 15.02 -20.86
N PRO C 273 2.87 15.95 -20.50
CA PRO C 273 2.46 17.36 -20.41
C PRO C 273 2.05 17.96 -21.74
N TYR C 274 2.41 17.32 -22.85
CA TYR C 274 2.12 17.83 -24.18
C TYR C 274 1.11 16.92 -24.87
N LYS C 275 0.24 17.52 -25.68
CA LYS C 275 -0.74 16.76 -26.43
C LYS C 275 -0.03 15.76 -27.33
N ASN C 276 -0.36 14.47 -27.17
CA ASN C 276 0.27 13.38 -27.92
C ASN C 276 1.76 13.26 -27.63
N GLY C 277 2.23 13.91 -26.56
CA GLY C 277 3.61 13.86 -26.17
C GLY C 277 4.56 14.71 -26.97
N ILE C 278 4.06 15.47 -27.95
CA ILE C 278 4.92 16.24 -28.85
C ILE C 278 5.18 17.62 -28.24
N ASN C 279 6.45 17.89 -27.94
CA ASN C 279 6.88 19.18 -27.37
C ASN C 279 7.44 20.01 -28.52
N ASP C 280 6.57 20.83 -29.13
CA ASP C 280 6.98 21.69 -30.23
C ASP C 280 7.28 23.12 -29.81
N GLY C 281 7.22 23.42 -28.52
CA GLY C 281 7.58 24.73 -28.02
C GLY C 281 6.48 25.77 -28.04
N THR C 282 5.25 25.40 -28.38
CA THR C 282 4.14 26.32 -28.43
C THR C 282 3.22 26.11 -27.22
N GLU C 283 2.58 27.20 -26.77
CA GLU C 283 1.60 27.08 -25.71
C GLU C 283 0.45 26.16 -26.10
N ALA C 284 0.19 26.04 -27.41
CA ALA C 284 -0.89 25.19 -27.88
C ALA C 284 -0.60 23.70 -27.68
N SER C 285 0.67 23.31 -27.59
CA SER C 285 1.01 21.92 -27.38
C SER C 285 0.80 21.48 -25.93
N ILE C 286 0.56 22.41 -25.02
CA ILE C 286 0.47 22.08 -23.60
C ILE C 286 -0.93 21.55 -23.28
N ASP C 287 -0.98 20.40 -22.61
CA ASP C 287 -2.24 19.85 -22.12
C ASP C 287 -2.67 20.67 -20.92
N ALA C 288 -3.23 21.85 -21.20
CA ALA C 288 -3.64 22.77 -20.14
C ALA C 288 -4.66 22.13 -19.21
N ALA C 289 -5.52 21.26 -19.74
CA ALA C 289 -6.49 20.57 -18.89
C ALA C 289 -5.78 19.70 -17.85
N LEU C 290 -4.77 18.95 -18.28
CA LEU C 290 -4.02 18.11 -17.35
C LEU C 290 -3.25 18.96 -16.33
N LEU C 291 -2.48 19.93 -16.81
CA LEU C 291 -1.64 20.72 -15.91
C LEU C 291 -2.49 21.61 -15.00
N GLY C 292 -3.68 21.99 -15.43
CA GLY C 292 -4.59 22.74 -14.58
C GLY C 292 -5.17 21.95 -13.43
N LYS C 293 -4.89 20.64 -13.36
CA LYS C 293 -5.35 19.77 -12.29
C LYS C 293 -4.26 19.36 -11.33
N ILE C 294 -3.02 19.78 -11.57
CA ILE C 294 -1.86 19.26 -10.84
C ILE C 294 -1.57 20.16 -9.65
N ASP C 295 -1.56 19.55 -8.45
CA ASP C 295 -1.20 20.24 -7.23
C ASP C 295 0.30 20.22 -6.95
N LEU C 296 1.05 19.33 -7.59
CA LEU C 296 2.47 19.15 -7.28
C LEU C 296 3.15 18.48 -8.46
N ILE C 297 4.27 19.05 -8.89
CA ILE C 297 5.05 18.47 -9.98
C ILE C 297 6.48 18.28 -9.48
N VAL C 298 7.05 17.10 -9.77
CA VAL C 298 8.39 16.73 -9.33
C VAL C 298 9.17 16.25 -10.54
N THR C 299 10.35 16.80 -10.76
CA THR C 299 11.22 16.41 -11.85
C THR C 299 12.32 15.50 -11.33
N THR C 300 12.53 14.36 -12.00
CA THR C 300 13.44 13.32 -11.56
C THR C 300 14.36 12.84 -12.68
N THR C 301 14.51 13.63 -13.74
CA THR C 301 15.04 13.12 -15.00
C THR C 301 16.54 13.20 -15.12
N GLY C 302 17.17 14.23 -14.56
CA GLY C 302 18.55 14.50 -14.93
C GLY C 302 18.69 15.11 -16.31
N ASN C 303 17.59 15.48 -16.95
CA ASN C 303 17.58 16.13 -18.25
C ASN C 303 17.38 17.64 -18.04
N VAL C 304 17.15 18.37 -19.13
CA VAL C 304 17.04 19.81 -19.09
C VAL C 304 15.64 20.24 -19.51
N ASN C 305 15.08 21.19 -18.76
CA ASN C 305 13.85 21.89 -19.14
C ASN C 305 12.66 20.93 -19.30
N VAL C 306 12.58 19.93 -18.42
CA VAL C 306 11.44 19.00 -18.45
C VAL C 306 10.22 19.55 -17.73
N CYS C 307 10.34 20.72 -17.09
CA CYS C 307 9.21 21.49 -16.58
C CYS C 307 9.40 22.91 -17.12
N ASP C 308 9.04 23.11 -18.39
CA ASP C 308 9.40 24.32 -19.12
C ASP C 308 8.51 25.49 -18.72
N ALA C 309 8.66 26.61 -19.45
CA ALA C 309 7.91 27.82 -19.11
C ALA C 309 6.42 27.64 -19.34
N ASN C 310 6.04 27.08 -20.49
CA ASN C 310 4.62 26.93 -20.80
C ASN C 310 3.94 25.99 -19.81
N MET C 311 4.65 24.96 -19.34
CA MET C 311 4.10 24.10 -18.30
C MET C 311 3.87 24.89 -17.02
N LEU C 312 4.79 25.80 -16.69
CA LEU C 312 4.65 26.60 -15.48
C LEU C 312 3.46 27.56 -15.59
N LYS C 313 3.21 28.09 -16.79
CA LYS C 313 2.06 28.95 -16.98
C LYS C 313 0.74 28.18 -16.90
N ALA C 314 0.76 26.90 -17.25
CA ALA C 314 -0.46 26.10 -17.29
C ALA C 314 -0.75 25.40 -15.97
N LEU C 315 0.20 25.37 -15.03
CA LEU C 315 -0.01 24.66 -13.77
C LEU C 315 -1.14 25.30 -12.96
N LYS C 316 -1.83 24.46 -12.20
CA LYS C 316 -2.90 24.92 -11.32
C LYS C 316 -2.39 25.97 -10.33
N LYS C 317 -3.25 26.94 -10.02
CA LYS C 317 -2.90 27.96 -9.03
C LYS C 317 -2.49 27.31 -7.71
N ARG C 318 -1.45 27.88 -7.11
CA ARG C 318 -0.91 27.45 -5.81
C ARG C 318 -0.33 26.04 -5.85
N ALA C 319 0.04 25.55 -7.03
CA ALA C 319 0.72 24.27 -7.13
C ALA C 319 2.14 24.38 -6.59
N VAL C 320 2.68 23.24 -6.13
CA VAL C 320 4.05 23.13 -5.65
C VAL C 320 4.92 22.61 -6.78
N VAL C 321 6.10 23.20 -6.94
CA VAL C 321 7.06 22.82 -7.98
C VAL C 321 8.40 22.56 -7.31
N CYS C 322 8.98 21.39 -7.56
CA CYS C 322 10.28 21.05 -7.01
C CYS C 322 11.01 20.10 -7.94
N ASN C 323 12.31 19.96 -7.72
CA ASN C 323 13.18 19.09 -8.49
C ASN C 323 14.02 18.24 -7.55
N ILE C 324 14.18 16.97 -7.89
CA ILE C 324 14.99 16.07 -7.08
C ILE C 324 16.05 15.42 -7.97
N GLY C 325 16.18 15.91 -9.20
CA GLY C 325 17.34 15.59 -10.01
C GLY C 325 18.54 16.43 -9.59
N HIS C 326 19.70 16.13 -10.19
CA HIS C 326 20.94 16.70 -9.67
C HIS C 326 21.06 18.19 -9.94
N PHE C 327 20.59 18.67 -11.09
CA PHE C 327 20.77 20.06 -11.46
C PHE C 327 19.43 20.78 -11.57
N ASP C 328 19.45 22.09 -11.34
CA ASP C 328 18.24 22.88 -11.27
C ASP C 328 17.70 23.27 -12.64
N ASN C 329 18.39 22.93 -13.72
CA ASN C 329 17.92 23.27 -15.05
C ASN C 329 16.79 22.36 -15.54
N GLU C 330 16.37 21.38 -14.73
CA GLU C 330 15.19 20.60 -15.08
C GLU C 330 13.93 21.46 -15.09
N ILE C 331 13.93 22.53 -14.29
CA ILE C 331 12.84 23.50 -14.23
C ILE C 331 13.36 24.82 -14.79
N ASP C 332 12.55 25.47 -15.64
CA ASP C 332 12.94 26.74 -16.22
C ASP C 332 12.73 27.84 -15.18
N THR C 333 13.58 27.80 -14.15
CA THR C 333 13.54 28.83 -13.12
C THR C 333 14.00 30.17 -13.68
N ALA C 334 14.85 30.16 -14.71
CA ALA C 334 15.29 31.40 -15.33
C ALA C 334 14.12 32.19 -15.89
N PHE C 335 13.14 31.49 -16.48
CA PHE C 335 11.93 32.15 -16.95
C PHE C 335 11.19 32.82 -15.80
N MET C 336 11.10 32.14 -14.64
CA MET C 336 10.37 32.70 -13.52
C MET C 336 11.11 33.86 -12.88
N ARG C 337 12.45 33.79 -12.80
CA ARG C 337 13.21 34.93 -12.33
C ARG C 337 12.98 36.14 -13.22
N LYS C 338 12.86 35.91 -14.53
CA LYS C 338 12.76 37.01 -15.48
C LYS C 338 11.39 37.68 -15.44
N ASN C 339 10.32 36.90 -15.27
CA ASN C 339 8.99 37.41 -15.54
C ASN C 339 8.08 37.52 -14.31
N TRP C 340 8.33 36.76 -13.26
CA TRP C 340 7.41 36.72 -12.13
C TRP C 340 8.10 37.19 -10.86
N ALA C 341 7.30 37.68 -9.92
CA ALA C 341 7.80 38.20 -8.66
C ALA C 341 7.95 37.06 -7.65
N TRP C 342 9.06 37.08 -6.93
CA TRP C 342 9.37 36.05 -5.94
C TRP C 342 9.12 36.59 -4.53
N GLU C 343 8.33 35.86 -3.75
CA GLU C 343 8.08 36.18 -2.36
C GLU C 343 8.64 35.06 -1.51
N GLU C 344 9.61 35.39 -0.65
CA GLU C 344 10.18 34.39 0.25
C GLU C 344 9.22 34.16 1.40
N VAL C 345 8.62 32.97 1.44
CA VAL C 345 7.91 32.53 2.63
C VAL C 345 8.91 32.31 3.77
N LYS C 346 9.88 31.43 3.53
CA LYS C 346 10.97 31.17 4.45
C LYS C 346 12.14 30.65 3.63
N PRO C 347 13.35 30.52 4.23
CA PRO C 347 14.49 29.98 3.49
C PRO C 347 14.15 28.75 2.65
N GLN C 348 14.52 28.80 1.37
CA GLN C 348 14.28 27.75 0.39
C GLN C 348 12.79 27.51 0.11
N VAL C 349 11.94 28.50 0.38
CA VAL C 349 10.53 28.43 0.05
C VAL C 349 10.11 29.78 -0.52
N HIS C 350 9.72 29.81 -1.79
CA HIS C 350 9.40 31.04 -2.49
C HIS C 350 8.04 30.92 -3.17
N LYS C 351 7.14 31.85 -2.86
CA LYS C 351 5.93 32.03 -3.65
C LYS C 351 6.27 32.83 -4.89
N ILE C 352 5.91 32.28 -6.05
CA ILE C 352 6.25 32.89 -7.34
C ILE C 352 4.94 33.42 -7.94
N HIS C 353 4.77 34.74 -7.86
CA HIS C 353 3.51 35.36 -8.26
C HIS C 353 3.50 35.57 -9.78
N ARG C 354 2.55 34.93 -10.45
CA ARG C 354 2.43 35.01 -11.90
C ARG C 354 1.69 36.25 -12.38
N THR C 355 1.46 37.23 -11.51
CA THR C 355 0.75 38.45 -11.86
C THR C 355 1.65 39.56 -12.36
N GLY C 356 2.96 39.38 -12.33
CA GLY C 356 3.88 40.39 -12.81
C GLY C 356 5.23 40.23 -12.14
N LYS C 357 6.13 41.15 -12.51
CA LYS C 357 7.49 41.15 -11.99
C LYS C 357 7.73 42.19 -10.91
N ASP C 358 7.00 43.32 -10.94
CA ASP C 358 7.17 44.38 -9.96
C ASP C 358 6.20 44.14 -8.81
N GLY C 359 6.73 43.72 -7.66
CA GLY C 359 5.89 43.52 -6.50
C GLY C 359 4.79 42.50 -6.73
N PHE C 360 3.85 42.50 -5.78
CA PHE C 360 2.77 41.54 -5.78
C PHE C 360 1.77 41.96 -4.70
N ASP C 361 0.54 41.48 -4.86
CA ASP C 361 -0.42 41.57 -3.77
C ASP C 361 -0.08 40.51 -2.74
N ALA C 362 0.06 40.94 -1.47
CA ALA C 362 0.36 39.99 -0.42
C ALA C 362 -0.70 38.89 -0.34
N HIS C 363 -1.92 39.20 -0.76
CA HIS C 363 -3.01 38.24 -0.77
C HIS C 363 -3.34 37.78 -2.19
N ASN C 364 -2.36 37.79 -3.08
CA ASN C 364 -2.57 37.27 -4.43
C ASN C 364 -2.77 35.77 -4.39
N ASP C 365 -3.77 35.29 -5.14
CA ASP C 365 -4.09 33.87 -5.19
C ASP C 365 -3.36 33.15 -6.31
N ASP C 366 -2.88 33.87 -7.32
CA ASP C 366 -2.26 33.26 -8.50
C ASP C 366 -0.75 33.23 -8.27
N TYR C 367 -0.28 32.16 -7.62
CA TYR C 367 1.14 31.99 -7.36
C TYR C 367 1.49 30.52 -7.38
N LEU C 368 2.78 30.23 -7.53
CA LEU C 368 3.32 28.90 -7.38
C LEU C 368 4.27 28.88 -6.19
N ILE C 369 4.42 27.70 -5.58
CA ILE C 369 5.37 27.51 -4.49
C ILE C 369 6.53 26.69 -5.04
N LEU C 370 7.69 27.33 -5.13
CA LEU C 370 8.92 26.66 -5.57
C LEU C 370 9.76 26.32 -4.35
N LEU C 371 10.29 25.10 -4.33
CA LEU C 371 11.09 24.61 -3.22
C LEU C 371 12.56 24.57 -3.61
N ALA C 372 13.42 25.01 -2.69
CA ALA C 372 14.88 24.98 -2.84
C ALA C 372 15.36 25.74 -4.07
N GLU C 373 14.54 26.66 -4.59
CA GLU C 373 14.85 27.40 -5.80
C GLU C 373 15.21 26.48 -6.96
N GLY C 374 14.56 25.30 -7.00
CA GLY C 374 14.80 24.34 -8.06
C GLY C 374 15.94 23.38 -7.84
N ARG C 375 16.75 23.57 -6.79
CA ARG C 375 17.83 22.64 -6.49
C ARG C 375 17.26 21.37 -5.88
N LEU C 376 18.14 20.40 -5.58
CA LEU C 376 17.74 19.16 -4.93
C LEU C 376 16.86 19.43 -3.72
N VAL C 377 15.57 19.10 -3.84
CA VAL C 377 14.62 19.50 -2.80
C VAL C 377 14.81 18.69 -1.53
N ASN C 378 15.18 17.40 -1.65
CA ASN C 378 15.34 16.57 -0.45
C ASN C 378 16.49 17.05 0.41
N LEU C 379 17.59 17.49 -0.22
CA LEU C 379 18.70 18.06 0.53
C LEU C 379 18.48 19.54 0.83
N GLY C 380 17.78 20.25 -0.05
CA GLY C 380 17.57 21.68 0.17
C GLY C 380 16.57 21.98 1.26
N ASN C 381 15.47 21.22 1.30
CA ASN C 381 14.41 21.46 2.26
C ASN C 381 14.36 20.44 3.38
N ALA C 382 15.18 19.39 3.32
CA ALA C 382 15.29 18.45 4.43
C ALA C 382 16.75 18.07 4.63
N THR C 383 17.03 16.79 4.90
CA THR C 383 18.39 16.34 5.17
C THR C 383 18.85 15.25 4.20
N GLY C 384 18.21 15.14 3.04
CA GLY C 384 18.60 14.10 2.11
C GLY C 384 18.23 12.71 2.61
N HIS C 385 18.97 11.72 2.09
CA HIS C 385 18.71 10.33 2.42
C HIS C 385 19.09 10.03 3.86
N PRO C 386 18.43 9.06 4.49
CA PRO C 386 18.81 8.67 5.86
C PRO C 386 20.13 7.93 5.88
N SER C 387 20.71 7.88 7.08
CA SER C 387 22.04 7.29 7.25
C SER C 387 22.07 5.83 6.82
N ARG C 388 21.06 5.05 7.22
CA ARG C 388 21.09 3.62 6.95
C ARG C 388 21.00 3.32 5.45
N ILE C 389 20.43 4.23 4.66
CA ILE C 389 20.47 4.08 3.21
C ILE C 389 21.82 4.53 2.67
N MET C 390 22.28 5.72 3.06
CA MET C 390 23.58 6.21 2.60
C MET C 390 24.70 5.27 2.99
N ASP C 391 24.49 4.42 4.00
CA ASP C 391 25.49 3.43 4.39
C ASP C 391 25.93 2.57 3.21
N GLY C 392 24.98 2.15 2.37
CA GLY C 392 25.34 1.34 1.21
C GLY C 392 26.13 2.12 0.18
N SER C 393 25.68 3.35 -0.12
CA SER C 393 26.38 4.17 -1.10
C SER C 393 27.82 4.45 -0.68
N PHE C 394 28.00 4.89 0.57
CA PHE C 394 29.32 5.32 1.02
C PHE C 394 30.23 4.14 1.37
N ALA C 395 29.68 2.96 1.62
CA ALA C 395 30.53 1.77 1.71
C ALA C 395 31.10 1.43 0.34
N ASN C 396 30.31 1.59 -0.71
CA ASN C 396 30.84 1.41 -2.06
C ASN C 396 31.90 2.47 -2.38
N GLN C 397 31.73 3.69 -1.85
CA GLN C 397 32.71 4.73 -2.10
C GLN C 397 34.05 4.40 -1.47
N VAL C 398 34.04 3.90 -0.23
CA VAL C 398 35.28 3.53 0.44
C VAL C 398 35.97 2.39 -0.29
N LEU C 399 35.21 1.37 -0.68
CA LEU C 399 35.80 0.27 -1.45
C LEU C 399 36.34 0.78 -2.78
N ALA C 400 35.64 1.71 -3.42
CA ALA C 400 36.10 2.26 -4.68
C ALA C 400 37.37 3.10 -4.49
N GLN C 401 37.44 3.86 -3.41
CA GLN C 401 38.65 4.62 -3.13
C GLN C 401 39.84 3.71 -2.89
N ILE C 402 39.63 2.62 -2.15
CA ILE C 402 40.72 1.70 -1.86
C ILE C 402 41.25 1.04 -3.13
N HIS C 403 40.34 0.61 -4.01
CA HIS C 403 40.75 -0.10 -5.20
C HIS C 403 41.56 0.79 -6.14
N LEU C 404 41.08 2.01 -6.37
CA LEU C 404 41.76 2.90 -7.30
C LEU C 404 43.04 3.47 -6.70
N PHE C 405 43.07 3.72 -5.39
CA PHE C 405 44.31 4.19 -4.77
C PHE C 405 45.37 3.10 -4.74
N GLU C 406 44.97 1.86 -4.48
CA GLU C 406 45.93 0.77 -4.49
C GLU C 406 46.37 0.40 -5.90
N GLN C 407 45.59 0.77 -6.92
CA GLN C 407 46.01 0.51 -8.29
C GLN C 407 47.14 1.43 -8.70
N LYS C 408 47.15 2.67 -8.20
CA LYS C 408 48.22 3.64 -8.46
C LYS C 408 48.37 3.91 -9.96
N TYR C 409 47.30 4.45 -10.56
CA TYR C 409 47.30 4.68 -11.99
C TYR C 409 48.37 5.69 -12.41
N ALA C 410 48.52 6.77 -11.63
CA ALA C 410 49.47 7.81 -12.01
C ALA C 410 50.90 7.32 -12.06
N ASP C 411 51.21 6.23 -11.36
CA ASP C 411 52.56 5.68 -11.31
C ASP C 411 52.74 4.48 -12.22
N LEU C 412 51.75 4.15 -13.04
CA LEU C 412 51.85 3.01 -13.95
C LEU C 412 52.58 3.42 -15.22
N PRO C 413 53.16 2.46 -15.94
CA PRO C 413 53.70 2.74 -17.28
C PRO C 413 52.60 3.19 -18.24
N ALA C 414 53.04 3.70 -19.38
CA ALA C 414 52.10 4.24 -20.37
C ALA C 414 51.19 3.14 -20.92
N ALA C 415 51.77 2.00 -21.28
CA ALA C 415 50.97 0.90 -21.83
C ALA C 415 49.96 0.39 -20.81
N GLU C 416 50.36 0.32 -19.54
CA GLU C 416 49.44 -0.10 -18.50
C GLU C 416 48.40 0.98 -18.21
N LYS C 417 48.79 2.25 -18.34
CA LYS C 417 47.82 3.34 -18.19
C LYS C 417 46.69 3.21 -19.20
N ALA C 418 47.03 2.88 -20.44
CA ALA C 418 46.01 2.79 -21.49
C ALA C 418 45.09 1.59 -21.29
N LYS C 419 45.61 0.50 -20.71
CA LYS C 419 44.79 -0.68 -20.46
C LYS C 419 43.85 -0.52 -19.28
N ARG C 420 44.03 0.52 -18.46
CA ARG C 420 43.19 0.73 -17.28
C ARG C 420 42.49 2.08 -17.28
N LEU C 421 42.63 2.88 -18.34
CA LEU C 421 41.91 4.15 -18.45
C LEU C 421 40.49 3.84 -18.89
N SER C 422 39.61 3.65 -17.92
CA SER C 422 38.24 3.24 -18.20
C SER C 422 37.35 3.68 -17.05
N VAL C 423 36.05 3.45 -17.23
CA VAL C 423 35.04 3.69 -16.19
C VAL C 423 34.44 2.33 -15.83
N GLU C 424 34.64 1.91 -14.59
CA GLU C 424 34.29 0.56 -14.16
C GLU C 424 33.35 0.61 -12.95
N VAL C 425 32.72 -0.53 -12.69
CA VAL C 425 31.94 -0.72 -11.48
C VAL C 425 32.67 -1.73 -10.59
N LEU C 426 32.28 -1.75 -9.32
CA LEU C 426 32.86 -2.70 -8.39
C LEU C 426 32.43 -4.12 -8.73
N PRO C 427 33.22 -5.12 -8.34
CA PRO C 427 32.79 -6.51 -8.54
C PRO C 427 31.54 -6.83 -7.74
N LYS C 428 30.73 -7.76 -8.27
CA LYS C 428 29.49 -8.13 -7.61
C LYS C 428 29.72 -8.69 -6.22
N LYS C 429 30.86 -9.36 -6.00
CA LYS C 429 31.16 -9.90 -4.69
C LYS C 429 31.18 -8.82 -3.62
N LEU C 430 31.81 -7.68 -3.92
CA LEU C 430 31.82 -6.57 -2.98
C LEU C 430 30.43 -5.97 -2.81
N ASP C 431 29.65 -5.93 -3.89
CA ASP C 431 28.28 -5.45 -3.79
C ASP C 431 27.46 -6.34 -2.87
N GLU C 432 27.63 -7.67 -2.98
CA GLU C 432 26.91 -8.58 -2.11
C GLU C 432 27.38 -8.45 -0.66
N GLU C 433 28.67 -8.20 -0.45
CA GLU C 433 29.17 -8.09 0.92
C GLU C 433 28.70 -6.80 1.58
N VAL C 434 28.54 -5.72 0.81
CA VAL C 434 27.92 -4.52 1.35
C VAL C 434 26.46 -4.79 1.70
N ALA C 435 25.74 -5.45 0.79
CA ALA C 435 24.34 -5.77 1.05
C ALA C 435 24.17 -6.63 2.28
N LEU C 436 25.07 -7.59 2.50
CA LEU C 436 24.97 -8.48 3.64
C LEU C 436 25.03 -7.72 4.96
N GLU C 437 25.90 -6.73 5.04
CA GLU C 437 25.99 -5.94 6.27
C GLU C 437 24.78 -5.04 6.44
N MET C 438 24.20 -4.57 5.33
CA MET C 438 22.95 -3.80 5.42
C MET C 438 21.83 -4.68 5.96
N VAL C 439 21.71 -5.90 5.44
CA VAL C 439 20.65 -6.80 5.89
C VAL C 439 20.80 -7.11 7.38
N LYS C 440 22.03 -7.36 7.82
CA LYS C 440 22.25 -7.62 9.25
C LYS C 440 21.89 -6.41 10.10
N GLY C 441 22.07 -5.20 9.57
CA GLY C 441 21.66 -4.01 10.30
C GLY C 441 20.17 -3.97 10.56
N PHE C 442 19.37 -4.53 9.65
CA PHE C 442 17.95 -4.69 9.88
C PHE C 442 17.62 -5.89 10.76
N GLY C 443 18.61 -6.70 11.10
CA GLY C 443 18.34 -7.95 11.79
C GLY C 443 17.93 -9.09 10.89
N GLY C 444 17.97 -8.91 9.57
CA GLY C 444 17.70 -10.00 8.67
C GLY C 444 18.73 -11.10 8.74
N VAL C 445 18.30 -12.31 8.38
CA VAL C 445 19.16 -13.49 8.39
C VAL C 445 19.14 -14.09 6.99
N VAL C 446 20.32 -14.15 6.37
CA VAL C 446 20.47 -14.69 5.03
C VAL C 446 20.76 -16.18 5.14
N THR C 447 20.04 -16.97 4.34
CA THR C 447 20.21 -18.42 4.33
C THR C 447 21.46 -18.80 3.54
N GLN C 448 22.20 -19.79 4.04
CA GLN C 448 23.36 -20.31 3.34
C GLN C 448 22.94 -21.50 2.48
N LEU C 449 23.37 -21.48 1.22
CA LEU C 449 23.11 -22.60 0.32
C LEU C 449 23.83 -23.85 0.80
N THR C 450 23.19 -25.00 0.64
CA THR C 450 23.90 -26.26 0.82
C THR C 450 24.77 -26.52 -0.41
N PRO C 451 25.81 -27.37 -0.27
CA PRO C 451 26.65 -27.66 -1.44
C PRO C 451 25.87 -28.16 -2.65
N LYS C 452 24.83 -28.96 -2.44
CA LYS C 452 24.08 -29.48 -3.58
C LYS C 452 23.19 -28.40 -4.18
N GLN C 453 22.61 -27.54 -3.34
CA GLN C 453 21.83 -26.42 -3.87
C GLN C 453 22.70 -25.47 -4.66
N ALA C 454 23.91 -25.20 -4.17
CA ALA C 454 24.83 -24.31 -4.89
C ALA C 454 25.20 -24.91 -6.25
N GLU C 455 25.43 -26.22 -6.30
CA GLU C 455 25.72 -26.86 -7.57
C GLU C 455 24.49 -26.91 -8.47
N TYR C 456 23.30 -27.01 -7.88
CA TYR C 456 22.08 -27.11 -8.68
C TYR C 456 21.84 -25.85 -9.49
N ILE C 457 22.14 -24.68 -8.93
CA ILE C 457 21.96 -23.41 -9.64
C ILE C 457 23.25 -22.89 -10.23
N GLY C 458 24.36 -23.59 -10.05
CA GLY C 458 25.60 -23.23 -10.72
C GLY C 458 26.34 -22.05 -10.12
N VAL C 459 26.30 -21.89 -8.80
CA VAL C 459 27.01 -20.82 -8.10
C VAL C 459 27.84 -21.44 -6.98
N SER C 460 28.72 -20.60 -6.42
CA SER C 460 29.47 -20.95 -5.23
C SER C 460 28.66 -20.61 -3.98
N VAL C 461 28.84 -21.42 -2.93
CA VAL C 461 28.15 -21.17 -1.67
C VAL C 461 28.46 -19.77 -1.14
N GLU C 462 29.67 -19.27 -1.42
CA GLU C 462 30.08 -17.94 -0.98
C GLU C 462 29.56 -16.84 -1.89
N GLY C 463 29.08 -17.17 -3.09
CA GLY C 463 28.71 -16.17 -4.06
C GLY C 463 29.81 -15.99 -5.09
N PRO C 464 29.58 -15.12 -6.09
CA PRO C 464 28.34 -14.36 -6.32
C PRO C 464 27.19 -15.26 -6.76
N PHE C 465 25.96 -14.84 -6.47
CA PHE C 465 24.79 -15.67 -6.70
C PHE C 465 24.04 -15.34 -7.98
N LYS C 466 24.43 -14.28 -8.68
CA LYS C 466 23.78 -13.84 -9.91
C LYS C 466 24.82 -13.56 -10.98
N PRO C 467 24.48 -13.78 -12.24
CA PRO C 467 25.36 -13.34 -13.32
C PRO C 467 25.40 -11.82 -13.40
N ASP C 468 26.45 -11.31 -14.04
CA ASP C 468 26.58 -9.86 -14.20
C ASP C 468 25.44 -9.26 -15.00
N THR C 469 24.71 -10.08 -15.76
CA THR C 469 23.56 -9.60 -16.51
C THR C 469 22.31 -9.40 -15.66
N TYR C 470 22.30 -9.88 -14.42
CA TYR C 470 21.08 -9.83 -13.60
C TYR C 470 20.73 -8.40 -13.24
N ARG C 471 19.43 -8.09 -13.32
CA ARG C 471 18.94 -6.73 -13.10
C ARG C 471 18.32 -6.51 -11.73
N TYR C 472 18.05 -7.58 -10.97
CA TYR C 472 17.43 -7.47 -9.65
C TYR C 472 16.09 -6.73 -9.72
N GLY D 12 0.15 51.12 21.73
CA GLY D 12 1.20 50.23 22.20
C GLY D 12 0.66 48.95 22.82
N PHE D 13 0.26 48.01 21.97
CA PHE D 13 -0.31 46.76 22.44
C PHE D 13 0.79 45.86 23.00
N THR D 14 0.71 45.59 24.31
CA THR D 14 1.66 44.70 24.98
C THR D 14 0.97 43.58 25.74
N ASP D 15 -0.33 43.36 25.50
CA ASP D 15 -1.10 42.36 26.23
C ASP D 15 -0.93 40.99 25.56
N TYR D 16 0.29 40.48 25.65
CA TYR D 16 0.65 39.19 25.06
C TYR D 16 2.01 38.78 25.59
N LYS D 17 2.41 37.55 25.26
CA LYS D 17 3.74 37.06 25.60
C LYS D 17 4.11 35.97 24.59
N VAL D 18 5.05 36.27 23.71
CA VAL D 18 5.52 35.33 22.70
C VAL D 18 7.04 35.29 22.74
N ALA D 19 7.59 34.34 21.97
CA ALA D 19 9.05 34.15 21.97
C ALA D 19 9.74 35.27 21.22
N ASP D 20 9.28 35.58 20.01
CA ASP D 20 9.95 36.57 19.16
C ASP D 20 8.89 37.25 18.31
N ILE D 21 8.56 38.51 18.65
CA ILE D 21 7.54 39.24 17.92
C ILE D 21 7.98 39.55 16.49
N THR D 22 9.29 39.49 16.21
CA THR D 22 9.77 39.75 14.86
C THR D 22 9.44 38.62 13.89
N LEU D 23 9.03 37.47 14.38
CA LEU D 23 8.61 36.36 13.53
C LEU D 23 7.16 36.52 13.04
N ALA D 24 6.57 37.69 13.23
CA ALA D 24 5.16 37.88 12.88
C ALA D 24 4.96 37.86 11.37
N ALA D 25 5.83 38.57 10.63
CA ALA D 25 5.67 38.63 9.18
C ALA D 25 5.81 37.25 8.55
N TRP D 26 6.76 36.44 9.06
CA TRP D 26 6.83 35.04 8.63
C TRP D 26 5.54 34.31 8.96
N GLY D 27 5.01 34.51 10.17
CA GLY D 27 3.76 33.87 10.55
C GLY D 27 2.59 34.32 9.69
N ARG D 28 2.58 35.59 9.29
CA ARG D 28 1.50 36.09 8.45
C ARG D 28 1.56 35.49 7.05
N ARG D 29 2.78 35.34 6.49
CA ARG D 29 2.91 34.72 5.18
C ARG D 29 2.35 33.31 5.19
N GLU D 30 2.61 32.55 6.26
CA GLU D 30 2.10 31.19 6.33
C GLU D 30 0.61 31.15 6.66
N LEU D 31 0.11 32.14 7.40
CA LEU D 31 -1.33 32.20 7.65
C LEU D 31 -2.12 32.42 6.37
N ILE D 32 -1.58 33.23 5.45
CA ILE D 32 -2.25 33.46 4.18
C ILE D 32 -2.28 32.17 3.35
N ILE D 33 -1.20 31.38 3.42
CA ILE D 33 -1.19 30.10 2.72
C ILE D 33 -2.19 29.13 3.35
N ALA D 34 -2.21 29.05 4.68
CA ALA D 34 -3.11 28.11 5.35
C ALA D 34 -4.57 28.43 5.03
N GLU D 35 -4.92 29.71 4.89
CA GLU D 35 -6.27 30.08 4.54
C GLU D 35 -6.68 29.46 3.20
N SER D 36 -5.75 29.39 2.25
CA SER D 36 -6.04 28.73 0.98
C SER D 36 -6.20 27.23 1.14
N GLU D 37 -5.67 26.65 2.20
CA GLU D 37 -5.78 25.21 2.47
C GLU D 37 -6.98 24.86 3.33
N MET D 38 -7.79 25.83 3.75
CA MET D 38 -8.87 25.59 4.71
C MET D 38 -10.18 26.17 4.18
N PRO D 39 -10.78 25.53 3.17
CA PRO D 39 -12.00 26.09 2.58
C PRO D 39 -13.22 26.01 3.49
N ALA D 40 -13.36 24.95 4.29
CA ALA D 40 -14.50 24.88 5.20
C ALA D 40 -14.45 26.00 6.24
N LEU D 41 -13.28 26.19 6.84
CA LEU D 41 -13.14 27.24 7.86
C LEU D 41 -13.26 28.63 7.24
N MET D 42 -12.61 28.86 6.09
CA MET D 42 -12.71 30.17 5.45
C MET D 42 -14.10 30.41 4.88
N GLY D 43 -14.79 29.35 4.46
CA GLY D 43 -16.16 29.52 4.01
C GLY D 43 -17.08 29.96 5.14
N LEU D 44 -16.90 29.38 6.32
CA LEU D 44 -17.68 29.81 7.49
C LEU D 44 -17.38 31.25 7.85
N ARG D 45 -16.11 31.64 7.79
CA ARG D 45 -15.73 33.03 8.07
C ARG D 45 -16.47 33.99 7.14
N ARG D 46 -16.57 33.64 5.85
CA ARG D 46 -17.29 34.48 4.90
C ARG D 46 -18.80 34.38 5.08
N LYS D 47 -19.30 33.19 5.43
CA LYS D 47 -20.75 33.00 5.53
C LYS D 47 -21.34 33.83 6.67
N TYR D 48 -20.71 33.80 7.84
CA TYR D 48 -21.25 34.41 9.04
C TYR D 48 -20.68 35.80 9.33
N ALA D 49 -19.92 36.37 8.40
CA ALA D 49 -19.35 37.70 8.63
C ALA D 49 -20.44 38.74 8.82
N GLY D 50 -21.50 38.68 8.01
CA GLY D 50 -22.53 39.70 8.07
C GLY D 50 -23.35 39.64 9.34
N GLN D 51 -23.65 38.43 9.82
CA GLN D 51 -24.49 38.31 11.00
C GLN D 51 -23.73 38.66 12.27
N GLN D 52 -22.43 38.41 12.30
CA GLN D 52 -21.62 38.56 13.50
C GLN D 52 -22.21 37.75 14.66
N PRO D 53 -22.34 36.43 14.51
CA PRO D 53 -23.02 35.64 15.54
C PRO D 53 -22.24 35.55 16.85
N LEU D 54 -20.96 35.94 16.86
CA LEU D 54 -20.15 35.89 18.07
C LEU D 54 -19.87 37.28 18.64
N LYS D 55 -20.64 38.28 18.23
CA LYS D 55 -20.51 39.60 18.82
C LYS D 55 -20.92 39.55 20.29
N GLY D 56 -20.02 39.97 21.17
CA GLY D 56 -20.23 39.81 22.60
C GLY D 56 -19.63 38.55 23.19
N ALA D 57 -19.17 37.62 22.36
CA ALA D 57 -18.50 36.43 22.84
C ALA D 57 -17.09 36.79 23.30
N LYS D 58 -16.75 36.38 24.52
CA LYS D 58 -15.41 36.58 25.08
C LYS D 58 -14.84 35.20 25.37
N ILE D 59 -14.02 34.70 24.44
CA ILE D 59 -13.65 33.29 24.40
C ILE D 59 -12.29 33.10 25.07
N LEU D 60 -12.27 32.28 26.11
CA LEU D 60 -11.01 31.74 26.63
C LEU D 60 -10.63 30.54 25.76
N GLY D 61 -9.48 30.65 25.08
N GLY D 61 -9.48 30.65 25.08
CA GLY D 61 -9.03 29.60 24.20
CA GLY D 61 -9.03 29.60 24.20
C GLY D 61 -7.74 28.94 24.65
C GLY D 61 -7.74 28.94 24.65
N CYS D 62 -7.72 27.62 24.70
CA CYS D 62 -6.53 26.85 25.09
C CYS D 62 -6.37 25.70 24.12
N ILE D 63 -5.52 25.89 23.10
CA ILE D 63 -5.26 24.86 22.11
C ILE D 63 -3.95 25.22 21.41
N HIS D 64 -3.22 24.18 20.98
CA HIS D 64 -1.92 24.28 20.32
C HIS D 64 -1.81 25.50 19.41
N MET D 65 -0.98 26.47 19.81
CA MET D 65 -0.84 27.72 19.07
C MET D 65 -0.02 27.45 17.81
N THR D 66 -0.67 26.89 16.81
CA THR D 66 -0.08 26.60 15.51
C THR D 66 -0.60 27.61 14.48
N ILE D 67 -0.10 27.48 13.25
CA ILE D 67 -0.63 28.29 12.15
C ILE D 67 -2.11 27.99 11.94
N GLN D 68 -2.48 26.72 12.03
CA GLN D 68 -3.88 26.34 11.83
C GLN D 68 -4.77 26.95 12.91
N THR D 69 -4.28 26.98 14.16
CA THR D 69 -5.01 27.66 15.22
C THR D 69 -5.11 29.16 14.96
N GLY D 70 -4.09 29.74 14.31
CA GLY D 70 -4.18 31.14 13.95
C GLY D 70 -5.37 31.44 13.07
N VAL D 71 -5.64 30.58 12.09
CA VAL D 71 -6.79 30.78 11.22
C VAL D 71 -8.09 30.62 12.02
N LEU D 72 -8.11 29.68 12.96
CA LEU D 72 -9.28 29.51 13.81
C LEU D 72 -9.53 30.76 14.65
N ILE D 73 -8.47 31.29 15.25
CA ILE D 73 -8.59 32.49 16.08
C ILE D 73 -9.11 33.66 15.25
N GLU D 74 -8.50 33.89 14.09
CA GLU D 74 -8.90 35.04 13.27
C GLU D 74 -10.30 34.89 12.74
N THR D 75 -10.77 33.65 12.54
CA THR D 75 -12.16 33.45 12.15
C THR D 75 -13.10 33.84 13.28
N LEU D 76 -12.78 33.45 14.51
CA LEU D 76 -13.64 33.77 15.65
C LEU D 76 -13.74 35.27 15.86
N VAL D 77 -12.59 35.99 15.79
CA VAL D 77 -12.63 37.43 15.95
C VAL D 77 -13.37 38.09 14.79
N ALA D 78 -13.25 37.54 13.58
CA ALA D 78 -13.98 38.07 12.43
C ALA D 78 -15.49 37.91 12.55
N LEU D 79 -15.98 37.07 13.45
CA LEU D 79 -17.41 36.92 13.70
C LEU D 79 -17.88 37.69 14.92
N GLY D 80 -17.03 38.57 15.46
CA GLY D 80 -17.42 39.46 16.55
C GLY D 80 -16.86 39.11 17.91
N ALA D 81 -16.04 38.07 18.02
CA ALA D 81 -15.60 37.58 19.33
C ALA D 81 -14.29 38.23 19.76
N GLU D 82 -14.20 38.51 21.05
CA GLU D 82 -12.91 38.76 21.70
C GLU D 82 -12.38 37.45 22.25
N VAL D 83 -11.06 37.30 22.22
CA VAL D 83 -10.42 36.08 22.68
C VAL D 83 -9.17 36.42 23.49
N ARG D 84 -8.81 35.50 24.39
CA ARG D 84 -7.52 35.50 25.07
C ARG D 84 -6.99 34.08 25.00
N TRP D 85 -5.79 33.89 24.47
CA TRP D 85 -5.36 32.58 24.00
C TRP D 85 -4.09 32.10 24.68
N SER D 86 -3.99 30.78 24.78
CA SER D 86 -2.80 30.09 25.24
C SER D 86 -2.74 28.72 24.57
N SER D 87 -1.57 28.11 24.60
CA SER D 87 -1.42 26.76 24.07
C SER D 87 -1.79 25.72 25.11
N CYS D 88 -2.19 24.55 24.64
CA CYS D 88 -2.50 23.43 25.52
C CYS D 88 -1.35 22.40 25.58
N ASN D 89 -0.14 22.79 25.19
CA ASN D 89 1.03 21.95 25.34
C ASN D 89 2.27 22.82 25.26
N ILE D 90 3.29 22.45 26.05
CA ILE D 90 4.48 23.29 26.17
C ILE D 90 5.36 23.27 24.93
N PHE D 91 5.21 22.28 24.06
CA PHE D 91 6.06 22.13 22.89
C PHE D 91 5.32 22.33 21.57
N SER D 92 4.01 22.53 21.61
CA SER D 92 3.20 22.51 20.39
C SER D 92 3.14 23.85 19.67
N THR D 93 3.50 24.95 20.31
CA THR D 93 3.35 26.27 19.70
C THR D 93 4.34 26.45 18.55
N GLN D 94 3.85 26.96 17.43
CA GLN D 94 4.69 27.52 16.39
C GLN D 94 4.93 28.99 16.71
N ASP D 95 6.18 29.37 16.93
CA ASP D 95 6.48 30.70 17.43
C ASP D 95 6.05 31.78 16.43
N GLN D 96 6.16 31.49 15.12
CA GLN D 96 5.78 32.51 14.14
C GLN D 96 4.27 32.68 14.08
N ALA D 97 3.51 31.63 14.38
CA ALA D 97 2.06 31.78 14.45
C ALA D 97 1.64 32.63 15.64
N ALA D 98 2.27 32.40 16.80
CA ALA D 98 1.94 33.19 17.98
C ALA D 98 2.33 34.65 17.78
N ALA D 99 3.46 34.91 17.11
CA ALA D 99 3.88 36.28 16.86
C ALA D 99 2.91 37.00 15.95
N ALA D 100 2.44 36.33 14.89
CA ALA D 100 1.51 36.97 13.97
C ALA D 100 0.19 37.29 14.65
N ILE D 101 -0.27 36.40 15.54
CA ILE D 101 -1.52 36.64 16.26
C ILE D 101 -1.36 37.82 17.22
N ALA D 102 -0.27 37.84 17.98
CA ALA D 102 -0.03 38.95 18.89
C ALA D 102 0.14 40.26 18.13
N ALA D 103 0.82 40.23 16.98
CA ALA D 103 0.98 41.43 16.17
C ALA D 103 -0.35 41.94 15.63
N ALA D 104 -1.36 41.08 15.57
CA ALA D 104 -2.70 41.47 15.16
C ALA D 104 -3.50 42.10 16.31
N GLY D 105 -2.88 42.29 17.47
CA GLY D 105 -3.59 42.86 18.60
C GLY D 105 -4.47 41.88 19.34
N ILE D 106 -4.14 40.60 19.30
CA ILE D 106 -4.92 39.55 19.95
C ILE D 106 -4.11 39.04 21.14
N PRO D 107 -4.64 39.08 22.36
CA PRO D 107 -3.90 38.55 23.51
C PRO D 107 -3.63 37.06 23.35
N VAL D 108 -2.35 36.72 23.30
CA VAL D 108 -1.90 35.33 23.20
C VAL D 108 -0.63 35.18 24.03
N PHE D 109 -0.58 34.13 24.86
CA PHE D 109 0.55 33.85 25.72
C PHE D 109 1.01 32.43 25.43
N ALA D 110 2.02 32.29 24.57
CA ALA D 110 2.44 30.96 24.14
C ALA D 110 3.78 31.04 23.43
N TRP D 111 4.63 30.03 23.65
CA TRP D 111 5.86 29.85 22.89
C TRP D 111 6.27 28.39 22.96
N LYS D 112 7.14 27.99 22.05
CA LYS D 112 7.60 26.61 21.98
C LYS D 112 8.66 26.36 23.04
N GLY D 113 8.45 25.33 23.86
CA GLY D 113 9.41 25.01 24.90
C GLY D 113 9.14 25.63 26.25
N GLU D 114 7.87 25.84 26.60
CA GLU D 114 7.54 26.37 27.92
C GLU D 114 7.91 25.38 29.02
N THR D 115 8.22 25.92 30.19
CA THR D 115 8.28 25.08 31.38
C THR D 115 6.86 24.83 31.89
N GLU D 116 6.74 23.87 32.81
CA GLU D 116 5.43 23.61 33.40
C GLU D 116 4.90 24.83 34.14
N GLU D 117 5.79 25.57 34.80
CA GLU D 117 5.39 26.79 35.48
C GLU D 117 5.00 27.89 34.48
N GLU D 118 5.66 27.94 33.33
CA GLU D 118 5.27 28.91 32.31
C GLU D 118 3.97 28.51 31.64
N TYR D 119 3.70 27.20 31.53
CA TYR D 119 2.44 26.72 30.97
C TYR D 119 1.26 27.24 31.79
N GLU D 120 1.29 27.02 33.10
CA GLU D 120 0.19 27.51 33.95
CA GLU D 120 0.20 27.50 33.96
C GLU D 120 0.10 29.02 33.92
N TRP D 121 1.23 29.71 33.86
CA TRP D 121 1.23 31.16 33.81
C TRP D 121 0.55 31.68 32.55
N CYS D 122 0.71 30.96 31.43
CA CYS D 122 0.08 31.40 30.19
C CYS D 122 -1.44 31.27 30.26
N ILE D 123 -1.93 30.16 30.81
CA ILE D 123 -3.38 30.00 30.97
C ILE D 123 -3.94 31.05 31.92
N GLU D 124 -3.25 31.28 33.04
CA GLU D 124 -3.71 32.30 33.99
C GLU D 124 -3.74 33.69 33.36
N GLN D 125 -2.85 33.95 32.40
CA GLN D 125 -2.83 35.24 31.73
C GLN D 125 -4.06 35.44 30.86
N THR D 126 -4.63 34.36 30.32
CA THR D 126 -5.89 34.47 29.60
C THR D 126 -7.06 34.64 30.57
N ILE D 127 -7.03 33.90 31.69
CA ILE D 127 -8.11 33.97 32.66
C ILE D 127 -8.18 35.36 33.28
N LEU D 128 -7.03 35.93 33.64
CA LEU D 128 -6.97 37.20 34.35
C LEU D 128 -6.63 38.33 33.38
N LYS D 129 -7.33 39.46 33.53
CA LYS D 129 -7.04 40.67 32.78
C LYS D 129 -6.88 41.81 33.77
N ASP D 130 -5.68 42.37 33.83
CA ASP D 130 -5.35 43.46 34.76
C ASP D 130 -5.52 43.04 36.21
N GLY D 131 -5.08 41.82 36.52
CA GLY D 131 -5.13 41.30 37.87
C GLY D 131 -6.48 40.79 38.32
N GLN D 132 -7.55 41.06 37.58
CA GLN D 132 -8.89 40.61 37.92
C GLN D 132 -9.41 39.64 36.88
N PRO D 133 -10.33 38.74 37.25
CA PRO D 133 -10.84 37.78 36.28
C PRO D 133 -11.55 38.46 35.11
N TRP D 134 -11.20 38.04 33.91
CA TRP D 134 -11.84 38.56 32.70
C TRP D 134 -13.32 38.19 32.69
N ASP D 135 -14.13 39.05 32.07
CA ASP D 135 -15.56 38.76 31.94
C ASP D 135 -15.84 37.82 30.79
N ALA D 136 -15.18 36.67 30.79
CA ALA D 136 -15.35 35.69 29.72
C ALA D 136 -16.71 35.01 29.81
N ASN D 137 -17.21 34.55 28.66
CA ASN D 137 -18.46 33.82 28.61
C ASN D 137 -18.40 32.59 27.71
N MET D 138 -17.29 32.33 27.04
CA MET D 138 -17.13 31.15 26.21
C MET D 138 -15.75 30.55 26.45
N VAL D 139 -15.68 29.23 26.34
CA VAL D 139 -14.44 28.48 26.55
C VAL D 139 -14.22 27.57 25.35
N LEU D 140 -13.02 27.66 24.76
CA LEU D 140 -12.57 26.73 23.73
C LEU D 140 -11.34 26.02 24.28
N ASP D 141 -11.43 24.69 24.40
CA ASP D 141 -10.41 23.92 25.10
C ASP D 141 -10.01 22.71 24.29
N ASP D 142 -8.77 22.26 24.51
CA ASP D 142 -8.21 21.07 23.85
C ASP D 142 -7.42 20.32 24.91
N GLY D 143 -8.03 19.28 25.48
CA GLY D 143 -7.43 18.49 26.53
C GLY D 143 -8.05 18.67 27.89
N GLY D 144 -8.71 19.80 28.14
CA GLY D 144 -9.43 20.01 29.37
C GLY D 144 -8.66 20.74 30.46
N ASP D 145 -7.41 21.12 30.21
CA ASP D 145 -6.63 21.81 31.25
C ASP D 145 -7.28 23.14 31.63
N LEU D 146 -7.71 23.93 30.64
CA LEU D 146 -8.35 25.20 30.94
C LEU D 146 -9.69 25.00 31.64
N THR D 147 -10.50 24.05 31.16
CA THR D 147 -11.75 23.72 31.84
C THR D 147 -11.48 23.31 33.29
N GLU D 148 -10.41 22.53 33.50
CA GLU D 148 -10.06 22.08 34.85
C GLU D 148 -9.69 23.27 35.75
N ILE D 149 -8.84 24.16 35.25
CA ILE D 149 -8.41 25.31 36.05
C ILE D 149 -9.60 26.20 36.39
N LEU D 150 -10.53 26.37 35.44
CA LEU D 150 -11.71 27.19 35.70
C LEU D 150 -12.58 26.58 36.80
N HIS D 151 -12.92 25.30 36.67
CA HIS D 151 -13.85 24.69 37.61
C HIS D 151 -13.29 24.69 39.03
N LYS D 152 -11.98 24.51 39.17
CA LYS D 152 -11.39 24.25 40.48
C LYS D 152 -10.61 25.43 41.06
N LYS D 153 -10.31 26.45 40.25
CA LYS D 153 -9.66 27.65 40.76
C LYS D 153 -10.45 28.93 40.50
N TYR D 154 -11.37 28.95 39.54
CA TYR D 154 -12.19 30.12 39.24
C TYR D 154 -13.64 29.73 39.01
N PRO D 155 -14.28 29.07 39.99
CA PRO D 155 -15.65 28.59 39.76
C PRO D 155 -16.66 29.72 39.61
N GLN D 156 -16.39 30.90 40.16
CA GLN D 156 -17.30 32.02 40.00
C GLN D 156 -17.34 32.51 38.55
N MET D 157 -16.25 32.34 37.80
CA MET D 157 -16.24 32.75 36.40
C MET D 157 -17.19 31.89 35.56
N LEU D 158 -17.38 30.63 35.94
CA LEU D 158 -18.27 29.75 35.19
C LEU D 158 -19.73 30.19 35.27
N GLU D 159 -20.08 31.00 36.28
CA GLU D 159 -21.45 31.50 36.37
C GLU D 159 -21.80 32.41 35.21
N ARG D 160 -20.81 32.93 34.49
CA ARG D 160 -21.05 33.82 33.36
C ARG D 160 -20.68 33.19 32.02
N ILE D 161 -20.26 31.92 32.00
CA ILE D 161 -19.83 31.24 30.80
C ILE D 161 -20.98 30.43 30.25
N HIS D 162 -21.21 30.53 28.94
CA HIS D 162 -22.34 29.87 28.30
C HIS D 162 -22.06 28.43 27.91
N GLY D 163 -20.80 28.08 27.63
CA GLY D 163 -20.51 26.71 27.23
C GLY D 163 -19.03 26.52 26.97
N ILE D 164 -18.68 25.26 26.73
CA ILE D 164 -17.31 24.85 26.40
C ILE D 164 -17.36 24.04 25.11
N THR D 165 -16.37 24.24 24.24
CA THR D 165 -16.24 23.46 23.02
C THR D 165 -14.89 22.74 23.08
N GLU D 166 -14.92 21.43 23.34
CA GLU D 166 -13.72 20.65 23.62
C GLU D 166 -13.27 19.90 22.37
N GLU D 167 -11.95 19.92 22.13
CA GLU D 167 -11.41 19.48 20.86
C GLU D 167 -11.18 17.96 20.81
N THR D 168 -10.59 17.40 21.85
CA THR D 168 -9.94 16.09 21.72
C THR D 168 -10.58 15.04 22.61
N THR D 169 -10.22 13.78 22.31
CA THR D 169 -10.81 12.64 23.00
C THR D 169 -10.58 12.71 24.51
N THR D 170 -9.35 13.04 24.92
CA THR D 170 -9.05 13.11 26.35
C THR D 170 -9.90 14.14 27.06
N GLY D 171 -10.07 15.31 26.44
CA GLY D 171 -10.90 16.35 27.05
C GLY D 171 -12.35 15.93 27.16
N VAL D 172 -12.86 15.22 26.15
CA VAL D 172 -14.24 14.75 26.19
C VAL D 172 -14.45 13.80 27.36
N HIS D 173 -13.51 12.87 27.56
CA HIS D 173 -13.61 11.94 28.67
C HIS D 173 -13.68 12.68 30.00
N ARG D 174 -12.87 13.74 30.15
CA ARG D 174 -12.88 14.51 31.38
C ARG D 174 -14.21 15.24 31.58
N LEU D 175 -14.79 15.74 30.48
CA LEU D 175 -16.11 16.36 30.57
C LEU D 175 -17.17 15.37 31.01
N LEU D 176 -17.14 14.16 30.45
CA LEU D 176 -18.14 13.16 30.79
C LEU D 176 -17.99 12.68 32.23
N ASP D 177 -16.76 12.64 32.75
CA ASP D 177 -16.57 12.27 34.14
CA ASP D 177 -16.56 12.28 34.14
C ASP D 177 -17.13 13.34 35.08
N MET D 178 -16.96 14.62 34.71
CA MET D 178 -17.51 15.69 35.53
C MET D 178 -19.03 15.67 35.50
N LEU D 179 -19.61 15.41 34.32
CA LEU D 179 -21.06 15.33 34.22
C LEU D 179 -21.60 14.15 35.02
N LYS D 180 -20.96 12.99 34.94
CA LYS D 180 -21.43 11.82 35.67
C LYS D 180 -21.34 12.03 37.18
N ASN D 181 -20.43 12.88 37.63
CA ASN D 181 -20.25 13.14 39.05
C ASN D 181 -20.87 14.46 39.50
N GLY D 182 -21.57 15.16 38.60
CA GLY D 182 -22.28 16.37 38.98
C GLY D 182 -21.41 17.59 39.20
N THR D 183 -20.17 17.58 38.71
CA THR D 183 -19.25 18.69 38.91
C THR D 183 -19.13 19.59 37.68
N LEU D 184 -19.76 19.22 36.56
CA LEU D 184 -19.74 20.06 35.37
C LEU D 184 -20.72 21.22 35.55
N LYS D 185 -20.22 22.44 35.42
CA LYS D 185 -21.02 23.63 35.73
C LYS D 185 -21.64 24.29 34.50
N VAL D 186 -21.10 24.06 33.31
CA VAL D 186 -21.63 24.65 32.09
C VAL D 186 -21.75 23.56 31.03
N PRO D 187 -22.63 23.74 30.05
CA PRO D 187 -22.76 22.73 29.00
C PRO D 187 -21.58 22.75 28.05
N ALA D 188 -21.42 21.65 27.32
CA ALA D 188 -20.28 21.49 26.43
C ALA D 188 -20.72 20.84 25.13
N ILE D 189 -19.98 21.13 24.07
CA ILE D 189 -20.14 20.46 22.78
C ILE D 189 -18.90 19.60 22.53
N ASN D 190 -19.13 18.32 22.26
CA ASN D 190 -18.07 17.37 21.91
C ASN D 190 -17.74 17.57 20.44
N VAL D 191 -16.73 18.42 20.18
CA VAL D 191 -16.28 18.65 18.81
C VAL D 191 -15.53 17.44 18.27
N ASN D 192 -14.95 16.62 19.15
CA ASN D 192 -14.13 15.50 18.69
C ASN D 192 -14.94 14.51 17.86
N ASP D 193 -16.15 14.17 18.31
CA ASP D 193 -16.89 13.08 17.71
C ASP D 193 -17.66 13.46 16.45
N SER D 194 -17.48 14.67 15.92
CA SER D 194 -17.90 14.92 14.55
C SER D 194 -17.06 14.06 13.62
N VAL D 195 -17.70 13.50 12.59
CA VAL D 195 -16.99 12.59 11.71
C VAL D 195 -15.88 13.33 10.96
N THR D 196 -16.15 14.58 10.57
CA THR D 196 -15.12 15.41 9.95
C THR D 196 -14.05 15.85 10.95
N LYS D 197 -14.15 15.45 12.21
CA LYS D 197 -13.09 15.65 13.19
C LYS D 197 -12.44 14.32 13.54
N SER D 198 -13.16 13.44 14.25
CA SER D 198 -12.56 12.20 14.76
C SER D 198 -11.97 11.36 13.63
N LYS D 199 -12.76 11.09 12.60
CA LYS D 199 -12.32 10.21 11.53
C LYS D 199 -11.51 10.93 10.46
N ASN D 200 -11.01 12.13 10.78
CA ASN D 200 -10.21 12.92 9.86
C ASN D 200 -8.99 13.47 10.59
N ASP D 201 -9.24 14.31 11.60
CA ASP D 201 -8.16 14.81 12.45
C ASP D 201 -7.42 13.67 13.14
N ASN D 202 -8.15 12.87 13.93
CA ASN D 202 -7.48 11.88 14.78
C ASN D 202 -6.79 10.80 13.95
N LYS D 203 -7.35 10.43 12.79
CA LYS D 203 -6.78 9.34 12.00
C LYS D 203 -5.80 9.86 10.94
N TYR D 204 -6.31 10.56 9.94
CA TYR D 204 -5.45 11.00 8.83
C TYR D 204 -4.44 12.04 9.28
N GLY D 205 -4.76 12.84 10.30
CA GLY D 205 -3.80 13.81 10.79
C GLY D 205 -2.54 13.15 11.33
N CYS D 206 -2.70 12.07 12.10
CA CYS D 206 -1.54 11.35 12.61
C CYS D 206 -0.85 10.55 11.51
N ARG D 207 -1.60 10.09 10.51
CA ARG D 207 -0.98 9.45 9.36
C ARG D 207 0.04 10.38 8.70
N HIS D 208 -0.30 11.66 8.61
CA HIS D 208 0.57 12.65 7.97
C HIS D 208 1.71 13.06 8.90
N SER D 209 1.41 13.33 10.17
CA SER D 209 2.36 14.01 11.04
C SER D 209 3.19 13.08 11.92
N LEU D 210 2.83 11.81 12.05
CA LEU D 210 3.62 10.93 12.91
C LEU D 210 4.99 10.66 12.30
N ASN D 211 5.03 10.06 11.10
CA ASN D 211 6.33 9.82 10.47
CA ASN D 211 6.31 9.82 10.45
C ASN D 211 7.05 11.12 10.18
N ASP D 212 6.31 12.22 10.01
CA ASP D 212 6.92 13.53 9.80
C ASP D 212 7.75 13.94 11.00
N ALA D 213 7.20 13.78 12.21
CA ALA D 213 7.91 14.16 13.43
C ALA D 213 9.10 13.24 13.68
N ILE D 214 8.96 11.95 13.41
CA ILE D 214 10.06 11.02 13.63
C ILE D 214 11.22 11.35 12.70
N LYS D 215 10.92 11.72 11.45
CA LYS D 215 11.98 12.06 10.51
C LYS D 215 12.71 13.33 10.93
N ARG D 216 11.97 14.35 11.37
CA ARG D 216 12.62 15.60 11.75
C ARG D 216 13.45 15.43 13.01
N GLY D 217 12.99 14.60 13.95
CA GLY D 217 13.70 14.43 15.21
C GLY D 217 14.96 13.61 15.07
N THR D 218 14.87 12.49 14.35
CA THR D 218 15.95 11.52 14.28
C THR D 218 16.51 11.31 12.88
N ASP D 219 15.75 11.58 11.82
CA ASP D 219 16.16 11.32 10.44
C ASP D 219 16.47 9.83 10.23
N HIS D 220 15.83 8.97 11.01
CA HIS D 220 16.01 7.53 10.88
C HIS D 220 15.32 7.01 9.63
N LEU D 221 15.99 6.10 8.93
CA LEU D 221 15.29 5.28 7.95
C LEU D 221 14.25 4.43 8.67
N LEU D 222 13.02 4.44 8.18
CA LEU D 222 11.96 3.66 8.80
C LEU D 222 11.69 2.35 8.09
N SER D 223 11.90 2.29 6.78
CA SER D 223 11.61 1.08 6.02
C SER D 223 12.43 -0.09 6.54
N GLY D 224 11.77 -1.25 6.69
CA GLY D 224 12.44 -2.46 7.08
C GLY D 224 12.70 -2.63 8.56
N LYS D 225 12.34 -1.65 9.39
CA LYS D 225 12.53 -1.74 10.83
C LYS D 225 11.23 -2.15 11.51
N GLN D 226 11.35 -2.54 12.78
CA GLN D 226 10.24 -3.06 13.56
C GLN D 226 9.64 -1.96 14.43
N ALA D 227 8.32 -1.77 14.31
CA ALA D 227 7.61 -0.80 15.11
C ALA D 227 6.53 -1.49 15.93
N LEU D 228 6.25 -0.93 17.10
CA LEU D 228 5.16 -1.40 17.95
C LEU D 228 4.27 -0.20 18.29
N VAL D 229 3.02 -0.26 17.86
CA VAL D 229 2.05 0.81 18.12
C VAL D 229 1.12 0.34 19.23
N ILE D 230 1.09 1.08 20.33
CA ILE D 230 0.23 0.76 21.46
C ILE D 230 -1.10 1.48 21.26
N GLY D 231 -2.13 0.72 20.93
CA GLY D 231 -3.45 1.28 20.70
C GLY D 231 -3.80 1.24 19.22
N TYR D 232 -5.07 1.01 18.94
CA TYR D 232 -5.56 1.01 17.56
C TYR D 232 -6.91 1.70 17.50
N GLY D 233 -7.05 2.83 18.20
CA GLY D 233 -8.18 3.71 18.03
C GLY D 233 -7.99 4.54 16.78
N ASP D 234 -8.63 5.71 16.75
CA ASP D 234 -8.49 6.60 15.60
C ASP D 234 -7.04 7.03 15.43
N VAL D 235 -6.40 7.47 16.52
CA VAL D 235 -5.00 7.87 16.45
C VAL D 235 -4.11 6.68 16.16
N GLY D 236 -4.41 5.52 16.76
CA GLY D 236 -3.61 4.33 16.54
C GLY D 236 -3.70 3.81 15.11
N LYS D 237 -4.90 3.84 14.52
CA LYS D 237 -5.04 3.47 13.12
C LYS D 237 -4.19 4.37 12.23
N GLY D 238 -4.32 5.68 12.37
CA GLY D 238 -3.56 6.59 11.54
C GLY D 238 -2.06 6.50 11.79
N SER D 239 -1.67 6.29 13.04
CA SER D 239 -0.25 6.11 13.36
C SER D 239 0.30 4.85 12.73
N SER D 240 -0.44 3.74 12.80
CA SER D 240 0.02 2.49 12.22
C SER D 240 0.24 2.61 10.73
N GLN D 241 -0.67 3.30 10.03
CA GLN D 241 -0.50 3.51 8.59
C GLN D 241 0.65 4.46 8.29
N SER D 242 0.82 5.49 9.12
CA SER D 242 1.94 6.42 8.95
C SER D 242 3.26 5.66 8.90
N LEU D 243 3.40 4.62 9.72
CA LEU D 243 4.63 3.84 9.75
C LEU D 243 4.65 2.76 8.69
N ARG D 244 3.50 2.10 8.48
CA ARG D 244 3.46 0.99 7.53
C ARG D 244 3.62 1.46 6.09
N GLN D 245 3.08 2.63 5.76
CA GLN D 245 3.26 3.16 4.42
C GLN D 245 4.72 3.54 4.14
N GLU D 246 5.51 3.75 5.19
CA GLU D 246 6.95 3.99 5.05
C GLU D 246 7.74 2.71 4.87
N GLY D 247 7.12 1.54 5.02
CA GLY D 247 7.82 0.28 4.94
C GLY D 247 8.17 -0.35 6.26
N MET D 248 7.66 0.17 7.37
CA MET D 248 7.91 -0.45 8.67
C MET D 248 7.12 -1.75 8.81
N ILE D 249 7.71 -2.71 9.52
CA ILE D 249 7.01 -3.91 9.96
C ILE D 249 6.33 -3.53 11.27
N VAL D 250 5.02 -3.29 11.21
CA VAL D 250 4.29 -2.73 12.33
C VAL D 250 3.54 -3.84 13.06
N LYS D 251 3.69 -3.88 14.38
CA LYS D 251 2.91 -4.72 15.26
C LYS D 251 2.03 -3.84 16.13
N VAL D 252 0.82 -4.30 16.42
CA VAL D 252 -0.20 -3.49 17.08
C VAL D 252 -0.59 -4.16 18.40
N ALA D 253 -0.73 -3.34 19.45
CA ALA D 253 -1.21 -3.80 20.74
C ALA D 253 -2.53 -3.10 21.05
N GLU D 254 -3.44 -3.82 21.70
CA GLU D 254 -4.75 -3.28 22.01
C GLU D 254 -5.37 -4.04 23.17
N VAL D 255 -6.19 -3.33 23.96
CA VAL D 255 -7.05 -3.97 24.94
C VAL D 255 -8.47 -4.15 24.42
N ASP D 256 -8.85 -3.46 23.34
CA ASP D 256 -10.18 -3.57 22.76
C ASP D 256 -10.11 -4.61 21.65
N PRO D 257 -10.77 -5.76 21.80
CA PRO D 257 -10.69 -6.79 20.75
C PRO D 257 -11.33 -6.37 19.44
N ILE D 258 -12.33 -5.48 19.47
CA ILE D 258 -12.90 -4.99 18.21
C ILE D 258 -11.87 -4.18 17.44
N CYS D 259 -11.12 -3.32 18.13
CA CYS D 259 -10.03 -2.60 17.48
C CYS D 259 -8.91 -3.56 17.07
N ALA D 260 -8.63 -4.57 17.90
CA ALA D 260 -7.60 -5.55 17.54
C ALA D 260 -8.01 -6.33 16.29
N MET D 261 -9.30 -6.65 16.16
N MET D 261 -9.29 -6.67 16.17
CA MET D 261 -9.77 -7.32 14.95
CA MET D 261 -9.78 -7.32 14.96
C MET D 261 -9.53 -6.46 13.72
C MET D 261 -9.51 -6.45 13.72
N GLN D 262 -9.75 -5.14 13.84
CA GLN D 262 -9.47 -4.24 12.73
C GLN D 262 -8.00 -4.26 12.35
N ALA D 263 -7.12 -4.28 13.35
CA ALA D 263 -5.68 -4.35 13.09
C ALA D 263 -5.31 -5.62 12.33
N CYS D 264 -5.88 -6.76 12.72
CA CYS D 264 -5.60 -8.01 12.01
C CYS D 264 -6.05 -7.92 10.56
N MET D 265 -7.29 -7.49 10.34
CA MET D 265 -7.81 -7.39 8.98
C MET D 265 -7.07 -6.33 8.17
N ASP D 266 -6.57 -5.28 8.84
CA ASP D 266 -5.77 -4.27 8.17
C ASP D 266 -4.36 -4.77 7.82
N GLY D 267 -4.00 -5.98 8.22
CA GLY D 267 -2.72 -6.55 7.84
C GLY D 267 -1.62 -6.47 8.87
N PHE D 268 -1.95 -6.19 10.13
CA PHE D 268 -0.95 -6.07 11.18
C PHE D 268 -1.01 -7.29 12.10
N GLU D 269 0.15 -7.61 12.69
CA GLU D 269 0.24 -8.65 13.70
C GLU D 269 -0.05 -8.03 15.06
N VAL D 270 -1.04 -8.58 15.77
CA VAL D 270 -1.48 -8.04 17.05
C VAL D 270 -0.76 -8.79 18.17
N VAL D 271 0.00 -8.06 18.98
CA VAL D 271 0.84 -8.64 20.01
C VAL D 271 0.64 -7.85 21.30
N SER D 272 1.17 -8.40 22.39
CA SER D 272 1.12 -7.73 23.68
C SER D 272 2.52 -7.56 24.25
N PRO D 273 2.81 -6.44 24.91
CA PRO D 273 4.10 -6.32 25.62
C PRO D 273 4.26 -7.31 26.75
N TYR D 274 3.18 -7.95 27.17
CA TYR D 274 3.19 -8.87 28.31
C TYR D 274 2.82 -10.27 27.84
N LYS D 275 3.46 -11.27 28.46
CA LYS D 275 3.15 -12.66 28.15
C LYS D 275 1.67 -12.93 28.40
N ASN D 276 0.99 -13.47 27.39
CA ASN D 276 -0.45 -13.71 27.43
C ASN D 276 -1.23 -12.44 27.75
N GLY D 277 -0.66 -11.28 27.43
CA GLY D 277 -1.35 -10.02 27.65
C GLY D 277 -1.61 -9.67 29.10
N ILE D 278 -0.94 -10.34 30.04
CA ILE D 278 -1.17 -10.13 31.47
C ILE D 278 -0.01 -9.33 32.04
N ASN D 279 -0.33 -8.13 32.53
CA ASN D 279 0.66 -7.20 33.09
C ASN D 279 0.57 -7.31 34.61
N ASP D 280 1.44 -8.14 35.19
CA ASP D 280 1.45 -8.36 36.64
C ASP D 280 2.45 -7.45 37.36
N GLY D 281 3.06 -6.50 36.65
CA GLY D 281 3.97 -5.56 37.26
C GLY D 281 5.41 -6.03 37.39
N THR D 282 5.67 -7.31 37.22
CA THR D 282 7.03 -7.83 37.34
C THR D 282 7.72 -7.87 35.98
N GLU D 283 9.06 -7.89 36.03
CA GLU D 283 9.82 -8.03 34.80
C GLU D 283 9.55 -9.38 34.12
N ALA D 284 9.14 -10.37 34.91
CA ALA D 284 8.89 -11.69 34.35
C ALA D 284 7.74 -11.69 33.36
N SER D 285 6.76 -10.81 33.55
CA SER D 285 5.62 -10.75 32.63
C SER D 285 5.96 -10.09 31.30
N ILE D 286 7.14 -9.52 31.16
CA ILE D 286 7.51 -8.81 29.92
C ILE D 286 7.92 -9.82 28.86
N ASP D 287 7.39 -9.66 27.65
CA ASP D 287 7.85 -10.44 26.50
C ASP D 287 9.17 -9.82 26.04
N ALA D 288 10.25 -10.22 26.72
CA ALA D 288 11.56 -9.65 26.42
C ALA D 288 12.02 -9.97 25.01
N ALA D 289 11.63 -11.13 24.48
CA ALA D 289 12.02 -11.49 23.12
C ALA D 289 11.35 -10.59 22.10
N LEU D 290 10.06 -10.27 22.32
CA LEU D 290 9.37 -9.35 21.42
C LEU D 290 9.95 -7.94 21.53
N LEU D 291 10.05 -7.43 22.75
CA LEU D 291 10.53 -6.05 22.91
C LEU D 291 12.00 -5.89 22.56
N GLY D 292 12.77 -6.98 22.61
CA GLY D 292 14.17 -6.93 22.21
C GLY D 292 14.38 -6.77 20.72
N LYS D 293 13.31 -6.78 19.92
CA LYS D 293 13.43 -6.62 18.47
C LYS D 293 12.71 -5.38 17.96
N ILE D 294 12.21 -4.53 18.84
CA ILE D 294 11.42 -3.37 18.44
C ILE D 294 12.34 -2.16 18.31
N ASP D 295 12.30 -1.53 17.13
CA ASP D 295 13.10 -0.35 16.85
C ASP D 295 12.40 0.96 17.17
N LEU D 296 11.07 0.93 17.30
CA LEU D 296 10.28 2.14 17.51
C LEU D 296 8.99 1.76 18.21
N ILE D 297 8.63 2.49 19.25
CA ILE D 297 7.38 2.27 19.97
C ILE D 297 6.63 3.59 20.04
N VAL D 298 5.33 3.56 19.74
CA VAL D 298 4.48 4.74 19.71
C VAL D 298 3.24 4.45 20.55
N THR D 299 2.94 5.33 21.51
CA THR D 299 1.75 5.19 22.34
C THR D 299 0.67 6.13 21.84
N THR D 300 -0.55 5.60 21.67
CA THR D 300 -1.65 6.31 21.04
C THR D 300 -2.95 6.15 21.82
N THR D 301 -2.87 5.86 23.12
CA THR D 301 -4.02 5.33 23.85
C THR D 301 -4.86 6.38 24.55
N GLY D 302 -4.26 7.42 25.09
CA GLY D 302 -4.98 8.23 26.06
C GLY D 302 -5.05 7.59 27.44
N ASN D 303 -4.42 6.43 27.63
CA ASN D 303 -4.38 5.75 28.91
C ASN D 303 -3.07 6.09 29.63
N VAL D 304 -2.87 5.49 30.80
CA VAL D 304 -1.72 5.79 31.64
C VAL D 304 -0.78 4.58 31.63
N ASN D 305 0.51 4.85 31.45
CA ASN D 305 1.57 3.86 31.65
C ASN D 305 1.42 2.67 30.71
N VAL D 306 1.12 2.94 29.44
CA VAL D 306 1.04 1.87 28.45
C VAL D 306 2.40 1.51 27.88
N CYS D 307 3.43 2.30 28.18
CA CYS D 307 4.82 1.96 27.89
C CYS D 307 5.56 2.12 29.21
N ASP D 308 5.58 1.06 30.02
CA ASP D 308 5.99 1.17 31.40
C ASP D 308 7.50 1.03 31.55
N ALA D 309 7.97 1.11 32.80
CA ALA D 309 9.40 1.02 33.08
C ALA D 309 9.96 -0.33 32.66
N ASN D 310 9.22 -1.42 32.92
CA ASN D 310 9.70 -2.74 32.55
C ASN D 310 9.81 -2.89 31.04
N MET D 311 8.88 -2.30 30.30
CA MET D 311 9.00 -2.27 28.85
C MET D 311 10.21 -1.45 28.41
N LEU D 312 10.46 -0.32 29.08
CA LEU D 312 11.61 0.51 28.73
C LEU D 312 12.93 -0.20 29.01
N LYS D 313 12.99 -1.01 30.07
CA LYS D 313 14.20 -1.77 30.35
C LYS D 313 14.48 -2.81 29.28
N ALA D 314 13.42 -3.38 28.69
CA ALA D 314 13.56 -4.50 27.78
C ALA D 314 13.67 -4.08 26.32
N LEU D 315 13.42 -2.81 26.00
CA LEU D 315 13.46 -2.37 24.61
C LEU D 315 14.84 -2.61 24.00
N LYS D 316 14.84 -2.97 22.72
CA LYS D 316 16.08 -3.09 21.96
C LYS D 316 16.90 -1.81 22.08
N LYS D 317 18.22 -1.97 22.15
CA LYS D 317 19.10 -0.81 22.27
C LYS D 317 18.88 0.14 21.09
N ARG D 318 18.88 1.44 21.40
CA ARG D 318 18.73 2.53 20.43
C ARG D 318 17.35 2.60 19.82
N ALA D 319 16.35 1.97 20.44
CA ALA D 319 14.98 2.10 19.98
C ALA D 319 14.47 3.53 20.23
N VAL D 320 13.57 3.96 19.36
CA VAL D 320 12.96 5.28 19.49
C VAL D 320 11.66 5.14 20.27
N VAL D 321 11.45 6.03 21.24
CA VAL D 321 10.25 6.03 22.06
C VAL D 321 9.55 7.38 21.89
N CYS D 322 8.25 7.35 21.58
CA CYS D 322 7.50 8.59 21.42
C CYS D 322 6.04 8.36 21.74
N ASN D 323 5.35 9.44 22.09
CA ASN D 323 3.93 9.40 22.44
C ASN D 323 3.18 10.41 21.60
N ILE D 324 2.10 9.96 20.97
CA ILE D 324 1.22 10.82 20.19
C ILE D 324 -0.16 10.95 20.83
N GLY D 325 -0.37 10.36 22.00
CA GLY D 325 -1.52 10.69 22.82
C GLY D 325 -1.38 12.09 23.41
N HIS D 326 -2.47 12.54 24.06
CA HIS D 326 -2.51 13.94 24.47
C HIS D 326 -1.57 14.23 25.64
N PHE D 327 -1.39 13.28 26.55
CA PHE D 327 -0.62 13.51 27.76
C PHE D 327 0.60 12.60 27.82
N ASP D 328 1.69 13.12 28.38
CA ASP D 328 2.96 12.42 28.40
C ASP D 328 2.99 11.22 29.34
N ASN D 329 2.02 11.09 30.24
CA ASN D 329 2.03 9.98 31.19
C ASN D 329 1.75 8.63 30.54
N GLU D 330 1.53 8.57 29.22
CA GLU D 330 1.43 7.28 28.55
C GLU D 330 2.73 6.51 28.64
N ILE D 331 3.85 7.22 28.76
CA ILE D 331 5.18 6.63 28.92
C ILE D 331 5.68 6.99 30.31
N ASP D 332 6.30 6.03 30.99
CA ASP D 332 6.83 6.25 32.34
C ASP D 332 8.16 7.00 32.23
N THR D 333 8.06 8.26 31.79
CA THR D 333 9.24 9.12 31.74
C THR D 333 9.77 9.43 33.13
N ALA D 334 8.89 9.44 34.13
CA ALA D 334 9.34 9.72 35.50
C ALA D 334 10.35 8.69 35.97
N PHE D 335 10.15 7.42 35.61
CA PHE D 335 11.13 6.40 35.92
C PHE D 335 12.47 6.68 35.25
N MET D 336 12.43 7.15 34.00
CA MET D 336 13.67 7.40 33.27
C MET D 336 14.41 8.61 33.81
N ARG D 337 13.68 9.63 34.26
CA ARG D 337 14.33 10.77 34.91
C ARG D 337 14.98 10.36 36.22
N LYS D 338 14.40 9.38 36.92
CA LYS D 338 14.92 8.97 38.21
C LYS D 338 16.14 8.06 38.09
N ASN D 339 16.19 7.22 37.07
CA ASN D 339 17.19 6.16 37.00
C ASN D 339 18.21 6.32 35.90
N TRP D 340 17.92 7.04 34.82
CA TRP D 340 18.80 7.09 33.68
C TRP D 340 19.22 8.51 33.37
N ALA D 341 20.36 8.62 32.68
CA ALA D 341 20.97 9.91 32.37
C ALA D 341 20.47 10.41 31.02
N TRP D 342 20.11 11.68 30.97
CA TRP D 342 19.49 12.28 29.78
C TRP D 342 20.54 13.12 29.05
N GLU D 343 20.82 12.75 27.80
CA GLU D 343 21.71 13.51 26.92
C GLU D 343 20.87 14.15 25.82
N GLU D 344 20.81 15.48 25.82
CA GLU D 344 20.06 16.18 24.79
C GLU D 344 20.84 16.15 23.48
N VAL D 345 20.21 15.63 22.43
CA VAL D 345 20.78 15.73 21.09
C VAL D 345 20.47 17.10 20.49
N LYS D 346 19.20 17.45 20.45
CA LYS D 346 18.74 18.77 20.04
C LYS D 346 17.39 18.98 20.68
N PRO D 347 16.85 20.21 20.63
CA PRO D 347 15.55 20.47 21.27
C PRO D 347 14.50 19.41 20.94
N GLN D 348 13.89 18.87 22.00
CA GLN D 348 12.86 17.82 21.94
C GLN D 348 13.40 16.49 21.44
N VAL D 349 14.71 16.25 21.57
CA VAL D 349 15.32 14.96 21.22
C VAL D 349 16.38 14.65 22.27
N HIS D 350 16.16 13.60 23.05
CA HIS D 350 17.09 13.21 24.11
C HIS D 350 17.44 11.74 24.00
N LYS D 351 18.72 11.43 24.23
CA LYS D 351 19.17 10.06 24.40
C LYS D 351 19.09 9.70 25.88
N ILE D 352 18.48 8.56 26.18
CA ILE D 352 18.28 8.12 27.56
C ILE D 352 19.26 6.97 27.81
N HIS D 353 20.36 7.25 28.51
CA HIS D 353 21.41 6.27 28.73
C HIS D 353 21.04 5.37 29.89
N ARG D 354 20.75 4.10 29.60
CA ARG D 354 20.32 3.13 30.60
C ARG D 354 21.48 2.51 31.37
N THR D 355 22.67 3.12 31.32
CA THR D 355 23.82 2.62 32.05
C THR D 355 23.91 3.20 33.46
N GLY D 356 23.10 4.18 33.80
CA GLY D 356 23.13 4.74 35.14
C GLY D 356 22.61 6.16 35.15
N LYS D 357 22.43 6.69 36.36
CA LYS D 357 21.88 8.02 36.54
C LYS D 357 22.96 9.09 36.47
N ASP D 358 24.09 8.86 37.12
CA ASP D 358 25.13 9.87 37.27
C ASP D 358 26.07 9.81 36.07
N GLY D 359 25.83 10.67 35.09
CA GLY D 359 26.69 10.78 33.94
C GLY D 359 26.43 9.70 32.90
N PHE D 360 27.18 9.80 31.80
CA PHE D 360 27.06 8.86 30.71
C PHE D 360 28.32 8.92 29.86
N ASP D 361 28.64 7.82 29.20
CA ASP D 361 29.68 7.81 28.19
C ASP D 361 29.09 8.30 26.87
N ALA D 362 29.76 9.28 26.27
CA ALA D 362 29.26 9.86 25.02
C ALA D 362 29.20 8.84 23.89
N HIS D 363 29.92 7.73 24.02
CA HIS D 363 29.90 6.66 23.02
C HIS D 363 29.17 5.41 23.50
N ASN D 364 28.41 5.53 24.59
CA ASN D 364 27.62 4.41 25.08
C ASN D 364 26.63 3.94 24.01
N ASP D 365 26.46 2.62 23.92
CA ASP D 365 25.54 2.04 22.95
C ASP D 365 24.20 1.66 23.53
N ASP D 366 24.06 1.68 24.87
CA ASP D 366 22.81 1.29 25.51
C ASP D 366 22.03 2.55 25.89
N TYR D 367 21.31 3.09 24.91
CA TYR D 367 20.45 4.23 25.14
C TYR D 367 19.15 4.06 24.37
N LEU D 368 18.14 4.82 24.77
CA LEU D 368 16.92 4.99 24.02
C LEU D 368 16.80 6.44 23.60
N ILE D 369 16.09 6.68 22.51
CA ILE D 369 15.85 8.03 22.00
C ILE D 369 14.42 8.42 22.33
N LEU D 370 14.27 9.48 23.11
CA LEU D 370 12.96 10.00 23.50
C LEU D 370 12.67 11.30 22.75
N LEU D 371 11.52 11.35 22.09
CA LEU D 371 11.13 12.53 21.32
C LEU D 371 10.18 13.38 22.16
N ALA D 372 10.45 14.69 22.20
CA ALA D 372 9.57 15.67 22.84
C ALA D 372 9.30 15.35 24.31
N GLU D 373 10.25 14.65 24.96
CA GLU D 373 10.16 14.31 26.37
C GLU D 373 8.84 13.61 26.72
N GLY D 374 8.27 12.88 25.77
CA GLY D 374 7.04 12.16 25.99
C GLY D 374 5.76 12.90 25.62
N ARG D 375 5.85 14.18 25.30
CA ARG D 375 4.68 14.95 24.89
C ARG D 375 4.32 14.61 23.43
N LEU D 376 3.14 15.07 22.99
CA LEU D 376 2.63 14.74 21.66
C LEU D 376 3.70 14.96 20.60
N VAL D 377 4.18 13.88 19.98
CA VAL D 377 5.36 13.95 19.15
C VAL D 377 5.10 14.70 17.84
N ASN D 378 3.90 14.56 17.27
CA ASN D 378 3.64 15.21 15.99
C ASN D 378 3.67 16.73 16.13
N LEU D 379 3.19 17.26 17.25
CA LEU D 379 3.26 18.70 17.47
C LEU D 379 4.60 19.10 18.08
N GLY D 380 5.23 18.20 18.82
CA GLY D 380 6.47 18.51 19.51
C GLY D 380 7.67 18.55 18.58
N ASN D 381 7.78 17.54 17.71
CA ASN D 381 8.92 17.43 16.81
C ASN D 381 8.60 17.87 15.38
N ALA D 382 7.35 18.23 15.10
CA ALA D 382 7.01 18.77 13.80
C ALA D 382 5.98 19.90 13.94
N THR D 383 4.98 19.94 13.05
CA THR D 383 3.98 21.00 13.08
C THR D 383 2.57 20.45 13.30
N GLY D 384 2.45 19.20 13.75
CA GLY D 384 1.12 18.64 13.91
C GLY D 384 0.43 18.40 12.57
N HIS D 385 -0.90 18.38 12.63
CA HIS D 385 -1.70 18.05 11.46
C HIS D 385 -1.61 19.16 10.41
N PRO D 386 -1.73 18.80 9.13
CA PRO D 386 -1.69 19.82 8.08
C PRO D 386 -2.96 20.68 8.08
N SER D 387 -2.86 21.81 7.39
CA SER D 387 -3.95 22.79 7.40
C SER D 387 -5.23 22.22 6.79
N ARG D 388 -5.12 21.49 5.67
CA ARG D 388 -6.31 20.97 5.02
C ARG D 388 -7.03 19.93 5.87
N ILE D 389 -6.35 19.32 6.83
CA ILE D 389 -7.01 18.41 7.75
C ILE D 389 -7.63 19.18 8.91
N MET D 390 -6.86 20.09 9.52
CA MET D 390 -7.40 20.91 10.60
C MET D 390 -8.55 21.79 10.14
N ASP D 391 -8.68 21.99 8.83
CA ASP D 391 -9.86 22.68 8.30
C ASP D 391 -11.14 22.05 8.81
N GLY D 392 -11.21 20.72 8.82
CA GLY D 392 -12.42 20.05 9.26
C GLY D 392 -12.69 20.26 10.73
N SER D 393 -11.66 20.09 11.57
CA SER D 393 -11.83 20.21 13.01
C SER D 393 -12.26 21.61 13.41
N PHE D 394 -11.60 22.62 12.84
CA PHE D 394 -11.84 23.99 13.31
C PHE D 394 -13.13 24.58 12.75
N ALA D 395 -13.60 24.09 11.60
CA ALA D 395 -14.93 24.44 11.15
C ALA D 395 -15.97 23.97 12.16
N ASN D 396 -15.80 22.76 12.70
CA ASN D 396 -16.69 22.28 13.74
C ASN D 396 -16.60 23.15 14.99
N GLN D 397 -15.39 23.58 15.35
CA GLN D 397 -15.21 24.43 16.52
C GLN D 397 -15.98 25.75 16.37
N VAL D 398 -15.90 26.37 15.20
CA VAL D 398 -16.61 27.63 14.97
C VAL D 398 -18.12 27.42 15.08
N LEU D 399 -18.61 26.36 14.43
CA LEU D 399 -20.04 26.06 14.53
C LEU D 399 -20.45 25.77 15.96
N ALA D 400 -19.56 25.16 16.76
CA ALA D 400 -19.88 24.84 18.14
C ALA D 400 -19.92 26.08 19.01
N GLN D 401 -18.94 26.99 18.82
CA GLN D 401 -18.95 28.24 19.56
C GLN D 401 -20.20 29.06 19.24
N ILE D 402 -20.61 29.08 17.98
CA ILE D 402 -21.81 29.82 17.59
C ILE D 402 -23.04 29.23 18.29
N HIS D 403 -23.17 27.91 18.26
CA HIS D 403 -24.38 27.27 18.79
C HIS D 403 -24.50 27.49 20.29
N LEU D 404 -23.40 27.30 21.03
CA LEU D 404 -23.46 27.43 22.48
C LEU D 404 -23.62 28.88 22.92
N PHE D 405 -22.95 29.80 22.21
CA PHE D 405 -23.06 31.21 22.57
C PHE D 405 -24.49 31.71 22.41
N GLU D 406 -25.17 31.27 21.35
CA GLU D 406 -26.55 31.67 21.11
C GLU D 406 -27.54 31.00 22.06
N GLN D 407 -27.20 29.84 22.62
CA GLN D 407 -28.06 29.20 23.60
C GLN D 407 -28.17 30.02 24.88
N LYS D 408 -27.08 30.68 25.27
CA LYS D 408 -27.06 31.59 26.42
C LYS D 408 -27.40 30.87 27.72
N TYR D 409 -26.65 29.80 28.00
CA TYR D 409 -26.92 28.98 29.19
C TYR D 409 -26.78 29.80 30.47
N ALA D 410 -25.78 30.68 30.52
CA ALA D 410 -25.54 31.47 31.73
C ALA D 410 -26.65 32.46 32.04
N ASP D 411 -27.68 32.56 31.19
CA ASP D 411 -28.79 33.47 31.41
C ASP D 411 -30.08 32.75 31.80
N LEU D 412 -30.13 31.43 31.72
CA LEU D 412 -31.36 30.65 31.85
C LEU D 412 -31.68 30.39 33.32
N PRO D 413 -32.95 30.10 33.62
CA PRO D 413 -33.30 29.70 34.98
C PRO D 413 -32.84 28.28 35.29
N ALA D 414 -33.01 27.90 36.55
CA ALA D 414 -32.41 26.66 37.05
C ALA D 414 -32.97 25.44 36.34
N ALA D 415 -34.29 25.35 36.21
CA ALA D 415 -34.90 24.17 35.59
C ALA D 415 -34.51 24.06 34.12
N GLU D 416 -34.40 25.19 33.43
CA GLU D 416 -33.98 25.16 32.03
C GLU D 416 -32.49 24.87 31.90
N LYS D 417 -31.71 25.20 32.94
CA LYS D 417 -30.29 24.82 32.94
C LYS D 417 -30.13 23.30 33.09
N ALA D 418 -30.92 22.69 33.99
CA ALA D 418 -30.83 21.25 34.18
C ALA D 418 -31.23 20.49 32.91
N LYS D 419 -32.08 21.09 32.07
CA LYS D 419 -32.42 20.46 30.81
C LYS D 419 -31.28 20.50 29.81
N ARG D 420 -30.45 21.53 29.86
CA ARG D 420 -29.41 21.74 28.85
C ARG D 420 -28.00 21.52 29.38
N LEU D 421 -27.83 21.24 30.66
CA LEU D 421 -26.51 20.88 31.18
C LEU D 421 -26.12 19.51 30.65
N SER D 422 -25.43 19.48 29.52
CA SER D 422 -25.13 18.22 28.84
C SER D 422 -23.88 18.39 27.98
N VAL D 423 -23.42 17.27 27.44
CA VAL D 423 -22.31 17.24 26.48
C VAL D 423 -22.88 16.67 25.18
N GLU D 424 -22.94 17.49 24.14
CA GLU D 424 -23.61 17.15 22.90
C GLU D 424 -22.63 17.18 21.74
N VAL D 425 -23.04 16.58 20.62
CA VAL D 425 -22.32 16.68 19.37
C VAL D 425 -23.13 17.53 18.41
N LEU D 426 -22.47 18.00 17.35
CA LEU D 426 -23.14 18.78 16.34
C LEU D 426 -24.07 17.90 15.51
N PRO D 427 -25.11 18.49 14.91
CA PRO D 427 -26.00 17.70 14.05
C PRO D 427 -25.28 17.14 12.84
N LYS D 428 -25.76 16.00 12.34
CA LYS D 428 -25.15 15.37 11.17
C LYS D 428 -25.22 16.26 9.95
N LYS D 429 -26.28 17.06 9.82
CA LYS D 429 -26.41 17.93 8.66
C LYS D 429 -25.23 18.89 8.57
N LEU D 430 -24.80 19.45 9.71
CA LEU D 430 -23.63 20.32 9.70
C LEU D 430 -22.35 19.52 9.45
N ASP D 431 -22.28 18.31 10.01
CA ASP D 431 -21.13 17.44 9.76
C ASP D 431 -20.95 17.18 8.27
N GLU D 432 -22.06 17.01 7.54
CA GLU D 432 -21.99 16.77 6.11
C GLU D 432 -21.61 18.04 5.34
N GLU D 433 -22.12 19.19 5.77
CA GLU D 433 -21.82 20.43 5.07
C GLU D 433 -20.34 20.78 5.19
N VAL D 434 -19.72 20.49 6.33
CA VAL D 434 -18.28 20.70 6.47
C VAL D 434 -17.53 19.78 5.52
N ALA D 435 -17.95 18.53 5.43
CA ALA D 435 -17.26 17.57 4.56
C ALA D 435 -17.37 17.98 3.10
N LEU D 436 -18.50 18.58 2.71
CA LEU D 436 -18.68 18.99 1.32
C LEU D 436 -17.65 20.05 0.93
N GLU D 437 -17.43 21.04 1.80
CA GLU D 437 -16.43 22.05 1.52
C GLU D 437 -15.03 21.43 1.47
N MET D 438 -14.75 20.47 2.35
CA MET D 438 -13.47 19.77 2.29
C MET D 438 -13.34 19.00 0.98
N VAL D 439 -14.38 18.28 0.58
CA VAL D 439 -14.34 17.55 -0.69
C VAL D 439 -14.10 18.49 -1.86
N LYS D 440 -14.80 19.63 -1.87
CA LYS D 440 -14.59 20.61 -2.94
C LYS D 440 -13.17 21.15 -2.91
N GLY D 441 -12.52 21.16 -1.74
CA GLY D 441 -11.14 21.59 -1.67
C GLY D 441 -10.20 20.70 -2.46
N PHE D 442 -10.54 19.42 -2.59
CA PHE D 442 -9.76 18.49 -3.40
C PHE D 442 -10.14 18.53 -4.87
N GLY D 443 -11.13 19.33 -5.25
CA GLY D 443 -11.70 19.24 -6.58
C GLY D 443 -12.65 18.08 -6.76
N GLY D 444 -13.09 17.44 -5.68
CA GLY D 444 -14.04 16.35 -5.81
C GLY D 444 -15.42 16.85 -6.19
N VAL D 445 -16.17 15.98 -6.87
CA VAL D 445 -17.53 16.30 -7.31
C VAL D 445 -18.45 15.25 -6.70
N VAL D 446 -19.36 15.70 -5.84
CA VAL D 446 -20.36 14.83 -5.23
C VAL D 446 -21.56 14.74 -6.16
N THR D 447 -22.07 13.52 -6.33
CA THR D 447 -23.26 13.29 -7.15
C THR D 447 -24.52 13.66 -6.36
N GLN D 448 -25.47 14.30 -7.04
CA GLN D 448 -26.77 14.60 -6.46
C GLN D 448 -27.73 13.44 -6.73
N LEU D 449 -28.44 13.02 -5.69
CA LEU D 449 -29.46 12.00 -5.85
C LEU D 449 -30.63 12.53 -6.68
N THR D 450 -31.23 11.65 -7.46
CA THR D 450 -32.48 11.99 -8.11
C THR D 450 -33.62 11.83 -7.11
N PRO D 451 -34.73 12.53 -7.33
CA PRO D 451 -35.89 12.36 -6.43
C PRO D 451 -36.30 10.90 -6.24
N LYS D 452 -36.23 10.08 -7.30
CA LYS D 452 -36.58 8.67 -7.14
C LYS D 452 -35.55 7.93 -6.30
N GLN D 453 -34.27 8.24 -6.49
CA GLN D 453 -33.22 7.60 -5.69
C GLN D 453 -33.30 8.02 -4.23
N ALA D 454 -33.54 9.31 -3.98
CA ALA D 454 -33.70 9.77 -2.60
C ALA D 454 -34.90 9.10 -1.94
N GLU D 455 -35.99 8.94 -2.67
CA GLU D 455 -37.14 8.21 -2.15
C GLU D 455 -36.79 6.75 -1.94
N TYR D 456 -35.96 6.18 -2.83
CA TYR D 456 -35.65 4.76 -2.75
C TYR D 456 -34.93 4.40 -1.46
N ILE D 457 -33.97 5.23 -1.03
CA ILE D 457 -33.23 4.98 0.20
C ILE D 457 -33.75 5.80 1.38
N GLY D 458 -34.83 6.55 1.19
CA GLY D 458 -35.48 7.24 2.30
C GLY D 458 -34.71 8.39 2.89
N VAL D 459 -34.07 9.22 2.05
CA VAL D 459 -33.38 10.41 2.52
C VAL D 459 -33.84 11.59 1.67
N SER D 460 -33.62 12.79 2.20
CA SER D 460 -33.78 13.99 1.39
C SER D 460 -32.63 14.10 0.39
N VAL D 461 -32.89 14.82 -0.71
CA VAL D 461 -31.83 15.08 -1.68
C VAL D 461 -30.69 15.86 -1.04
N GLU D 462 -31.01 16.71 -0.06
CA GLU D 462 -30.02 17.53 0.64
C GLU D 462 -29.37 16.82 1.82
N GLY D 463 -29.83 15.62 2.18
CA GLY D 463 -29.32 14.94 3.34
C GLY D 463 -30.05 15.37 4.59
N PRO D 464 -29.69 14.81 5.76
CA PRO D 464 -28.60 13.85 6.03
C PRO D 464 -28.79 12.51 5.32
N PHE D 465 -27.69 11.94 4.84
CA PHE D 465 -27.72 10.73 4.03
C PHE D 465 -27.59 9.45 4.85
N LYS D 466 -27.18 9.54 6.10
CA LYS D 466 -27.01 8.39 6.97
C LYS D 466 -27.80 8.60 8.27
N PRO D 467 -28.23 7.52 8.91
CA PRO D 467 -28.78 7.64 10.26
C PRO D 467 -27.67 7.94 11.25
N ASP D 468 -28.07 8.44 12.42
CA ASP D 468 -27.10 8.77 13.46
C ASP D 468 -26.37 7.55 13.99
N THR D 469 -26.89 6.34 13.74
CA THR D 469 -26.22 5.12 14.14
C THR D 469 -25.04 4.76 13.24
N TYR D 470 -24.93 5.39 12.07
CA TYR D 470 -23.92 5.00 11.09
C TYR D 470 -22.52 5.33 11.60
N ARG D 471 -21.57 4.43 11.35
CA ARG D 471 -20.23 4.55 11.89
C ARG D 471 -19.20 5.01 10.86
N TYR D 472 -19.53 4.98 9.57
CA TYR D 472 -18.62 5.40 8.50
C TYR D 472 -17.33 4.59 8.52
PA NAD E . -23.69 1.74 3.03
O1A NAD E . -22.71 1.83 4.13
O2A NAD E . -24.95 2.54 3.36
O5B NAD E . -23.07 2.18 1.60
C5B NAD E . -23.87 2.63 0.48
C4B NAD E . -23.28 3.93 0.02
O4B NAD E . -23.74 4.26 -1.30
C3B NAD E . -23.62 5.14 0.92
O3B NAD E . -22.42 5.73 1.43
C2B NAD E . -24.39 6.10 -0.02
O2B NAD E . -24.07 7.46 0.25
C1B NAD E . -23.86 5.66 -1.38
N9A NAD E . -24.74 6.00 -2.49
C8A NAD E . -26.11 5.95 -2.51
N7A NAD E . -26.64 6.32 -3.66
C5A NAD E . -25.55 6.63 -4.44
C6A NAD E . -25.43 7.11 -5.76
N6A NAD E . -26.48 7.35 -6.56
N1A NAD E . -24.19 7.34 -6.24
C2A NAD E . -23.14 7.11 -5.45
N3A NAD E . -23.12 6.66 -4.18
C4A NAD E . -24.36 6.44 -3.74
O3 NAD E . -24.08 0.21 2.78
PN NAD E . -23.09 -1.03 2.64
O1N NAD E . -22.99 -1.70 3.96
O2N NAD E . -21.85 -0.56 1.98
O5D NAD E . -23.86 -1.97 1.61
C5D NAD E . -24.15 -1.53 0.27
C4D NAD E . -24.95 -2.59 -0.44
O4D NAD E . -24.16 -3.80 -0.58
C3D NAD E . -26.25 -3.03 0.27
O3D NAD E . -27.24 -3.36 -0.70
C2D NAD E . -25.80 -4.27 1.03
O2D NAD E . -26.89 -5.14 1.31
C1D NAD E . -24.83 -4.88 0.02
N1N NAD E . -23.82 -5.78 0.62
C2N NAD E . -23.22 -6.68 -0.18
C3N NAD E . -22.30 -7.56 0.34
C7N NAD E . -21.63 -8.58 -0.54
O7N NAD E . -20.90 -9.45 -0.03
N7N NAD E . -21.90 -8.56 -1.83
C4N NAD E . -21.98 -7.48 1.70
C5N NAD E . -22.62 -6.53 2.49
C6N NAD E . -23.54 -5.69 1.93
N9 ADE F . -22.38 -12.98 2.04
C8 ADE F . -21.16 -12.68 1.49
N7 ADE F . -20.34 -13.71 1.41
C5 ADE F . -21.08 -14.76 1.94
C6 ADE F . -20.79 -16.13 2.14
N6 ADE F . -19.62 -16.68 1.81
N1 ADE F . -21.74 -16.89 2.69
C2 ADE F . -22.92 -16.34 3.02
N3 ADE F . -23.31 -15.07 2.88
C4 ADE F . -22.33 -14.33 2.33
C4 SYJ G . -17.25 -16.53 24.18
C5 SYJ G . -16.16 -17.28 23.78
C6 SYJ G . -20.25 -14.12 22.20
C7 SYJ G . -19.31 -14.87 21.25
C8 SYJ G . -19.67 -15.47 20.05
C9 SYJ G . -18.52 -16.03 19.52
C10 SYJ G . -17.50 -15.77 20.41
O1 SYJ G . -20.06 -15.79 25.72
S SYJ G . -19.95 -15.88 24.27
O SYJ G . -21.22 -16.53 23.92
C3 SYJ G . -18.52 -16.88 23.76
C2 SYJ G . -18.69 -17.97 22.92
C1 SYJ G . -17.61 -18.73 22.52
F SYJ G . -17.08 -15.45 25.00
C SYJ G . -16.34 -18.38 22.96
N SYJ G . -19.81 -14.34 23.56
O2 SYJ G . -18.00 -15.07 21.44
K K H . -16.10 -18.32 0.31
P PO4 I . -9.93 -14.88 -34.15
O1 PO4 I . -8.77 -14.93 -35.11
O2 PO4 I . -10.26 -13.43 -33.84
O3 PO4 I . -9.57 -15.61 -32.88
O4 PO4 I . -11.14 -15.53 -34.76
P PO4 J . -17.75 4.41 -26.94
O1 PO4 J . -17.07 3.06 -26.95
O2 PO4 J . -17.65 5.00 -28.32
O3 PO4 J . -17.07 5.30 -25.93
O4 PO4 J . -19.20 4.23 -26.58
P PO4 K . -18.19 -32.11 10.75
O1 PO4 K . -18.18 -33.56 10.33
O2 PO4 K . -19.35 -31.87 11.71
O3 PO4 K . -18.37 -31.23 9.53
O4 PO4 K . -16.90 -31.78 11.45
P PO4 L . -23.60 -10.34 3.66
O1 PO4 L . -22.27 -10.14 2.97
O2 PO4 L . -24.20 -9.00 4.05
O3 PO4 L . -23.38 -11.19 4.89
O4 PO4 L . -24.54 -11.03 2.70
PA NAD M . 15.57 -15.43 -10.02
O1A NAD M . 15.52 -14.00 -10.41
O2A NAD M . 16.98 -15.98 -10.20
O5B NAD M . 15.09 -15.65 -8.48
C5B NAD M . 15.33 -16.84 -7.72
C4B NAD M . 15.84 -16.41 -6.37
O4B NAD M . 15.83 -17.52 -5.45
C3B NAD M . 17.27 -15.85 -6.36
O3B NAD M . 17.28 -14.50 -5.90
C2B NAD M . 18.03 -16.79 -5.41
O2B NAD M . 18.96 -16.06 -4.61
C1B NAD M . 16.90 -17.34 -4.55
N9A NAD M . 17.20 -18.63 -3.93
C8A NAD M . 17.79 -19.71 -4.50
N7A NAD M . 17.93 -20.74 -3.69
C5A NAD M . 17.38 -20.29 -2.50
C6A NAD M . 17.23 -20.90 -1.24
N6A NAD M . 17.62 -22.14 -0.96
N1A NAD M . 16.65 -20.17 -0.26
C2A NAD M . 16.25 -18.92 -0.53
N3A NAD M . 16.35 -18.25 -1.67
C4A NAD M . 16.93 -18.99 -2.63
O3 NAD M . 14.56 -16.27 -10.91
PN NAD M . 13.02 -15.99 -11.24
O1N NAD M . 12.41 -15.36 -10.04
O2N NAD M . 12.93 -15.29 -12.54
O5D NAD M . 12.46 -17.47 -11.43
C5D NAD M . 12.42 -18.38 -10.32
C4D NAD M . 11.71 -19.65 -10.74
O4D NAD M . 10.33 -19.34 -11.05
C3D NAD M . 12.28 -20.35 -11.97
O3D NAD M . 12.16 -21.76 -11.82
C2D NAD M . 11.36 -19.85 -13.09
O2D NAD M . 11.31 -20.77 -14.18
C1D NAD M . 10.02 -19.79 -12.34
N1N NAD M . 9.04 -18.88 -12.94
C2N NAD M . 7.73 -19.12 -12.71
C3N NAD M . 6.77 -18.30 -13.28
C7N NAD M . 5.31 -18.54 -13.02
O7N NAD M . 4.46 -17.85 -13.59
N7N NAD M . 4.99 -19.53 -12.20
C4N NAD M . 7.18 -17.23 -14.06
C5N NAD M . 8.53 -17.01 -14.28
C6N NAD M . 9.45 -17.86 -13.71
N9 ADE N . 3.39 -18.68 -17.71
C8 ADE N . 2.75 -18.01 -16.71
N7 ADE N . 1.50 -17.69 -16.98
C5 ADE N . 1.32 -18.19 -18.26
C6 ADE N . 0.21 -18.16 -19.13
N6 ADE N . -0.96 -17.61 -18.82
N1 ADE N . 0.35 -18.74 -20.34
C2 ADE N . 1.54 -19.29 -20.66
N3 ADE N . 2.65 -19.37 -19.93
C4 ADE N . 2.48 -18.79 -18.73
K K O . -4.66 -16.28 -17.65
P PO4 P . 2.98 -28.58 14.58
O1 PO4 P . 4.25 -29.27 14.18
O2 PO4 P . 2.06 -28.47 13.38
O3 PO4 P . 3.29 -27.18 15.10
O4 PO4 P . 2.28 -29.37 15.66
P PO4 Q . 6.72 -18.06 -17.72
O1 PO4 Q . 6.48 -19.54 -17.88
O2 PO4 Q . 5.79 -17.53 -16.65
O3 PO4 Q . 6.42 -17.34 -19.01
O4 PO4 Q . 8.15 -17.81 -17.32
PA NAD R . 17.62 7.40 -14.48
O1A NAD R . 17.51 5.99 -14.04
O2A NAD R . 18.26 7.48 -15.86
O5B NAD R . 16.19 8.18 -14.50
C5B NAD R . 15.91 9.36 -15.27
C4B NAD R . 14.74 9.05 -16.16
O4B NAD R . 14.20 10.26 -16.73
C3B NAD R . 15.02 8.10 -17.33
O3B NAD R . 14.28 6.89 -17.20
C2B NAD R . 14.60 8.90 -18.57
O2B NAD R . 13.91 8.08 -19.51
C1B NAD R . 13.65 9.93 -17.98
N9A NAD R . 13.50 11.15 -18.76
C8A NAD R . 14.49 11.88 -19.36
N7A NAD R . 14.07 12.94 -19.99
C5A NAD R . 12.70 12.92 -19.80
C6A NAD R . 11.66 13.79 -20.21
N6A NAD R . 11.86 14.89 -20.95
N1A NAD R . 10.41 13.48 -19.83
C2A NAD R . 10.20 12.37 -19.10
N3A NAD R . 11.09 11.48 -18.66
C4A NAD R . 12.33 11.82 -19.04
O3 NAD R . 18.51 8.22 -13.44
PN NAD R . 18.39 8.31 -11.85
O1N NAD R . 16.97 8.13 -11.47
O2N NAD R . 19.42 7.41 -11.26
O5D NAD R . 18.84 9.81 -11.56
C5D NAD R . 18.03 10.91 -12.04
C4D NAD R . 18.62 12.21 -11.53
O4D NAD R . 18.49 12.28 -10.09
C3D NAD R . 20.11 12.42 -11.84
O3D NAD R . 20.35 13.80 -12.13
C2D NAD R . 20.78 12.02 -10.53
O2D NAD R . 22.04 12.65 -10.34
C1D NAD R . 19.74 12.54 -9.53
N1N NAD R . 19.79 11.88 -8.21
C2N NAD R . 19.34 12.58 -7.16
C3N NAD R . 19.32 12.02 -5.90
C7N NAD R . 18.79 12.80 -4.74
O7N NAD R . 18.83 12.31 -3.61
N7N NAD R . 18.31 14.01 -4.97
C4N NAD R . 19.80 10.72 -5.75
C5N NAD R . 20.27 10.02 -6.85
C6N NAD R . 20.26 10.62 -8.08
N9 ADE S . 22.73 12.26 -1.42
C8 ADE S . 21.43 12.07 -1.08
N7 ADE S . 21.20 12.09 0.21
C5 ADE S . 22.45 12.31 0.76
C6 ADE S . 22.90 12.44 2.09
N6 ADE S . 22.09 12.36 3.14
N1 ADE S . 24.21 12.66 2.29
C2 ADE S . 25.03 12.74 1.23
N3 ADE S . 24.73 12.64 -0.06
C4 ADE S . 23.41 12.43 -0.24
S DMS T . 23.37 -5.42 -17.11
O DMS T . 24.24 -6.56 -17.54
C1 DMS T . 23.14 -5.50 -15.32
C2 DMS T . 21.68 -5.71 -17.68
K K U . 19.84 12.59 6.42
P PO4 V . 33.00 9.23 17.19
O1 PO4 V . 34.23 8.60 16.59
O2 PO4 V . 32.31 10.08 16.17
O3 PO4 V . 33.39 10.09 18.37
O4 PO4 V . 32.07 8.14 17.67
P PO4 W . -5.03 37.65 6.00
O1 PO4 W . -5.40 37.04 4.67
O2 PO4 W . -4.08 38.80 5.78
O3 PO4 W . -4.33 36.61 6.86
O4 PO4 W . -6.27 38.11 6.71
P PO4 X . 23.40 10.69 -4.25
O1 PO4 X . 23.44 10.18 -5.67
O2 PO4 X . 21.99 10.62 -3.70
O3 PO4 X . 23.88 12.12 -4.21
O4 PO4 X . 24.29 9.83 -3.37
P PO4 Y . -18.74 36.83 -12.32
O1 PO4 Y . -18.25 35.41 -12.16
O2 PO4 Y . -19.30 37.02 -13.71
O3 PO4 Y . -17.58 37.78 -12.11
O4 PO4 Y . -19.81 37.11 -11.30
P PO4 Z . 27.33 -16.88 -11.55
O1 PO4 Z . 27.57 -18.37 -11.76
O2 PO4 Z . 26.34 -16.39 -12.57
O3 PO4 Z . 28.64 -16.14 -11.68
O4 PO4 Z . 26.78 -16.67 -10.16
P PO4 AA . -4.28 28.64 -14.05
O1 PO4 AA . -3.33 28.25 -15.16
O2 PO4 AA . -5.18 27.48 -13.72
O3 PO4 AA . -3.49 29.05 -12.83
O4 PO4 AA . -5.14 29.82 -14.50
PA NAD BA . -9.61 6.27 21.04
O1A NAD BA . -10.51 6.07 22.22
O2A NAD BA . -10.40 6.18 19.74
O5B NAD BA . -8.37 5.22 20.94
C5B NAD BA . -7.57 4.83 22.07
C4B NAD BA . -7.38 3.34 21.98
O4B NAD BA . -6.37 2.91 22.91
C3B NAD BA . -8.65 2.52 22.29
O3B NAD BA . -9.03 1.74 21.16
C2B NAD BA . -8.24 1.65 23.48
O2B NAD BA . -8.78 0.33 23.39
C1B NAD BA . -6.72 1.62 23.35
N9A NAD BA . -6.00 1.32 24.58
C8A NAD BA . -6.28 1.80 25.83
N7A NAD BA . -5.46 1.37 26.76
C5A NAD BA . -4.58 0.55 26.07
C6A NAD BA . -3.49 -0.22 26.49
N6A NAD BA . -3.08 -0.32 27.76
N1A NAD BA . -2.81 -0.93 25.55
C2A NAD BA . -3.24 -0.86 24.27
N3A NAD BA . -4.26 -0.17 23.77
C4A NAD BA . -4.90 0.52 24.72
O3 NAD BA . -8.93 7.71 21.10
PN NAD BA . -8.16 8.55 19.98
O1N NAD BA . -9.13 9.44 19.31
O2N NAD BA . -7.34 7.63 19.17
O5D NAD BA . -7.16 9.43 20.86
C5D NAD BA . -6.08 8.82 21.60
C4D NAD BA . -5.30 9.88 22.34
O4D NAD BA . -4.62 10.73 21.40
C3D NAD BA . -6.13 10.82 23.22
O3D NAD BA . -5.37 11.22 24.35
C2D NAD BA . -6.38 12.00 22.29
O2D NAD BA . -6.68 13.20 22.99
C1D NAD BA . -5.02 12.07 21.59
N1N NAD BA . -5.04 12.74 20.28
C2N NAD BA . -3.87 13.20 19.80
C3N NAD BA . -3.82 13.84 18.57
C7N NAD BA . -2.51 14.36 18.04
O7N NAD BA . -2.50 15.01 16.99
N7N NAD BA . -1.42 14.13 18.76
C4N NAD BA . -5.00 13.98 17.85
C5N NAD BA . -6.18 13.50 18.36
C6N NAD BA . -6.19 12.87 19.59
N9 ADE CA . -3.80 19.11 16.80
C8 ADE CA . -3.09 18.33 15.94
N7 ADE CA . -2.46 19.00 15.00
C5 ADE CA . -2.79 20.32 15.27
C6 ADE CA . -2.43 21.52 14.63
N6 ADE CA . -1.64 21.59 13.55
N1 ADE CA . -2.94 22.66 15.15
C2 ADE CA . -3.73 22.60 16.22
N3 ADE CA . -4.13 21.52 16.90
C4 ADE CA . -3.62 20.40 16.36
S DMS DA . -23.09 5.37 17.07
O DMS DA . -22.96 6.19 15.82
C1 DMS DA . -22.78 3.61 16.70
C2 DMS DA . -24.82 5.29 17.60
K K EA . 0.83 21.93 10.51
P PO4 FA . 18.55 -4.69 25.91
O1 PO4 FA . 18.15 -5.67 24.84
O2 PO4 FA . 19.93 -5.04 26.43
O3 PO4 FA . 17.53 -4.73 27.03
O4 PO4 FA . 18.58 -3.30 25.33
P PO4 GA . -6.35 17.49 18.12
O1 PO4 GA . -5.51 16.79 17.08
O2 PO4 GA . -7.25 16.51 18.81
O3 PO4 GA . -7.16 18.55 17.43
O4 PO4 GA . -5.44 18.14 19.14
P PO4 HA . -31.85 9.29 7.51
O1 PO4 HA . -31.55 7.82 7.57
O2 PO4 HA . -32.93 9.55 6.49
O3 PO4 HA . -30.60 10.04 7.12
O4 PO4 HA . -32.31 9.77 8.87
#